data_8SKU
#
_entry.id   8SKU
#
_cell.length_a   1.00
_cell.length_b   1.00
_cell.length_c   1.00
_cell.angle_alpha   90.00
_cell.angle_beta   90.00
_cell.angle_gamma   90.00
#
_symmetry.space_group_name_H-M   'P 1'
#
loop_
_entity.id
_entity.type
_entity.pdbx_description
1 polymer 'Immunoglobulin heavy constant alpha 1'
2 polymer 'Secretory component'
3 polymer 'Immunoglobulin alpha Fc receptor'
4 polymer 'Immunoglobulin J chain'
5 branched 2-acetamido-2-deoxy-beta-D-glucopyranose-(1-4)-2-acetamido-2-deoxy-beta-D-glucopyranose
6 non-polymer 2-acetamido-2-deoxy-beta-D-glucopyranose
#
loop_
_entity_poly.entity_id
_entity_poly.type
_entity_poly.pdbx_seq_one_letter_code
_entity_poly.pdbx_strand_id
1 'polypeptide(L)'
;ASPTSPKVFPLSLCSTQPDGNVVIACLVQGFFPQEPLSVTWSESGQGVTARNFPPSQDASGDLYTTSSQLTLPATQCLAG
KSVTCHVKHYTNPSQDVTVPCPVPSTPPTPSPSTPPTPSPSCCHPRLSLHRPALEDLLLGSEANLTCTLTGLRDASGVTF
TWTPSSGKSAVQGPPERDLCGCYSVSSVLPGCAEPWNHGKTFTCTAAYPESKTPLTATLSKSGNTFRPEVHLLPPPSEEL
ALNELVTLTCLARGFSPKDVLVRWLQGSQELPREKYLTWASRQEPSQGTTTFAVTSILRVAAEDWKKGDTFSCMVGHEAL
PLAFTQKTIDRLAGKPTHVNVSVVMAEVDGTCY
;
A,B,C,D
2 'polypeptide(L)'
;KSPIFGPEEVNSVEGNSVSITCYYPPTSVNRHTRKYWCRQGARGGCITLISSEGYVSSKYAGRANLTNFPENGTFVVNIA
QLSQDDSGRYKCGLGINSRGLSFDVSLEVSQGPGLLNDTKVYTVDLGRTVTINCPFKTENAQKRKSLYKQIGLYPVLVID
SSGYVNPNYTGRIRLDIQGTGQLLFSVVINQLRLSDAGQYLCQAGDDSNSNKKNADLQVLKPEPELVYEDLRGSVTFHCA
LGPEVANVAKFLCRQSSGENCDVVVNTLGKRAPAFEGRILLNPQDKDGSFSVVITGLRKEDAGRYLCGAHSDGQLQEGSP
IQAWQLFVNEESTIPRSPTVVKGVAGGSVAVLCPYNRKESKSIKYWCLWEGAQNGRCPLLVDSEGWVKAQYEGRLSLLEE
PGNGTFTVILNQLTSRDAGFYWCLTNGDTLWRTTVEIKIIEGEPNLKVPGNVTAVLGETLKVPCHFPCKFSSYEKYWCKW
NNTGCQALPSQDEGPSKAFVNCDENSRLVSLTLNLVTRADEGWYWCGVKQGHFYGETAAVYVAVEERHHHHHH
;
E
3 'polypeptide(L)'
;QEGDFPMPFISAKSSPVIPLDGSVKIQCQAIREAYLTQLMIIKNSTYREIGRRLKFWNETDPEFVIDHMDANKAGRYQCQ
YRIGHYRFRYSDTLELVVTGLYGKPFLSADRGLVLMPGENISLTCSSAHIPFDRFSLAKEGELSLPQHQSGEHPANFSLG
PVDLNVSGIYRCYGWYNRSPYLWSFPSNALELVVTAIDGRAHHHHHH
;
R,S
4 'polypeptide(L)'
;QEDERIVLVDNKCKCARITSRIIRSSEDPNEDIVERNIRIIVPLNNRENISDPTSPLRTRFVYHLSDLCKKCDPTEVELD
NQIVTATQSNICDEDSATETCYTYDRNKCYTAVVPLVYGGETKMVETALTPDACYPD
;
J
#
# COMPACT_ATOMS: atom_id res chain seq x y z
N CYS A 123 5.26 -70.69 7.05
CA CYS A 123 4.40 -69.80 6.27
C CYS A 123 3.10 -70.50 5.91
N HIS A 124 2.29 -69.87 5.07
CA HIS A 124 1.00 -70.40 4.64
C HIS A 124 0.97 -70.45 3.12
N PRO A 125 0.66 -71.59 2.51
CA PRO A 125 0.61 -71.64 1.03
C PRO A 125 -0.43 -70.68 0.48
N ARG A 126 -0.12 -70.08 -0.67
CA ARG A 126 -1.02 -69.12 -1.30
C ARG A 126 -0.72 -69.06 -2.78
N LEU A 127 -1.78 -69.15 -3.59
CA LEU A 127 -1.68 -69.10 -5.05
C LEU A 127 -2.45 -67.90 -5.56
N SER A 128 -1.88 -67.22 -6.56
CA SER A 128 -2.53 -66.06 -7.15
C SER A 128 -2.02 -65.88 -8.58
N LEU A 129 -2.78 -65.11 -9.35
CA LEU A 129 -2.49 -64.84 -10.76
C LEU A 129 -2.66 -63.35 -11.01
N HIS A 130 -1.65 -62.73 -11.61
CA HIS A 130 -1.63 -61.28 -11.85
C HIS A 130 -1.72 -61.02 -13.34
N ARG A 131 -2.59 -60.09 -13.72
CA ARG A 131 -2.79 -59.75 -15.11
C ARG A 131 -1.53 -59.13 -15.70
N PRO A 132 -1.37 -59.17 -17.02
CA PRO A 132 -0.22 -58.51 -17.63
C PRO A 132 -0.24 -57.02 -17.37
N ALA A 133 0.94 -56.44 -17.20
CA ALA A 133 1.04 -55.01 -16.96
C ALA A 133 0.56 -54.24 -18.17
N LEU A 134 0.02 -53.05 -17.91
CA LEU A 134 -0.49 -52.23 -18.99
C LEU A 134 0.64 -51.59 -19.80
N GLU A 135 1.77 -51.31 -19.16
CA GLU A 135 2.87 -50.63 -19.85
C GLU A 135 3.43 -51.49 -20.97
N ASP A 136 3.79 -52.74 -20.67
CA ASP A 136 4.34 -53.60 -21.71
C ASP A 136 3.27 -54.02 -22.72
N LEU A 137 2.02 -54.20 -22.26
CA LEU A 137 0.95 -54.53 -23.18
C LEU A 137 0.76 -53.45 -24.23
N LEU A 138 0.74 -52.19 -23.80
CA LEU A 138 0.46 -51.09 -24.72
C LEU A 138 1.70 -50.55 -25.42
N LEU A 139 2.86 -50.61 -24.77
CA LEU A 139 4.10 -50.06 -25.31
C LEU A 139 5.18 -51.09 -25.51
N GLY A 140 5.29 -52.08 -24.63
CA GLY A 140 6.32 -53.08 -24.75
C GLY A 140 6.00 -54.10 -25.84
N SER A 141 6.99 -54.94 -26.12
CA SER A 141 6.84 -55.94 -27.17
C SER A 141 6.06 -57.15 -26.67
N GLU A 142 6.56 -57.83 -25.65
CA GLU A 142 5.95 -59.03 -25.11
C GLU A 142 5.53 -58.79 -23.67
N ALA A 143 4.29 -59.15 -23.35
CA ALA A 143 3.73 -58.96 -22.02
C ALA A 143 3.66 -60.31 -21.31
N ASN A 144 4.23 -60.36 -20.11
CA ASN A 144 4.25 -61.58 -19.33
C ASN A 144 2.88 -61.86 -18.72
N LEU A 145 2.80 -62.92 -17.92
CA LEU A 145 1.58 -63.24 -17.19
C LEU A 145 2.02 -64.08 -15.98
N THR A 146 2.07 -63.45 -14.81
CA THR A 146 2.73 -64.03 -13.65
C THR A 146 1.73 -64.78 -12.77
N CYS A 147 1.96 -66.08 -12.61
CA CYS A 147 1.25 -66.89 -11.62
C CYS A 147 2.24 -67.16 -10.49
N THR A 148 1.89 -66.73 -9.28
CA THR A 148 2.81 -66.78 -8.14
C THR A 148 2.28 -67.70 -7.06
N LEU A 149 3.17 -68.57 -6.56
CA LEU A 149 2.87 -69.47 -5.46
C LEU A 149 3.87 -69.21 -4.33
N THR A 150 3.35 -69.01 -3.13
CA THR A 150 4.17 -68.64 -1.99
C THR A 150 3.80 -69.50 -0.79
N GLY A 151 4.68 -69.50 0.21
CA GLY A 151 4.45 -70.20 1.45
C GLY A 151 4.88 -71.66 1.45
N LEU A 152 5.35 -72.19 0.32
CA LEU A 152 5.77 -73.58 0.28
C LEU A 152 7.00 -73.81 1.15
N ARG A 153 8.03 -72.99 0.97
CA ARG A 153 9.29 -73.09 1.71
C ARG A 153 10.03 -74.38 1.44
N ASP A 154 9.60 -75.15 0.45
CA ASP A 154 10.21 -76.43 0.11
C ASP A 154 9.59 -76.90 -1.20
N ALA A 155 9.87 -78.15 -1.58
CA ALA A 155 9.32 -78.75 -2.79
C ALA A 155 9.67 -77.93 -4.02
N SER A 156 10.98 -77.84 -4.28
CA SER A 156 11.46 -77.10 -5.44
C SER A 156 10.91 -77.67 -6.74
N GLY A 157 10.52 -78.93 -6.76
CA GLY A 157 9.94 -79.55 -7.93
C GLY A 157 8.45 -79.30 -8.05
N VAL A 158 8.06 -78.03 -8.04
CA VAL A 158 6.65 -77.64 -8.13
C VAL A 158 6.27 -77.57 -9.60
N THR A 159 5.16 -78.21 -9.96
CA THR A 159 4.70 -78.27 -11.33
C THR A 159 3.77 -77.09 -11.61
N PHE A 160 4.09 -76.32 -12.64
CA PHE A 160 3.26 -75.20 -13.10
C PHE A 160 2.81 -75.51 -14.52
N THR A 161 1.53 -75.84 -14.68
CA THR A 161 0.94 -76.13 -15.98
C THR A 161 -0.39 -75.41 -16.10
N TRP A 162 -0.77 -75.16 -17.35
CA TRP A 162 -2.01 -74.45 -17.67
C TRP A 162 -2.88 -75.33 -18.57
N THR A 163 -4.17 -75.38 -18.27
CA THR A 163 -5.10 -76.10 -19.14
C THR A 163 -5.10 -75.54 -20.56
N PRO A 164 -5.07 -74.21 -20.79
CA PRO A 164 -4.93 -73.75 -22.18
C PRO A 164 -3.52 -74.00 -22.72
N SER A 165 -3.20 -75.27 -22.95
CA SER A 165 -1.90 -75.67 -23.48
C SER A 165 -1.87 -75.43 -24.99
N SER A 166 -1.86 -74.16 -25.35
CA SER A 166 -1.87 -73.76 -26.75
C SER A 166 -1.11 -72.45 -26.89
N GLY A 167 -0.66 -72.17 -28.11
CA GLY A 167 0.08 -70.95 -28.40
C GLY A 167 1.56 -71.08 -28.09
N LYS A 168 2.00 -70.45 -27.02
CA LYS A 168 3.39 -70.52 -26.59
C LYS A 168 3.56 -71.53 -25.46
N SER A 169 4.80 -71.93 -25.24
CA SER A 169 5.12 -72.92 -24.22
C SER A 169 5.45 -72.22 -22.91
N ALA A 170 4.73 -72.59 -21.85
CA ALA A 170 4.97 -72.00 -20.55
C ALA A 170 6.36 -72.35 -20.04
N VAL A 171 7.00 -71.41 -19.36
CA VAL A 171 8.32 -71.61 -18.80
C VAL A 171 8.23 -71.48 -17.28
N GLN A 172 9.29 -71.94 -16.61
CA GLN A 172 9.35 -71.95 -15.16
C GLN A 172 10.06 -70.69 -14.66
N GLY A 173 10.19 -70.58 -13.34
CA GLY A 173 10.91 -69.47 -12.74
C GLY A 173 11.63 -69.89 -11.47
N PRO A 174 12.80 -69.32 -11.22
CA PRO A 174 13.57 -69.74 -10.05
C PRO A 174 12.90 -69.31 -8.76
N PRO A 175 13.10 -70.04 -7.66
CA PRO A 175 12.54 -69.62 -6.37
C PRO A 175 13.23 -68.37 -5.85
N GLU A 176 12.49 -67.64 -5.00
CA GLU A 176 12.99 -66.44 -4.35
C GLU A 176 12.47 -66.42 -2.92
N ARG A 177 12.96 -65.45 -2.14
CA ARG A 177 12.58 -65.34 -0.74
C ARG A 177 11.34 -64.46 -0.61
N ASP A 178 10.33 -64.99 0.08
CA ASP A 178 9.09 -64.26 0.34
C ASP A 178 8.78 -64.35 1.83
N LEU A 179 8.79 -63.19 2.50
CA LEU A 179 8.56 -63.12 3.94
C LEU A 179 9.61 -63.89 4.72
N CYS A 180 10.81 -64.03 4.13
CA CYS A 180 11.97 -64.62 4.81
C CYS A 180 11.81 -66.12 5.07
N GLY A 181 10.67 -66.69 4.70
CA GLY A 181 10.43 -68.10 4.98
C GLY A 181 9.62 -68.82 3.93
N CYS A 182 9.39 -68.17 2.79
CA CYS A 182 8.58 -68.73 1.72
C CYS A 182 9.44 -68.84 0.46
N TYR A 183 9.39 -70.00 -0.19
CA TYR A 183 10.09 -70.22 -1.45
C TYR A 183 9.14 -69.79 -2.57
N SER A 184 9.04 -68.48 -2.77
CA SER A 184 8.14 -67.94 -3.78
C SER A 184 8.56 -68.40 -5.16
N VAL A 185 7.65 -69.03 -5.90
CA VAL A 185 7.90 -69.51 -7.24
C VAL A 185 6.91 -68.86 -8.19
N SER A 186 7.43 -68.27 -9.27
CA SER A 186 6.61 -67.55 -10.23
C SER A 186 6.77 -68.17 -11.60
N SER A 187 5.65 -68.31 -12.31
CA SER A 187 5.62 -68.83 -13.67
C SER A 187 5.09 -67.77 -14.61
N VAL A 188 5.71 -67.66 -15.78
CA VAL A 188 5.49 -66.57 -16.71
C VAL A 188 5.28 -67.15 -18.11
N LEU A 189 4.31 -66.60 -18.84
CA LEU A 189 3.91 -67.11 -20.15
C LEU A 189 4.01 -65.99 -21.17
N PRO A 190 5.18 -65.77 -21.76
CA PRO A 190 5.31 -64.77 -22.83
C PRO A 190 4.28 -64.98 -23.92
N GLY A 191 4.08 -63.95 -24.73
CA GLY A 191 3.15 -64.03 -25.83
C GLY A 191 1.69 -64.02 -25.43
N CYS A 192 1.37 -63.47 -24.25
CA CYS A 192 0.01 -63.45 -23.75
C CYS A 192 -0.78 -62.23 -24.19
N ALA A 193 -0.19 -61.36 -25.03
CA ALA A 193 -0.90 -60.16 -25.45
C ALA A 193 -2.07 -60.51 -26.37
N GLU A 194 -1.83 -61.35 -27.38
CA GLU A 194 -2.89 -61.69 -28.32
C GLU A 194 -4.05 -62.42 -27.63
N PRO A 195 -3.82 -63.51 -26.89
CA PRO A 195 -4.95 -64.14 -26.18
C PRO A 195 -5.63 -63.20 -25.20
N TRP A 196 -4.87 -62.35 -24.52
CA TRP A 196 -5.48 -61.41 -23.59
C TRP A 196 -6.43 -60.47 -24.31
N ASN A 197 -6.01 -59.94 -25.46
CA ASN A 197 -6.90 -59.07 -26.23
C ASN A 197 -8.10 -59.84 -26.74
N HIS A 198 -7.90 -61.10 -27.16
CA HIS A 198 -9.02 -61.90 -27.64
C HIS A 198 -10.06 -62.11 -26.54
N GLY A 199 -9.61 -62.37 -25.32
CA GLY A 199 -10.51 -62.53 -24.20
C GLY A 199 -10.58 -63.94 -23.68
N LYS A 200 -9.47 -64.67 -23.76
CA LYS A 200 -9.44 -66.04 -23.25
C LYS A 200 -9.44 -66.04 -21.72
N THR A 201 -9.86 -67.17 -21.15
CA THR A 201 -9.86 -67.37 -19.71
C THR A 201 -8.70 -68.29 -19.35
N PHE A 202 -7.86 -67.84 -18.42
CA PHE A 202 -6.64 -68.56 -18.04
C PHE A 202 -6.86 -69.25 -16.70
N THR A 203 -6.35 -70.47 -16.59
CA THR A 203 -6.45 -71.28 -15.38
C THR A 203 -5.07 -71.76 -14.99
N CYS A 204 -4.53 -71.22 -13.90
CA CYS A 204 -3.24 -71.65 -13.37
C CYS A 204 -3.43 -72.79 -12.39
N THR A 205 -2.55 -73.79 -12.49
CA THR A 205 -2.61 -74.99 -11.66
C THR A 205 -1.25 -75.27 -11.04
N ALA A 206 -1.27 -75.71 -9.79
CA ALA A 206 -0.05 -76.06 -9.07
C ALA A 206 -0.40 -77.13 -8.04
N ALA A 207 0.61 -77.57 -7.30
CA ALA A 207 0.42 -78.59 -6.27
C ALA A 207 1.50 -78.44 -5.21
N TYR A 208 1.23 -79.04 -4.05
CA TYR A 208 2.16 -79.07 -2.94
C TYR A 208 2.16 -80.46 -2.33
N PRO A 209 3.25 -80.85 -1.65
CA PRO A 209 3.30 -82.18 -1.03
C PRO A 209 2.63 -82.28 0.33
N GLU A 210 1.86 -81.27 0.74
CA GLU A 210 1.24 -81.30 2.06
C GLU A 210 -0.05 -82.11 2.05
N SER A 211 -0.99 -81.73 1.19
CA SER A 211 -2.28 -82.40 1.07
C SER A 211 -2.37 -83.14 -0.26
N LYS A 212 -3.52 -83.75 -0.50
CA LYS A 212 -3.78 -84.51 -1.73
C LYS A 212 -4.55 -83.71 -2.75
N THR A 213 -4.73 -82.41 -2.54
CA THR A 213 -5.48 -81.57 -3.47
C THR A 213 -4.54 -80.53 -4.10
N PRO A 214 -4.73 -80.19 -5.37
CA PRO A 214 -3.90 -79.15 -5.99
C PRO A 214 -4.46 -77.76 -5.70
N LEU A 215 -3.76 -76.75 -6.21
CA LEU A 215 -4.18 -75.36 -6.09
C LEU A 215 -4.49 -74.82 -7.48
N THR A 216 -5.69 -74.29 -7.66
CA THR A 216 -6.16 -73.81 -8.95
C THR A 216 -6.66 -72.38 -8.81
N ALA A 217 -6.32 -71.56 -9.80
CA ALA A 217 -6.76 -70.17 -9.83
C ALA A 217 -7.19 -69.83 -11.25
N THR A 218 -8.09 -68.85 -11.36
CA THR A 218 -8.63 -68.44 -12.66
C THR A 218 -8.50 -66.93 -12.81
N LEU A 219 -8.37 -66.50 -14.07
CA LEU A 219 -8.28 -65.07 -14.36
C LEU A 219 -8.76 -64.83 -15.78
N SER A 220 -9.53 -63.77 -15.97
CA SER A 220 -10.01 -63.39 -17.28
C SER A 220 -10.24 -61.89 -17.31
N LYS A 221 -10.20 -61.32 -18.51
CA LYS A 221 -10.39 -59.87 -18.66
C LYS A 221 -11.84 -59.51 -18.37
N SER A 222 -12.03 -58.56 -17.45
CA SER A 222 -13.36 -58.16 -17.04
C SER A 222 -13.96 -57.18 -18.04
N GLY A 223 -15.29 -57.18 -18.12
CA GLY A 223 -16.02 -56.28 -18.97
C GLY A 223 -16.37 -54.99 -18.27
N ASN A 224 -17.46 -54.37 -18.71
CA ASN A 224 -17.96 -53.11 -18.14
C ASN A 224 -16.81 -52.12 -17.92
N THR A 225 -16.20 -51.72 -19.03
CA THR A 225 -15.09 -50.79 -19.02
C THR A 225 -15.55 -49.44 -19.57
N PHE A 226 -15.25 -48.37 -18.85
CA PHE A 226 -15.62 -47.01 -19.23
C PHE A 226 -14.37 -46.20 -19.55
N ARG A 227 -14.42 -45.46 -20.64
CA ARG A 227 -13.26 -44.69 -21.06
C ARG A 227 -12.98 -43.58 -20.04
N PRO A 228 -11.71 -43.21 -19.84
CA PRO A 228 -11.40 -42.07 -18.98
C PRO A 228 -11.87 -40.76 -19.59
N GLU A 229 -12.06 -39.77 -18.73
CA GLU A 229 -12.40 -38.41 -19.14
C GLU A 229 -11.19 -37.54 -18.81
N VAL A 230 -10.26 -37.47 -19.75
CA VAL A 230 -8.98 -36.80 -19.50
C VAL A 230 -9.19 -35.30 -19.49
N HIS A 231 -8.72 -34.63 -18.45
CA HIS A 231 -8.77 -33.18 -18.33
C HIS A 231 -7.39 -32.67 -17.97
N LEU A 232 -6.84 -31.81 -18.82
CA LEU A 232 -5.54 -31.19 -18.57
C LEU A 232 -5.81 -29.78 -18.04
N LEU A 233 -5.60 -29.58 -16.74
CA LEU A 233 -5.87 -28.30 -16.11
C LEU A 233 -4.73 -27.31 -16.36
N PRO A 234 -4.99 -26.02 -16.23
CA PRO A 234 -3.91 -25.04 -16.39
C PRO A 234 -3.20 -24.79 -15.08
N PRO A 235 -2.03 -24.15 -15.11
CA PRO A 235 -1.35 -23.85 -13.86
C PRO A 235 -2.09 -22.78 -13.08
N PRO A 236 -1.96 -22.76 -11.75
CA PRO A 236 -2.56 -21.68 -10.98
C PRO A 236 -1.87 -20.35 -11.25
N SER A 237 -2.62 -19.26 -11.06
CA SER A 237 -2.09 -17.93 -11.32
C SER A 237 -1.15 -17.45 -10.22
N GLU A 238 -1.09 -18.12 -9.07
CA GLU A 238 -0.21 -17.73 -8.00
C GLU A 238 1.22 -18.27 -8.18
N GLU A 239 1.48 -18.99 -9.26
CA GLU A 239 2.80 -19.55 -9.53
C GLU A 239 3.57 -18.80 -10.61
N LEU A 240 2.87 -18.11 -11.51
CA LEU A 240 3.55 -17.39 -12.58
C LEU A 240 4.25 -16.14 -12.08
N ALA A 241 3.85 -15.60 -10.93
CA ALA A 241 4.49 -14.41 -10.39
C ALA A 241 5.94 -14.70 -10.00
N LEU A 242 6.19 -15.84 -9.35
CA LEU A 242 7.51 -16.17 -8.85
C LEU A 242 8.51 -16.49 -9.96
N ASN A 243 8.04 -16.67 -11.20
CA ASN A 243 8.92 -16.94 -12.34
C ASN A 243 9.79 -18.17 -12.09
N GLU A 244 9.20 -19.18 -11.45
CA GLU A 244 9.83 -20.47 -11.22
C GLU A 244 9.03 -21.52 -11.99
N LEU A 245 9.30 -22.79 -11.71
CA LEU A 245 8.58 -23.86 -12.37
C LEU A 245 7.08 -23.70 -12.14
N VAL A 246 6.30 -23.82 -13.23
CA VAL A 246 4.85 -23.74 -13.19
C VAL A 246 4.27 -25.13 -13.39
N THR A 247 3.25 -25.45 -12.60
CA THR A 247 2.73 -26.81 -12.48
C THR A 247 1.55 -27.00 -13.42
N LEU A 248 1.64 -27.97 -14.32
CA LEU A 248 0.52 -28.40 -15.14
C LEU A 248 0.03 -29.74 -14.61
N THR A 249 -1.27 -29.80 -14.30
CA THR A 249 -1.87 -31.00 -13.74
C THR A 249 -2.73 -31.69 -14.80
N CYS A 250 -2.69 -33.01 -14.80
CA CYS A 250 -3.50 -33.84 -15.70
C CYS A 250 -4.28 -34.83 -14.84
N LEU A 251 -5.60 -34.79 -14.97
CA LEU A 251 -6.48 -35.64 -14.18
C LEU A 251 -7.27 -36.54 -15.12
N ALA A 252 -7.20 -37.85 -14.90
CA ALA A 252 -8.01 -38.82 -15.63
C ALA A 252 -9.04 -39.39 -14.67
N ARG A 253 -10.30 -39.42 -15.11
CA ARG A 253 -11.41 -39.77 -14.25
C ARG A 253 -12.30 -40.80 -14.92
N GLY A 254 -12.99 -41.58 -14.10
CA GLY A 254 -14.06 -42.44 -14.57
C GLY A 254 -13.67 -43.61 -15.46
N PHE A 255 -12.63 -44.35 -15.09
CA PHE A 255 -12.30 -45.60 -15.77
C PHE A 255 -12.46 -46.75 -14.79
N SER A 256 -12.97 -47.88 -15.29
CA SER A 256 -13.35 -48.99 -14.41
C SER A 256 -12.15 -49.80 -13.94
N PRO A 257 -11.32 -50.32 -14.83
CA PRO A 257 -10.17 -51.12 -14.38
C PRO A 257 -9.13 -50.25 -13.69
N LYS A 258 -8.58 -50.79 -12.60
CA LYS A 258 -7.63 -50.01 -11.80
C LYS A 258 -6.43 -49.55 -12.60
N ASP A 259 -6.10 -50.24 -13.69
CA ASP A 259 -4.89 -49.94 -14.44
C ASP A 259 -5.06 -48.70 -15.30
N VAL A 260 -3.95 -47.98 -15.50
CA VAL A 260 -3.93 -46.80 -16.34
C VAL A 260 -2.49 -46.36 -16.58
N LEU A 261 -2.19 -45.85 -17.77
CA LEU A 261 -0.92 -45.19 -18.06
C LEU A 261 -1.14 -43.68 -18.10
N VAL A 262 -0.21 -42.93 -17.52
CA VAL A 262 -0.17 -41.48 -17.63
C VAL A 262 1.22 -41.10 -18.08
N ARG A 263 1.31 -40.25 -19.08
CA ARG A 263 2.60 -39.79 -19.57
C ARG A 263 2.46 -38.37 -20.08
N TRP A 264 3.60 -37.70 -20.25
CA TRP A 264 3.61 -36.30 -20.60
C TRP A 264 4.41 -36.08 -21.87
N LEU A 265 4.09 -35.00 -22.57
CA LEU A 265 4.84 -34.56 -23.73
C LEU A 265 4.97 -33.05 -23.66
N GLN A 266 6.15 -32.54 -23.98
CA GLN A 266 6.39 -31.11 -24.10
C GLN A 266 6.53 -30.81 -25.58
N GLY A 267 5.44 -30.38 -26.20
CA GLY A 267 5.44 -30.13 -27.63
C GLY A 267 5.14 -31.39 -28.42
N SER A 268 6.18 -32.03 -28.95
CA SER A 268 6.03 -33.26 -29.72
C SER A 268 7.00 -34.34 -29.25
N GLN A 269 7.59 -34.19 -28.06
CA GLN A 269 8.55 -35.13 -27.54
C GLN A 269 8.18 -35.52 -26.12
N GLU A 270 8.30 -36.81 -25.81
CA GLU A 270 8.01 -37.29 -24.47
C GLU A 270 9.09 -36.81 -23.51
N LEU A 271 8.72 -36.79 -22.23
CA LEU A 271 9.65 -36.43 -21.18
C LEU A 271 10.02 -37.67 -20.36
N PRO A 272 11.30 -37.87 -20.05
CA PRO A 272 11.67 -39.06 -19.27
C PRO A 272 10.93 -39.10 -17.94
N ARG A 273 10.58 -40.32 -17.52
CA ARG A 273 9.69 -40.50 -16.39
C ARG A 273 10.23 -39.95 -15.08
N GLU A 274 11.44 -39.40 -15.06
CA GLU A 274 11.99 -38.79 -13.86
C GLU A 274 11.77 -37.29 -13.79
N LYS A 275 11.29 -36.67 -14.87
CA LYS A 275 11.07 -35.24 -14.91
C LYS A 275 9.65 -34.85 -14.47
N TYR A 276 8.78 -35.82 -14.24
CA TYR A 276 7.40 -35.56 -13.85
C TYR A 276 7.00 -36.55 -12.78
N LEU A 277 5.86 -36.29 -12.16
CA LEU A 277 5.34 -37.10 -11.07
C LEU A 277 3.94 -37.57 -11.43
N THR A 278 3.70 -38.87 -11.30
CA THR A 278 2.39 -39.46 -11.53
C THR A 278 1.97 -40.22 -10.29
N TRP A 279 0.79 -39.91 -9.76
CA TRP A 279 0.29 -40.63 -8.62
C TRP A 279 -0.32 -41.96 -9.05
N ALA A 280 -0.62 -42.80 -8.06
CA ALA A 280 -1.29 -44.06 -8.35
C ALA A 280 -2.75 -43.82 -8.67
N SER A 281 -3.36 -44.81 -9.31
CA SER A 281 -4.78 -44.74 -9.64
C SER A 281 -5.58 -45.19 -8.42
N ARG A 282 -6.52 -44.35 -7.98
CA ARG A 282 -7.32 -44.61 -6.79
C ARG A 282 -8.79 -44.64 -7.17
N GLN A 283 -9.57 -45.44 -6.45
CA GLN A 283 -11.00 -45.53 -6.69
C GLN A 283 -11.67 -44.25 -6.22
N GLU A 284 -12.34 -43.57 -7.13
CA GLU A 284 -12.98 -42.30 -6.79
C GLU A 284 -14.25 -42.57 -6.00
N PRO A 285 -14.34 -42.13 -4.74
CA PRO A 285 -15.59 -42.34 -3.98
C PRO A 285 -16.81 -41.83 -4.74
N SER A 286 -17.73 -42.75 -5.02
CA SER A 286 -18.95 -42.44 -5.75
C SER A 286 -20.07 -43.29 -5.16
N GLN A 287 -21.22 -43.27 -5.82
CA GLN A 287 -22.37 -44.06 -5.42
C GLN A 287 -22.91 -44.93 -6.53
N GLY A 288 -22.84 -44.47 -7.78
CA GLY A 288 -23.39 -45.22 -8.90
C GLY A 288 -22.60 -46.46 -9.23
N THR A 289 -21.38 -46.30 -9.72
CA THR A 289 -20.55 -47.40 -10.16
C THR A 289 -19.12 -47.20 -9.65
N THR A 290 -18.31 -48.24 -9.81
CA THR A 290 -16.92 -48.20 -9.34
C THR A 290 -16.05 -47.61 -10.45
N THR A 291 -15.40 -46.49 -10.16
CA THR A 291 -14.53 -45.83 -11.10
C THR A 291 -13.24 -45.41 -10.41
N PHE A 292 -12.18 -45.30 -11.19
CA PHE A 292 -10.85 -44.97 -10.68
C PHE A 292 -10.33 -43.72 -11.35
N ALA A 293 -9.62 -42.89 -10.58
CA ALA A 293 -9.08 -41.63 -11.06
C ALA A 293 -7.60 -41.54 -10.72
N VAL A 294 -6.84 -40.87 -11.60
CA VAL A 294 -5.40 -40.70 -11.40
C VAL A 294 -5.05 -39.24 -11.70
N THR A 295 -3.98 -38.77 -11.04
CA THR A 295 -3.53 -37.39 -11.18
C THR A 295 -2.02 -37.39 -11.45
N SER A 296 -1.58 -36.39 -12.21
CA SER A 296 -0.16 -36.19 -12.46
C SER A 296 0.12 -34.70 -12.53
N ILE A 297 1.35 -34.31 -12.23
CA ILE A 297 1.78 -32.92 -12.33
C ILE A 297 3.17 -32.88 -12.96
N LEU A 298 3.35 -31.96 -13.89
CA LEU A 298 4.65 -31.69 -14.50
C LEU A 298 4.95 -30.22 -14.33
N ARG A 299 6.10 -29.91 -13.73
CA ARG A 299 6.51 -28.53 -13.49
C ARG A 299 7.47 -28.13 -14.58
N VAL A 300 7.05 -27.20 -15.43
CA VAL A 300 7.84 -26.74 -16.57
C VAL A 300 8.35 -25.34 -16.27
N ALA A 301 9.57 -25.06 -16.73
CA ALA A 301 10.18 -23.77 -16.45
C ALA A 301 9.28 -22.65 -16.94
N ALA A 302 9.15 -21.59 -16.13
CA ALA A 302 8.28 -20.49 -16.49
C ALA A 302 8.66 -19.90 -17.84
N GLU A 303 9.93 -19.97 -18.21
CA GLU A 303 10.34 -19.54 -19.55
C GLU A 303 9.69 -20.42 -20.61
N ASP A 304 9.64 -21.73 -20.39
CA ASP A 304 8.98 -22.63 -21.33
C ASP A 304 7.49 -22.34 -21.41
N TRP A 305 6.85 -22.15 -20.27
CA TRP A 305 5.41 -21.88 -20.26
C TRP A 305 5.08 -20.58 -20.97
N LYS A 306 5.88 -19.53 -20.73
CA LYS A 306 5.63 -18.23 -21.35
C LYS A 306 6.13 -18.14 -22.78
N LYS A 307 6.97 -19.08 -23.23
CA LYS A 307 7.39 -19.08 -24.62
C LYS A 307 6.20 -19.32 -25.55
N GLY A 308 5.29 -20.21 -25.15
CA GLY A 308 4.15 -20.56 -25.97
C GLY A 308 4.14 -22.03 -26.32
N ASP A 309 5.03 -22.80 -25.71
CA ASP A 309 5.12 -24.23 -25.99
C ASP A 309 3.86 -24.94 -25.49
N THR A 310 3.52 -26.04 -26.16
CA THR A 310 2.34 -26.82 -25.85
C THR A 310 2.73 -28.04 -25.02
N PHE A 311 1.96 -28.30 -23.97
CA PHE A 311 2.24 -29.40 -23.05
C PHE A 311 1.00 -30.28 -22.96
N SER A 312 1.19 -31.59 -23.14
CA SER A 312 0.08 -32.51 -23.28
C SER A 312 0.27 -33.71 -22.36
N CYS A 313 -0.86 -34.26 -21.93
CA CYS A 313 -0.90 -35.46 -21.10
C CYS A 313 -1.64 -36.55 -21.84
N MET A 314 -1.01 -37.71 -21.96
CA MET A 314 -1.61 -38.88 -22.58
C MET A 314 -1.97 -39.88 -21.50
N VAL A 315 -3.24 -40.29 -21.48
CA VAL A 315 -3.68 -41.37 -20.60
C VAL A 315 -4.01 -42.56 -21.48
N GLY A 316 -3.33 -43.67 -21.22
CA GLY A 316 -3.56 -44.91 -21.93
C GLY A 316 -4.42 -45.84 -21.09
N HIS A 317 -5.31 -46.55 -21.78
CA HIS A 317 -6.29 -47.40 -21.13
C HIS A 317 -6.72 -48.47 -22.13
N GLU A 318 -7.38 -49.51 -21.61
CA GLU A 318 -7.92 -50.56 -22.46
C GLU A 318 -9.37 -50.32 -22.85
N ALA A 319 -10.13 -49.57 -22.04
CA ALA A 319 -11.51 -49.28 -22.39
C ALA A 319 -11.60 -48.34 -23.59
N LEU A 320 -10.57 -47.54 -23.81
CA LEU A 320 -10.60 -46.61 -24.92
C LEU A 320 -10.43 -47.38 -26.23
N PRO A 321 -11.30 -47.16 -27.23
CA PRO A 321 -11.10 -47.84 -28.52
C PRO A 321 -9.75 -47.51 -29.17
N LEU A 322 -9.26 -46.29 -28.99
CA LEU A 322 -7.93 -45.91 -29.45
C LEU A 322 -6.84 -46.27 -28.46
N ALA A 323 -7.21 -46.65 -27.23
CA ALA A 323 -6.32 -47.11 -26.17
C ALA A 323 -5.45 -46.01 -25.59
N PHE A 324 -5.50 -44.79 -26.12
CA PHE A 324 -4.69 -43.69 -25.59
C PHE A 324 -5.33 -42.38 -25.99
N THR A 325 -5.72 -41.57 -25.00
CA THR A 325 -6.31 -40.26 -25.25
C THR A 325 -5.38 -39.19 -24.71
N GLN A 326 -5.06 -38.21 -25.55
CA GLN A 326 -4.13 -37.15 -25.19
C GLN A 326 -4.82 -35.80 -25.24
N LYS A 327 -4.51 -34.96 -24.25
CA LYS A 327 -5.08 -33.62 -24.18
C LYS A 327 -3.96 -32.61 -23.97
N THR A 328 -4.07 -31.45 -24.61
CA THR A 328 -3.00 -30.47 -24.67
C THR A 328 -3.47 -29.13 -24.15
N ILE A 329 -2.56 -28.38 -23.52
CA ILE A 329 -2.80 -27.00 -23.15
C ILE A 329 -1.54 -26.17 -23.42
N ASP A 330 -1.75 -24.86 -23.49
CA ASP A 330 -0.67 -23.90 -23.69
C ASP A 330 -1.18 -22.54 -23.25
N ARG A 331 -0.46 -21.48 -23.63
CA ARG A 331 -0.95 -20.13 -23.39
C ARG A 331 -2.03 -19.76 -24.40
N LEU A 332 -2.71 -18.66 -24.12
CA LEU A 332 -3.75 -18.14 -25.01
C LEU A 332 -4.80 -19.20 -25.30
N ALA A 333 -5.15 -19.98 -24.27
CA ALA A 333 -6.20 -20.97 -24.36
C ALA A 333 -7.35 -20.54 -23.46
N GLY A 334 -8.55 -20.44 -24.04
CA GLY A 334 -9.72 -20.01 -23.30
C GLY A 334 -9.89 -18.51 -23.31
N THR A 337 -10.04 -12.83 -18.14
CA THR A 337 -9.31 -12.56 -19.38
C THR A 337 -9.33 -11.08 -19.69
N HIS A 338 -10.47 -10.57 -20.17
CA HIS A 338 -10.65 -9.17 -20.49
C HIS A 338 -11.46 -8.51 -19.39
N VAL A 339 -10.92 -7.45 -18.81
CA VAL A 339 -11.56 -6.74 -17.70
C VAL A 339 -11.80 -5.30 -18.13
N ASN A 340 -13.02 -4.83 -17.90
CA ASN A 340 -13.41 -3.45 -18.18
C ASN A 340 -13.51 -2.69 -16.86
N VAL A 341 -12.85 -1.53 -16.80
CA VAL A 341 -12.80 -0.72 -15.60
C VAL A 341 -13.45 0.63 -15.91
N SER A 342 -14.35 1.07 -15.04
CA SER A 342 -15.02 2.34 -15.18
C SER A 342 -14.48 3.32 -14.15
N VAL A 343 -14.13 4.52 -14.61
CA VAL A 343 -13.64 5.58 -13.74
C VAL A 343 -14.68 6.69 -13.72
N VAL A 344 -14.73 7.41 -12.59
CA VAL A 344 -15.77 8.41 -12.37
C VAL A 344 -15.14 9.79 -12.19
N MET A 345 -14.26 9.91 -11.19
CA MET A 345 -13.65 11.20 -10.84
C MET A 345 -14.73 12.27 -10.69
N ALA A 346 -15.79 11.92 -9.97
CA ALA A 346 -16.92 12.81 -9.78
C ALA A 346 -17.46 13.28 -11.13
N CYS B 123 12.25 -64.15 11.07
CA CYS B 123 13.40 -63.67 10.29
C CYS B 123 14.31 -62.82 11.17
N HIS B 124 15.15 -62.01 10.52
CA HIS B 124 16.02 -61.12 11.27
C HIS B 124 15.19 -60.08 11.99
N PRO B 125 15.36 -59.92 13.31
CA PRO B 125 14.56 -58.91 14.02
C PRO B 125 14.82 -57.51 13.50
N ARG B 126 13.77 -56.70 13.48
CA ARG B 126 13.84 -55.33 13.02
C ARG B 126 13.12 -54.42 14.01
N LEU B 127 13.66 -53.22 14.19
CA LEU B 127 13.06 -52.22 15.07
C LEU B 127 13.10 -50.88 14.37
N SER B 128 12.01 -50.11 14.51
CA SER B 128 11.91 -48.81 13.87
C SER B 128 11.00 -47.90 14.67
N LEU B 129 11.37 -46.62 14.74
CA LEU B 129 10.59 -45.61 15.42
C LEU B 129 9.69 -44.92 14.39
N HIS B 130 8.38 -44.96 14.63
CA HIS B 130 7.40 -44.36 13.73
C HIS B 130 6.94 -43.04 14.29
N ARG B 131 7.02 -41.99 13.47
CA ARG B 131 6.64 -40.66 13.93
C ARG B 131 5.12 -40.58 14.10
N PRO B 132 4.64 -39.66 14.93
CA PRO B 132 3.19 -39.54 15.15
C PRO B 132 2.47 -39.11 13.89
N ALA B 133 1.22 -39.54 13.78
CA ALA B 133 0.40 -39.16 12.64
C ALA B 133 0.15 -37.66 12.64
N LEU B 134 0.20 -37.06 11.44
CA LEU B 134 0.09 -35.60 11.35
C LEU B 134 -1.27 -35.09 11.80
N GLU B 135 -2.31 -35.92 11.69
CA GLU B 135 -3.63 -35.49 12.15
C GLU B 135 -3.60 -35.15 13.63
N ASP B 136 -3.02 -36.05 14.44
CA ASP B 136 -2.95 -35.80 15.88
C ASP B 136 -1.98 -34.67 16.20
N LEU B 137 -0.97 -34.44 15.34
CA LEU B 137 -0.02 -33.38 15.60
C LEU B 137 -0.64 -32.00 15.36
N LEU B 138 -1.36 -31.85 14.25
CA LEU B 138 -1.93 -30.54 13.90
C LEU B 138 -3.33 -30.33 14.45
N LEU B 139 -3.97 -31.36 15.01
CA LEU B 139 -5.32 -31.20 15.55
C LEU B 139 -5.40 -31.71 16.97
N GLY B 140 -4.59 -32.71 17.32
CA GLY B 140 -4.61 -33.31 18.64
C GLY B 140 -3.61 -32.65 19.57
N SER B 141 -4.05 -32.43 20.80
CA SER B 141 -3.16 -31.81 21.79
C SER B 141 -1.94 -32.68 22.06
N GLU B 142 -2.15 -33.98 22.22
CA GLU B 142 -1.09 -34.92 22.57
C GLU B 142 -0.91 -35.92 21.45
N ALA B 143 0.34 -36.14 21.05
CA ALA B 143 0.68 -37.12 20.02
C ALA B 143 1.72 -38.08 20.60
N ASN B 144 1.41 -39.36 20.59
CA ASN B 144 2.33 -40.36 21.10
C ASN B 144 3.41 -40.65 20.06
N LEU B 145 4.50 -41.26 20.52
CA LEU B 145 5.58 -41.72 19.65
C LEU B 145 5.78 -43.21 19.90
N THR B 146 5.82 -43.99 18.81
CA THR B 146 5.84 -45.44 18.91
C THR B 146 7.13 -46.01 18.35
N CYS B 147 7.58 -47.10 18.95
CA CYS B 147 8.71 -47.88 18.46
C CYS B 147 8.24 -49.31 18.27
N THR B 148 8.37 -49.83 17.06
CA THR B 148 7.87 -51.15 16.69
C THR B 148 9.02 -52.12 16.51
N LEU B 149 8.78 -53.38 16.90
CA LEU B 149 9.76 -54.45 16.82
C LEU B 149 9.15 -55.63 16.10
N THR B 150 9.99 -56.44 15.47
CA THR B 150 9.54 -57.62 14.75
C THR B 150 10.61 -58.71 14.86
N GLY B 151 10.32 -59.85 14.24
CA GLY B 151 11.25 -60.96 14.20
C GLY B 151 11.53 -61.61 15.54
N LEU B 152 10.50 -61.86 16.33
CA LEU B 152 10.66 -62.61 17.56
C LEU B 152 10.90 -64.09 17.26
N ARG B 153 11.45 -64.79 18.25
CA ARG B 153 11.86 -66.18 18.09
C ARG B 153 10.82 -67.16 18.61
N ASP B 154 10.44 -67.04 19.89
CA ASP B 154 9.53 -67.99 20.49
C ASP B 154 8.47 -67.32 21.37
N ALA B 155 8.81 -66.17 21.95
CA ALA B 155 7.93 -65.48 22.88
C ALA B 155 8.27 -63.99 22.85
N SER B 156 7.64 -63.22 23.74
CA SER B 156 7.84 -61.78 23.83
C SER B 156 8.06 -61.40 25.28
N GLY B 157 9.32 -61.42 25.71
CA GLY B 157 9.69 -60.97 27.04
C GLY B 157 10.58 -59.75 26.97
N VAL B 158 10.27 -58.84 26.06
CA VAL B 158 11.14 -57.72 25.74
C VAL B 158 10.93 -56.60 26.75
N THR B 159 11.98 -55.81 26.98
CA THR B 159 11.93 -54.62 27.79
C THR B 159 12.25 -53.41 26.92
N PHE B 160 11.43 -52.36 27.04
CA PHE B 160 11.57 -51.14 26.25
C PHE B 160 11.93 -49.98 27.15
N THR B 161 12.95 -49.21 26.73
CA THR B 161 13.39 -48.04 27.47
C THR B 161 13.59 -46.87 26.52
N TRP B 162 13.40 -45.66 27.03
CA TRP B 162 13.53 -44.45 26.23
C TRP B 162 14.43 -43.45 26.94
N THR B 163 14.96 -42.50 26.16
CA THR B 163 15.86 -41.50 26.73
C THR B 163 15.20 -40.68 27.82
N PRO B 164 13.99 -40.15 27.65
CA PRO B 164 13.35 -39.39 28.73
C PRO B 164 12.63 -40.30 29.70
N SER B 165 12.35 -39.75 30.88
CA SER B 165 11.62 -40.48 31.92
C SER B 165 10.60 -39.60 32.64
N SER B 166 10.16 -38.51 32.02
CA SER B 166 9.19 -37.60 32.63
C SER B 166 7.79 -38.15 32.40
N GLY B 167 7.31 -38.93 33.36
CA GLY B 167 5.98 -39.51 33.25
C GLY B 167 5.82 -40.44 32.07
N LYS B 168 6.83 -41.27 31.80
CA LYS B 168 6.79 -42.20 30.67
C LYS B 168 6.13 -43.50 31.15
N SER B 169 4.80 -43.42 31.32
CA SER B 169 4.01 -44.56 31.76
C SER B 169 3.67 -45.47 30.56
N ALA B 170 4.73 -45.91 29.88
CA ALA B 170 4.56 -46.74 28.71
C ALA B 170 3.99 -48.10 29.08
N VAL B 171 3.22 -48.67 28.16
CA VAL B 171 2.59 -49.97 28.34
C VAL B 171 3.19 -50.93 27.33
N GLN B 172 3.65 -52.09 27.81
CA GLN B 172 4.26 -53.07 26.92
C GLN B 172 3.25 -53.56 25.87
N GLY B 173 2.02 -53.84 26.29
CA GLY B 173 1.00 -54.29 25.38
C GLY B 173 1.13 -55.76 25.04
N PRO B 174 0.20 -56.26 24.24
CA PRO B 174 0.25 -57.67 23.85
C PRO B 174 1.07 -57.88 22.60
N PRO B 175 1.62 -59.07 22.39
CA PRO B 175 2.32 -59.34 21.12
C PRO B 175 1.34 -59.48 19.97
N GLU B 176 1.90 -59.59 18.76
CA GLU B 176 1.13 -59.75 17.55
C GLU B 176 1.82 -60.78 16.68
N ARG B 177 1.35 -60.93 15.44
CA ARG B 177 1.90 -61.87 14.48
C ARG B 177 2.51 -61.10 13.31
N ASP B 178 3.76 -61.43 12.98
CA ASP B 178 4.46 -60.80 11.88
C ASP B 178 4.26 -61.63 10.61
N LEU B 179 4.99 -61.28 9.55
CA LEU B 179 4.87 -62.00 8.29
C LEU B 179 5.39 -63.42 8.45
N CYS B 180 4.64 -64.38 7.91
CA CYS B 180 4.97 -65.80 7.95
C CYS B 180 5.03 -66.36 9.38
N GLY B 181 4.58 -65.59 10.37
CA GLY B 181 4.55 -66.07 11.74
C GLY B 181 5.73 -65.62 12.56
N CYS B 182 5.50 -64.70 13.50
CA CYS B 182 6.55 -64.24 14.39
C CYS B 182 5.95 -63.25 15.38
N TYR B 183 6.39 -63.32 16.63
CA TYR B 183 5.92 -62.41 17.65
C TYR B 183 6.44 -61.00 17.38
N SER B 184 5.56 -60.01 17.57
CA SER B 184 5.93 -58.61 17.34
C SER B 184 5.16 -57.74 18.32
N VAL B 185 5.87 -56.90 19.05
CA VAL B 185 5.27 -56.01 20.04
C VAL B 185 5.88 -54.62 19.86
N SER B 186 5.06 -53.60 20.06
CA SER B 186 5.48 -52.22 19.92
C SER B 186 5.16 -51.44 21.19
N SER B 187 5.96 -50.42 21.47
CA SER B 187 5.83 -49.62 22.68
C SER B 187 5.52 -48.17 22.31
N VAL B 188 4.62 -47.57 23.08
CA VAL B 188 4.13 -46.22 22.82
C VAL B 188 4.45 -45.34 24.01
N LEU B 189 5.05 -44.18 23.74
CA LEU B 189 5.27 -43.15 24.75
C LEU B 189 4.32 -41.99 24.47
N PRO B 190 3.31 -41.77 25.31
CA PRO B 190 2.48 -40.57 25.16
C PRO B 190 3.18 -39.34 25.70
N GLY B 191 2.49 -38.20 25.54
CA GLY B 191 3.05 -36.95 26.02
C GLY B 191 4.36 -36.58 25.37
N CYS B 192 4.47 -36.75 24.07
CA CYS B 192 5.67 -36.42 23.31
C CYS B 192 5.38 -35.30 22.33
N ALA B 193 4.62 -34.29 22.77
CA ALA B 193 4.26 -33.14 21.94
C ALA B 193 5.16 -31.94 22.22
N GLU B 194 5.23 -31.51 23.47
CA GLU B 194 6.11 -30.39 23.81
C GLU B 194 7.57 -30.70 23.55
N PRO B 195 8.12 -31.84 23.98
CA PRO B 195 9.50 -32.17 23.61
C PRO B 195 9.69 -32.28 22.10
N TRP B 196 8.69 -32.78 21.38
CA TRP B 196 8.80 -32.84 19.92
C TRP B 196 8.96 -31.44 19.34
N ASN B 197 8.18 -30.48 19.83
CA ASN B 197 8.36 -29.10 19.39
C ASN B 197 9.74 -28.58 19.78
N HIS B 198 10.19 -28.88 21.00
CA HIS B 198 11.50 -28.42 21.44
C HIS B 198 12.62 -29.00 20.58
N GLY B 199 12.53 -30.27 20.26
CA GLY B 199 13.53 -30.96 19.48
C GLY B 199 14.33 -32.01 20.22
N LYS B 200 13.81 -32.56 21.31
CA LYS B 200 14.54 -33.55 22.07
C LYS B 200 14.75 -34.82 21.24
N THR B 201 15.84 -35.53 21.54
CA THR B 201 16.15 -36.77 20.84
C THR B 201 15.45 -37.94 21.51
N PHE B 202 14.68 -38.69 20.73
CA PHE B 202 13.97 -39.87 21.22
C PHE B 202 14.68 -41.12 20.73
N THR B 203 15.09 -41.97 21.66
CA THR B 203 15.76 -43.22 21.36
C THR B 203 15.01 -44.36 22.06
N CYS B 204 14.55 -45.32 21.28
CA CYS B 204 13.88 -46.50 21.82
C CYS B 204 14.86 -47.67 21.83
N THR B 205 14.99 -48.30 22.99
CA THR B 205 15.90 -49.41 23.22
C THR B 205 15.09 -50.64 23.60
N ALA B 206 15.31 -51.73 22.88
CA ALA B 206 14.59 -52.98 23.07
C ALA B 206 15.56 -54.07 23.47
N ALA B 207 15.20 -54.83 24.51
CA ALA B 207 16.04 -55.91 25.02
C ALA B 207 15.18 -57.15 25.20
N TYR B 208 15.38 -58.16 24.31
CA TYR B 208 14.66 -59.42 24.47
C TYR B 208 15.55 -60.45 25.13
N PRO B 209 14.96 -61.46 25.80
CA PRO B 209 15.80 -62.44 26.51
C PRO B 209 16.79 -63.16 25.60
N GLU B 210 16.42 -63.40 24.34
CA GLU B 210 17.31 -64.05 23.39
C GLU B 210 18.23 -63.05 22.69
N SER B 211 18.95 -62.26 23.50
CA SER B 211 19.85 -61.26 22.96
C SER B 211 20.94 -60.97 23.98
N LYS B 212 22.04 -60.39 23.49
CA LYS B 212 23.14 -59.96 24.33
C LYS B 212 23.39 -58.46 24.28
N THR B 213 23.09 -57.81 23.16
CA THR B 213 23.23 -56.36 23.03
C THR B 213 21.88 -55.80 22.60
N PRO B 214 21.20 -55.02 23.44
CA PRO B 214 19.86 -54.53 23.08
C PRO B 214 19.89 -53.69 21.81
N LEU B 215 18.81 -53.77 21.04
CA LEU B 215 18.65 -52.97 19.83
C LEU B 215 18.32 -51.53 20.17
N THR B 216 18.88 -50.61 19.39
CA THR B 216 18.70 -49.18 19.58
C THR B 216 18.14 -48.56 18.31
N ALA B 217 17.27 -47.56 18.47
CA ALA B 217 16.82 -46.76 17.34
C ALA B 217 16.57 -45.34 17.80
N THR B 218 17.27 -44.39 17.19
CA THR B 218 17.24 -43.00 17.60
C THR B 218 16.67 -42.13 16.48
N LEU B 219 16.00 -41.05 16.88
CA LEU B 219 15.45 -40.11 15.92
C LEU B 219 15.16 -38.80 16.65
N SER B 220 14.89 -37.76 15.87
CA SER B 220 14.58 -36.44 16.40
C SER B 220 13.79 -35.68 15.36
N LYS B 221 13.16 -34.59 15.79
CA LYS B 221 12.34 -33.79 14.89
C LYS B 221 13.16 -33.36 13.68
N SER B 222 12.61 -33.57 12.49
CA SER B 222 13.36 -33.31 11.27
C SER B 222 13.60 -31.82 11.08
N GLY B 223 14.80 -31.48 10.64
CA GLY B 223 15.14 -30.12 10.27
C GLY B 223 15.01 -29.88 8.79
N ASN B 224 15.35 -28.66 8.38
CA ASN B 224 15.31 -28.26 6.97
C ASN B 224 13.90 -28.48 6.39
N THR B 225 12.96 -27.73 6.96
CA THR B 225 11.56 -27.82 6.58
C THR B 225 11.21 -26.75 5.57
N PHE B 226 10.14 -27.01 4.81
CA PHE B 226 9.65 -26.07 3.81
C PHE B 226 8.14 -25.97 3.93
N ARG B 227 7.59 -24.90 3.37
CA ARG B 227 6.18 -24.55 3.48
C ARG B 227 5.45 -24.90 2.18
N PRO B 228 4.37 -25.68 2.22
CA PRO B 228 3.69 -26.04 0.98
C PRO B 228 3.12 -24.84 0.26
N GLU B 229 3.04 -24.94 -1.06
CA GLU B 229 2.45 -23.90 -1.91
C GLU B 229 1.10 -24.42 -2.40
N VAL B 230 0.06 -24.20 -1.58
CA VAL B 230 -1.26 -24.74 -1.87
C VAL B 230 -1.84 -24.06 -3.10
N HIS B 231 -2.61 -24.81 -3.88
CA HIS B 231 -3.24 -24.31 -5.09
C HIS B 231 -4.63 -24.91 -5.23
N LEU B 232 -5.56 -24.11 -5.73
CA LEU B 232 -6.89 -24.56 -6.10
C LEU B 232 -7.05 -24.39 -7.60
N LEU B 233 -7.73 -25.35 -8.23
CA LEU B 233 -7.94 -25.27 -9.66
C LEU B 233 -9.43 -25.37 -10.00
N PRO B 234 -9.94 -24.48 -10.84
CA PRO B 234 -11.36 -24.53 -11.18
C PRO B 234 -11.68 -25.69 -12.09
N PRO B 235 -12.91 -26.18 -12.11
CA PRO B 235 -13.24 -27.30 -12.97
C PRO B 235 -13.04 -26.95 -14.42
N PRO B 236 -12.62 -27.91 -15.24
CA PRO B 236 -12.41 -27.60 -16.66
C PRO B 236 -13.70 -27.25 -17.36
N SER B 237 -13.60 -26.40 -18.37
CA SER B 237 -14.79 -25.98 -19.11
C SER B 237 -15.53 -27.17 -19.70
N GLU B 238 -14.80 -28.22 -20.09
CA GLU B 238 -15.43 -29.38 -20.69
C GLU B 238 -16.27 -30.18 -19.70
N GLU B 239 -16.18 -29.89 -18.40
CA GLU B 239 -17.04 -30.51 -17.41
C GLU B 239 -18.26 -29.69 -17.09
N LEU B 240 -18.23 -28.38 -17.36
CA LEU B 240 -19.40 -27.54 -17.17
C LEU B 240 -20.44 -27.74 -18.27
N ALA B 241 -20.01 -28.15 -19.46
CA ALA B 241 -20.97 -28.37 -20.54
C ALA B 241 -21.97 -29.45 -20.19
N LEU B 242 -21.49 -30.59 -19.67
CA LEU B 242 -22.42 -31.66 -19.30
C LEU B 242 -23.29 -31.27 -18.12
N ASN B 243 -22.86 -30.32 -17.30
CA ASN B 243 -23.71 -29.71 -16.27
C ASN B 243 -24.33 -30.76 -15.36
N GLU B 244 -23.53 -31.73 -14.94
CA GLU B 244 -23.97 -32.74 -13.98
C GLU B 244 -23.13 -32.72 -12.71
N LEU B 245 -21.81 -32.76 -12.83
CA LEU B 245 -20.91 -32.78 -11.68
C LEU B 245 -19.58 -32.18 -12.12
N VAL B 246 -18.98 -31.37 -11.25
CA VAL B 246 -17.71 -30.73 -11.57
C VAL B 246 -16.66 -31.17 -10.56
N THR B 247 -15.42 -31.23 -11.02
CA THR B 247 -14.30 -31.74 -10.25
C THR B 247 -13.39 -30.57 -9.86
N LEU B 248 -13.22 -30.38 -8.55
CA LEU B 248 -12.33 -29.35 -8.02
C LEU B 248 -11.05 -30.01 -7.54
N THR B 249 -9.92 -29.40 -7.89
CA THR B 249 -8.61 -29.96 -7.59
C THR B 249 -7.88 -29.07 -6.59
N CYS B 250 -7.30 -29.69 -5.57
CA CYS B 250 -6.39 -29.04 -4.63
C CYS B 250 -5.02 -29.68 -4.76
N LEU B 251 -3.97 -28.85 -4.71
CA LEU B 251 -2.60 -29.31 -4.94
C LEU B 251 -1.68 -28.65 -3.92
N ALA B 252 -1.18 -29.42 -2.96
CA ALA B 252 -0.24 -28.93 -1.96
C ALA B 252 1.15 -29.43 -2.33
N ARG B 253 2.03 -28.52 -2.68
CA ARG B 253 3.28 -28.85 -3.36
C ARG B 253 4.47 -28.17 -2.69
N GLY B 254 5.60 -28.87 -2.64
CA GLY B 254 6.85 -28.23 -2.29
C GLY B 254 7.11 -28.10 -0.80
N PHE B 255 7.12 -29.22 -0.08
CA PHE B 255 7.48 -29.23 1.33
C PHE B 255 8.45 -30.38 1.59
N SER B 256 9.32 -30.20 2.57
CA SER B 256 10.38 -31.19 2.76
C SER B 256 9.85 -32.42 3.50
N PRO B 257 9.24 -32.28 4.68
CA PRO B 257 8.69 -33.47 5.34
C PRO B 257 7.41 -33.91 4.65
N LYS B 258 7.35 -35.20 4.30
CA LYS B 258 6.26 -35.69 3.45
C LYS B 258 4.89 -35.60 4.11
N ASP B 259 4.84 -35.36 5.42
CA ASP B 259 3.57 -35.38 6.14
C ASP B 259 2.73 -34.16 5.77
N VAL B 260 1.57 -34.38 5.16
CA VAL B 260 0.65 -33.32 4.79
C VAL B 260 -0.78 -33.77 5.08
N LEU B 261 -1.66 -32.79 5.32
CA LEU B 261 -3.07 -33.04 5.54
C LEU B 261 -3.87 -32.23 4.53
N VAL B 262 -4.92 -32.82 3.98
CA VAL B 262 -5.80 -32.14 3.04
C VAL B 262 -7.23 -32.30 3.52
N ARG B 263 -7.99 -31.21 3.48
CA ARG B 263 -9.41 -31.23 3.81
C ARG B 263 -10.13 -30.33 2.82
N TRP B 264 -11.43 -30.54 2.68
CA TRP B 264 -12.27 -29.70 1.84
C TRP B 264 -13.42 -29.16 2.66
N LEU B 265 -13.97 -28.02 2.22
CA LEU B 265 -15.09 -27.38 2.89
C LEU B 265 -16.03 -26.83 1.84
N GLN B 266 -17.32 -26.85 2.13
CA GLN B 266 -18.34 -26.21 1.31
C GLN B 266 -18.76 -24.93 2.02
N GLY B 267 -18.41 -23.79 1.44
CA GLY B 267 -18.63 -22.52 2.11
C GLY B 267 -17.80 -22.44 3.38
N SER B 268 -18.47 -22.55 4.53
CA SER B 268 -17.80 -22.63 5.81
C SER B 268 -17.98 -23.98 6.49
N GLN B 269 -18.81 -24.87 5.92
CA GLN B 269 -19.08 -26.17 6.50
C GLN B 269 -18.20 -27.23 5.83
N GLU B 270 -17.64 -28.10 6.66
CA GLU B 270 -16.75 -29.14 6.15
C GLU B 270 -17.52 -30.17 5.32
N LEU B 271 -16.91 -30.62 4.22
CA LEU B 271 -17.48 -31.68 3.42
C LEU B 271 -17.14 -33.04 4.04
N PRO B 272 -18.00 -34.05 3.88
CA PRO B 272 -17.71 -35.36 4.48
C PRO B 272 -16.42 -35.94 3.92
N ARG B 273 -15.74 -36.72 4.76
CA ARG B 273 -14.44 -37.26 4.39
C ARG B 273 -14.52 -38.26 3.25
N GLU B 274 -15.71 -38.72 2.88
CA GLU B 274 -15.90 -39.71 1.83
C GLU B 274 -16.32 -39.11 0.50
N LYS B 275 -16.47 -37.78 0.42
CA LYS B 275 -16.91 -37.13 -0.80
C LYS B 275 -15.77 -36.58 -1.63
N TYR B 276 -14.52 -36.80 -1.23
CA TYR B 276 -13.37 -36.37 -2.02
C TYR B 276 -12.30 -37.43 -1.96
N LEU B 277 -11.44 -37.43 -2.98
CA LEU B 277 -10.35 -38.38 -3.11
C LEU B 277 -9.04 -37.64 -2.91
N THR B 278 -8.25 -38.08 -1.94
CA THR B 278 -6.94 -37.50 -1.68
C THR B 278 -5.87 -38.58 -1.83
N TRP B 279 -4.80 -38.25 -2.54
CA TRP B 279 -3.75 -39.22 -2.86
C TRP B 279 -2.70 -39.24 -1.75
N ALA B 280 -1.58 -39.90 -2.01
CA ALA B 280 -0.47 -39.99 -1.07
C ALA B 280 0.62 -39.00 -1.45
N SER B 281 1.44 -38.66 -0.46
CA SER B 281 2.48 -37.65 -0.63
C SER B 281 3.69 -38.28 -1.30
N ARG B 282 4.03 -37.81 -2.50
CA ARG B 282 5.13 -38.34 -3.29
C ARG B 282 6.22 -37.30 -3.44
N GLN B 283 7.47 -37.78 -3.49
CA GLN B 283 8.60 -36.88 -3.66
C GLN B 283 8.70 -36.45 -5.11
N GLU B 284 8.45 -35.18 -5.37
CA GLU B 284 8.57 -34.67 -6.72
C GLU B 284 10.03 -34.60 -7.13
N PRO B 285 10.31 -34.52 -8.43
CA PRO B 285 11.71 -34.49 -8.87
C PRO B 285 12.47 -33.34 -8.23
N SER B 286 13.73 -33.60 -7.91
CA SER B 286 14.55 -32.65 -7.15
C SER B 286 15.00 -31.52 -8.08
N GLN B 287 14.47 -30.33 -7.83
CA GLN B 287 14.96 -29.08 -8.42
C GLN B 287 15.54 -28.18 -7.34
N GLY B 288 16.34 -28.77 -6.47
CA GLY B 288 16.83 -28.10 -5.28
C GLY B 288 16.94 -29.10 -4.15
N THR B 289 16.28 -28.83 -3.04
CA THR B 289 16.16 -29.83 -1.99
C THR B 289 15.03 -30.80 -2.33
N THR B 290 15.05 -31.96 -1.69
CA THR B 290 13.99 -32.94 -1.93
C THR B 290 12.67 -32.40 -1.41
N THR B 291 11.64 -32.48 -2.25
CA THR B 291 10.34 -31.88 -1.97
C THR B 291 9.25 -32.89 -2.24
N PHE B 292 8.08 -32.66 -1.63
CA PHE B 292 6.96 -33.59 -1.70
C PHE B 292 5.70 -32.88 -2.17
N ALA B 293 4.84 -33.63 -2.87
CA ALA B 293 3.62 -33.07 -3.43
C ALA B 293 2.45 -34.01 -3.17
N VAL B 294 1.26 -33.42 -3.06
CA VAL B 294 0.02 -34.17 -2.88
C VAL B 294 -1.07 -33.47 -3.67
N THR B 295 -2.01 -34.25 -4.19
CA THR B 295 -3.16 -33.74 -4.92
C THR B 295 -4.43 -34.41 -4.39
N SER B 296 -5.54 -33.70 -4.55
CA SER B 296 -6.86 -34.19 -4.16
C SER B 296 -7.88 -33.63 -5.12
N ILE B 297 -8.97 -34.36 -5.31
CA ILE B 297 -10.09 -33.88 -6.10
C ILE B 297 -11.39 -34.09 -5.33
N LEU B 298 -12.41 -33.34 -5.73
CA LEU B 298 -13.72 -33.37 -5.10
C LEU B 298 -14.78 -33.23 -6.18
N ARG B 299 -15.79 -34.09 -6.13
CA ARG B 299 -16.91 -34.04 -7.06
C ARG B 299 -18.05 -33.29 -6.40
N VAL B 300 -18.49 -32.19 -7.03
CA VAL B 300 -19.49 -31.32 -6.45
C VAL B 300 -20.56 -31.01 -7.48
N ALA B 301 -21.78 -30.79 -6.99
CA ALA B 301 -22.94 -30.66 -7.86
C ALA B 301 -22.83 -29.43 -8.75
N ALA B 302 -23.18 -29.60 -10.03
CA ALA B 302 -23.12 -28.48 -10.97
C ALA B 302 -24.11 -27.39 -10.60
N GLU B 303 -25.31 -27.79 -10.16
CA GLU B 303 -26.27 -26.79 -9.69
C GLU B 303 -25.73 -26.03 -8.49
N ASP B 304 -25.10 -26.76 -7.55
CA ASP B 304 -24.48 -26.09 -6.41
C ASP B 304 -23.33 -25.19 -6.85
N TRP B 305 -22.54 -25.64 -7.83
CA TRP B 305 -21.44 -24.81 -8.31
C TRP B 305 -21.94 -23.52 -8.92
N LYS B 306 -23.02 -23.59 -9.70
CA LYS B 306 -23.55 -22.41 -10.36
C LYS B 306 -24.39 -21.53 -9.44
N LYS B 307 -24.92 -22.09 -8.35
CA LYS B 307 -25.76 -21.30 -7.46
C LYS B 307 -24.98 -20.14 -6.85
N GLY B 308 -23.73 -20.37 -6.46
CA GLY B 308 -22.91 -19.34 -5.89
C GLY B 308 -22.14 -19.78 -4.66
N ASP B 309 -22.16 -21.08 -4.38
CA ASP B 309 -21.42 -21.60 -3.24
C ASP B 309 -19.92 -21.53 -3.49
N THR B 310 -19.15 -21.38 -2.41
CA THR B 310 -17.70 -21.33 -2.47
C THR B 310 -17.12 -22.57 -1.80
N PHE B 311 -16.10 -23.14 -2.43
CA PHE B 311 -15.48 -24.38 -1.97
C PHE B 311 -14.03 -24.11 -1.60
N SER B 312 -13.63 -24.60 -0.44
CA SER B 312 -12.30 -24.32 0.10
C SER B 312 -11.53 -25.61 0.29
N CYS B 313 -10.20 -25.52 0.18
CA CYS B 313 -9.31 -26.63 0.50
C CYS B 313 -8.34 -26.16 1.56
N MET B 314 -8.31 -26.87 2.69
CA MET B 314 -7.46 -26.53 3.82
C MET B 314 -6.33 -27.56 3.91
N VAL B 315 -5.09 -27.09 3.82
CA VAL B 315 -3.90 -27.93 3.84
C VAL B 315 -3.14 -27.69 5.13
N GLY B 316 -2.79 -28.76 5.81
CA GLY B 316 -2.11 -28.68 7.10
C GLY B 316 -0.73 -29.29 7.02
N HIS B 317 0.22 -28.69 7.73
CA HIS B 317 1.61 -29.09 7.65
C HIS B 317 2.32 -28.66 8.93
N GLU B 318 3.49 -29.24 9.16
CA GLU B 318 4.30 -28.85 10.31
C GLU B 318 4.92 -27.48 10.09
N ALA B 319 5.47 -27.25 8.90
CA ALA B 319 6.20 -26.03 8.61
C ALA B 319 5.31 -24.82 8.42
N LEU B 320 4.00 -25.01 8.23
CA LEU B 320 3.13 -23.89 7.96
C LEU B 320 3.10 -22.96 9.16
N PRO B 321 2.86 -21.67 8.95
CA PRO B 321 2.94 -20.71 10.06
C PRO B 321 2.05 -21.10 11.23
N LEU B 322 0.74 -21.18 10.98
CA LEU B 322 -0.23 -21.58 11.98
C LEU B 322 -0.64 -23.03 11.82
N ALA B 323 0.24 -23.85 11.24
CA ALA B 323 0.02 -25.28 11.06
C ALA B 323 -1.12 -25.58 10.10
N PHE B 324 -1.67 -24.57 9.43
CA PHE B 324 -2.75 -24.78 8.48
C PHE B 324 -2.81 -23.59 7.55
N THR B 325 -3.41 -23.81 6.39
CA THR B 325 -3.71 -22.73 5.45
C THR B 325 -4.88 -23.19 4.60
N GLN B 326 -5.43 -22.29 3.81
CA GLN B 326 -6.57 -22.64 3.00
C GLN B 326 -6.66 -21.76 1.77
N LYS B 327 -7.14 -22.35 0.68
CA LYS B 327 -7.41 -21.64 -0.56
C LYS B 327 -8.85 -21.88 -0.96
N THR B 328 -9.58 -20.80 -1.26
CA THR B 328 -10.98 -20.87 -1.58
C THR B 328 -11.22 -20.49 -3.03
N ILE B 329 -12.23 -21.12 -3.64
CA ILE B 329 -12.57 -20.91 -5.04
C ILE B 329 -14.08 -20.81 -5.17
N ASP B 330 -14.51 -20.09 -6.20
CA ASP B 330 -15.92 -19.82 -6.45
C ASP B 330 -16.18 -19.93 -7.94
N ARG B 331 -17.42 -19.65 -8.35
CA ARG B 331 -17.78 -19.82 -9.75
C ARG B 331 -17.23 -18.72 -10.65
N LEU B 332 -16.70 -17.63 -10.08
CA LEU B 332 -16.07 -16.59 -10.88
C LEU B 332 -14.56 -16.70 -10.92
N ALA B 333 -13.95 -17.41 -9.98
CA ALA B 333 -12.49 -17.49 -9.93
C ALA B 333 -11.94 -18.20 -11.16
N GLY B 334 -10.74 -17.79 -11.58
CA GLY B 334 -10.09 -18.34 -12.74
C GLY B 334 -10.44 -17.66 -14.05
N LYS B 335 -11.33 -16.69 -14.04
CA LYS B 335 -11.73 -15.99 -15.27
C LYS B 335 -10.71 -14.94 -15.66
N THR B 337 -15.95 -15.23 -19.11
CA THR B 337 -15.28 -14.29 -18.22
C THR B 337 -15.83 -12.89 -18.44
N HIS B 338 -15.00 -11.97 -18.95
CA HIS B 338 -15.42 -10.59 -19.22
C HIS B 338 -16.01 -9.95 -17.97
N VAL B 339 -15.38 -10.20 -16.82
CA VAL B 339 -15.81 -9.56 -15.58
C VAL B 339 -15.36 -8.11 -15.59
N ASN B 340 -16.27 -7.21 -15.20
CA ASN B 340 -16.01 -5.77 -15.19
C ASN B 340 -16.20 -5.24 -13.79
N VAL B 341 -15.37 -4.25 -13.42
CA VAL B 341 -15.39 -3.65 -12.09
C VAL B 341 -15.47 -2.14 -12.24
N SER B 342 -15.88 -1.48 -11.16
CA SER B 342 -16.07 -0.03 -11.15
C SER B 342 -15.30 0.59 -10.01
N VAL B 343 -14.68 1.74 -10.29
CA VAL B 343 -13.97 2.54 -9.31
C VAL B 343 -14.42 3.98 -9.47
N VAL B 344 -14.67 4.67 -8.35
CA VAL B 344 -15.30 5.98 -8.38
C VAL B 344 -14.29 7.10 -8.17
N MET B 345 -13.48 7.02 -7.11
CA MET B 345 -12.53 8.09 -6.77
C MET B 345 -13.27 9.41 -6.56
N ALA B 346 -14.06 9.44 -5.48
CA ALA B 346 -15.06 10.49 -5.31
C ALA B 346 -14.45 11.88 -5.46
N GLU B 347 -13.65 12.31 -4.48
CA GLU B 347 -13.07 13.66 -4.49
C GLU B 347 -11.58 13.55 -4.69
N VAL B 348 -11.07 14.25 -5.70
CA VAL B 348 -9.66 14.22 -6.05
C VAL B 348 -8.94 15.49 -5.62
N ASP B 349 -9.60 16.64 -5.74
CA ASP B 349 -9.06 17.89 -5.22
C ASP B 349 -9.70 18.18 -3.86
N GLY B 350 -9.27 17.42 -2.86
CA GLY B 350 -9.98 17.40 -1.60
C GLY B 350 -9.14 17.61 -0.35
N THR B 351 -8.15 18.49 -0.41
CA THR B 351 -7.41 18.92 0.78
C THR B 351 -7.01 17.72 1.64
N CYS B 352 -6.14 16.89 1.07
CA CYS B 352 -5.69 15.69 1.74
C CYS B 352 -4.91 16.06 3.00
N TYR B 353 -5.51 15.81 4.16
CA TYR B 353 -4.79 15.94 5.43
C TYR B 353 -5.53 15.22 6.54
N SER C 2 12.67 -1.32 -1.45
CA SER C 2 13.55 -0.21 -1.11
C SER C 2 14.52 -0.55 0.01
N PRO C 3 14.00 -1.01 1.16
CA PRO C 3 14.87 -1.17 2.34
C PRO C 3 15.98 -2.19 2.17
N ILE C 4 15.98 -2.98 1.10
CA ILE C 4 16.98 -4.03 0.93
C ILE C 4 18.27 -3.40 0.42
N PHE C 5 19.37 -3.70 1.10
CA PHE C 5 20.68 -3.12 0.79
C PHE C 5 21.69 -4.24 0.58
N GLY C 6 22.47 -4.13 -0.48
CA GLY C 6 23.53 -5.06 -0.76
C GLY C 6 24.59 -4.41 -1.62
N PRO C 7 25.62 -5.16 -2.00
CA PRO C 7 26.70 -4.56 -2.81
C PRO C 7 26.15 -4.05 -4.13
N GLU C 8 26.24 -2.73 -4.34
CA GLU C 8 25.70 -2.13 -5.55
C GLU C 8 26.42 -2.63 -6.79
N GLU C 9 27.67 -3.06 -6.65
CA GLU C 9 28.42 -3.66 -7.75
C GLU C 9 29.47 -4.60 -7.16
N VAL C 10 29.49 -5.82 -7.67
CA VAL C 10 30.37 -6.87 -7.19
C VAL C 10 31.30 -7.27 -8.32
N ASN C 11 32.59 -7.40 -8.02
CA ASN C 11 33.59 -7.79 -9.00
C ASN C 11 34.16 -9.15 -8.65
N SER C 12 34.60 -9.87 -9.67
CA SER C 12 35.25 -11.16 -9.49
C SER C 12 35.87 -11.56 -10.82
N VAL C 13 36.40 -12.80 -10.85
CA VAL C 13 37.08 -13.32 -12.04
C VAL C 13 36.48 -14.69 -12.36
N GLU C 14 36.78 -15.16 -13.58
CA GLU C 14 36.20 -16.41 -14.05
C GLU C 14 36.56 -17.56 -13.12
N GLY C 15 35.60 -18.44 -12.91
CA GLY C 15 35.84 -19.62 -12.11
C GLY C 15 36.17 -19.34 -10.66
N ASN C 16 35.93 -18.12 -10.19
CA ASN C 16 36.21 -17.74 -8.81
C ASN C 16 34.90 -17.50 -8.09
N SER C 17 34.75 -18.10 -6.92
CA SER C 17 33.52 -17.96 -6.15
C SER C 17 33.31 -16.51 -5.75
N VAL C 18 32.04 -16.10 -5.69
CA VAL C 18 31.65 -14.77 -5.25
C VAL C 18 30.54 -14.93 -4.22
N SER C 19 30.43 -13.92 -3.36
CA SER C 19 29.47 -13.94 -2.26
C SER C 19 28.82 -12.57 -2.17
N ILE C 20 27.51 -12.52 -2.33
CA ILE C 20 26.74 -11.28 -2.32
C ILE C 20 25.85 -11.30 -1.08
N THR C 21 26.07 -10.34 -0.18
CA THR C 21 25.30 -10.21 1.04
C THR C 21 24.30 -9.08 0.85
N CYS C 22 23.01 -9.38 1.07
CA CYS C 22 21.96 -8.39 0.96
C CYS C 22 21.24 -8.29 2.28
N TYR C 23 21.11 -7.06 2.80
CA TYR C 23 20.52 -6.80 4.11
C TYR C 23 19.07 -6.42 3.96
N TYR C 24 18.25 -6.82 4.92
CA TYR C 24 16.86 -6.45 4.98
C TYR C 24 16.47 -6.20 6.43
N PRO C 25 15.40 -5.46 6.68
CA PRO C 25 14.93 -5.28 8.05
C PRO C 25 14.62 -6.61 8.70
N PRO C 26 14.94 -6.80 9.98
CA PRO C 26 14.67 -8.09 10.62
C PRO C 26 13.23 -8.30 11.02
N THR C 27 12.30 -7.51 10.45
CA THR C 27 10.89 -7.72 10.70
C THR C 27 10.52 -9.19 10.55
N SER C 28 9.54 -9.64 11.34
CA SER C 28 9.14 -11.04 11.28
C SER C 28 8.63 -11.42 9.91
N VAL C 29 8.00 -10.49 9.19
CA VAL C 29 7.53 -10.78 7.85
C VAL C 29 8.70 -11.05 6.92
N ASN C 30 9.75 -10.23 7.01
CA ASN C 30 10.86 -10.36 6.09
C ASN C 30 11.64 -11.66 6.33
N ARG C 31 11.92 -11.97 7.60
CA ARG C 31 12.75 -13.14 7.90
C ARG C 31 12.13 -14.42 7.37
N HIS C 32 10.81 -14.50 7.33
CA HIS C 32 10.12 -15.69 6.85
C HIS C 32 9.58 -15.53 5.43
N THR C 33 9.54 -14.32 4.90
CA THR C 33 9.20 -14.14 3.50
C THR C 33 10.26 -14.83 2.63
N ARG C 34 9.82 -15.38 1.51
CA ARG C 34 10.74 -16.03 0.61
C ARG C 34 11.75 -15.03 0.06
N LYS C 35 13.03 -15.39 0.11
CA LYS C 35 14.11 -14.57 -0.42
C LYS C 35 14.52 -15.14 -1.76
N TYR C 36 14.53 -14.29 -2.79
CA TYR C 36 14.88 -14.72 -4.12
C TYR C 36 16.16 -14.04 -4.57
N TRP C 37 16.64 -14.47 -5.72
CA TRP C 37 17.83 -13.90 -6.35
C TRP C 37 17.64 -14.07 -7.85
N CYS C 38 17.04 -13.08 -8.49
CA CYS C 38 16.63 -13.20 -9.88
C CYS C 38 17.67 -12.54 -10.78
N ARG C 39 17.36 -12.46 -12.07
CA ARG C 39 18.25 -11.84 -13.04
C ARG C 39 17.39 -11.21 -14.13
N GLN C 40 17.11 -9.92 -14.00
CA GLN C 40 16.29 -9.24 -15.00
C GLN C 40 16.95 -9.32 -16.36
N GLY C 41 16.13 -9.49 -17.40
CA GLY C 41 16.61 -9.62 -18.76
C GLY C 41 15.96 -8.60 -19.66
N ALA C 42 15.90 -8.94 -20.95
CA ALA C 42 15.31 -8.06 -21.95
C ALA C 42 13.79 -8.17 -22.01
N ARG C 43 13.19 -9.12 -21.30
CA ARG C 43 11.74 -9.26 -21.26
C ARG C 43 11.11 -8.51 -20.11
N GLY C 44 11.89 -7.76 -19.34
CA GLY C 44 11.34 -6.98 -18.25
C GLY C 44 10.71 -7.81 -17.16
N GLY C 45 11.33 -8.92 -16.79
CA GLY C 45 10.82 -9.75 -15.71
C GLY C 45 11.90 -10.60 -15.07
N CYS C 46 11.99 -10.54 -13.75
CA CYS C 46 12.94 -11.39 -13.03
C CYS C 46 12.68 -12.86 -13.33
N ILE C 47 13.75 -13.58 -13.65
CA ILE C 47 13.69 -15.03 -13.84
C ILE C 47 14.44 -15.64 -12.66
N THR C 48 13.70 -15.93 -11.59
CA THR C 48 14.32 -16.36 -10.35
C THR C 48 15.33 -17.46 -10.61
N LEU C 49 16.57 -17.24 -10.17
CA LEU C 49 17.65 -18.19 -10.37
C LEU C 49 17.91 -19.06 -9.15
N ILE C 50 17.57 -18.59 -7.97
CA ILE C 50 17.70 -19.38 -6.75
C ILE C 50 16.86 -18.70 -5.67
N SER C 51 16.20 -19.51 -4.86
CA SER C 51 15.30 -19.01 -3.84
C SER C 51 15.52 -19.74 -2.53
N SER C 52 15.03 -19.13 -1.45
CA SER C 52 15.10 -19.73 -0.13
C SER C 52 13.99 -20.75 0.10
N GLU C 53 13.14 -20.97 -0.90
CA GLU C 53 12.12 -22.01 -0.84
C GLU C 53 12.55 -23.27 -1.58
N GLY C 54 13.85 -23.58 -1.55
CA GLY C 54 14.34 -24.84 -2.06
C GLY C 54 14.38 -24.96 -3.56
N TYR C 55 14.42 -23.86 -4.28
CA TYR C 55 14.45 -23.88 -5.74
C TYR C 55 15.79 -23.35 -6.22
N VAL C 56 16.55 -24.19 -6.92
CA VAL C 56 17.80 -23.81 -7.56
C VAL C 56 17.65 -24.10 -9.05
N SER C 57 17.91 -23.09 -9.88
CA SER C 57 17.74 -23.28 -11.31
C SER C 57 18.61 -24.42 -11.82
N SER C 58 18.30 -24.87 -13.03
CA SER C 58 19.15 -25.88 -13.66
C SER C 58 20.56 -25.33 -13.90
N LYS C 59 20.65 -24.09 -14.38
CA LYS C 59 21.96 -23.49 -14.62
C LYS C 59 22.72 -23.27 -13.32
N TYR C 60 22.05 -22.84 -12.25
CA TYR C 60 22.67 -22.63 -10.95
C TYR C 60 22.65 -23.88 -10.09
N ALA C 61 22.56 -25.06 -10.71
CA ALA C 61 22.48 -26.31 -9.97
C ALA C 61 23.88 -26.82 -9.68
N GLY C 62 24.21 -26.94 -8.39
CA GLY C 62 25.49 -27.44 -7.96
C GLY C 62 26.59 -26.41 -7.90
N ARG C 63 26.33 -25.18 -8.34
CA ARG C 63 27.32 -24.11 -8.33
C ARG C 63 26.78 -22.86 -7.64
N ALA C 64 25.82 -23.01 -6.73
CA ALA C 64 25.27 -21.86 -6.05
C ALA C 64 24.49 -22.32 -4.83
N ASN C 65 24.35 -21.41 -3.87
CA ASN C 65 23.49 -21.66 -2.72
C ASN C 65 23.16 -20.33 -2.05
N LEU C 66 21.90 -20.17 -1.68
CA LEU C 66 21.39 -18.98 -1.01
C LEU C 66 21.11 -19.34 0.43
N THR C 67 21.75 -18.65 1.36
CA THR C 67 21.60 -18.92 2.78
C THR C 67 21.19 -17.63 3.49
N ASN C 68 20.07 -17.69 4.21
CA ASN C 68 19.47 -16.51 4.82
C ASN C 68 19.67 -16.57 6.33
N PHE C 69 20.33 -15.55 6.88
CA PHE C 69 20.53 -15.43 8.32
C PHE C 69 19.52 -14.43 8.86
N PRO C 70 18.55 -14.84 9.68
CA PRO C 70 17.61 -13.87 10.24
C PRO C 70 18.22 -13.00 11.34
N GLU C 71 19.11 -13.56 12.16
CA GLU C 71 19.66 -12.81 13.28
C GLU C 71 20.38 -11.55 12.80
N ASN C 72 21.32 -11.72 11.88
CA ASN C 72 21.92 -10.56 11.23
C ASN C 72 20.86 -9.73 10.52
N GLY C 73 19.87 -10.38 9.93
CA GLY C 73 18.95 -9.72 9.04
C GLY C 73 19.48 -9.59 7.63
N THR C 74 20.06 -10.67 7.08
CA THR C 74 20.64 -10.62 5.75
C THR C 74 20.51 -11.98 5.09
N PHE C 75 20.90 -12.04 3.82
CA PHE C 75 21.04 -13.33 3.14
C PHE C 75 22.15 -13.24 2.12
N VAL C 76 22.89 -14.33 1.98
CA VAL C 76 24.08 -14.39 1.14
C VAL C 76 23.81 -15.35 -0.01
N VAL C 77 24.28 -14.96 -1.20
CA VAL C 77 24.14 -15.77 -2.40
C VAL C 77 25.52 -16.23 -2.86
N ASN C 78 26.00 -17.36 -2.35
CA ASN C 78 27.33 -17.83 -2.72
C ASN C 78 27.24 -18.50 -4.08
N ILE C 79 27.92 -17.94 -5.07
CA ILE C 79 27.88 -18.43 -6.45
C ILE C 79 29.29 -18.88 -6.82
N ALA C 80 29.42 -20.15 -7.21
CA ALA C 80 30.70 -20.73 -7.54
C ALA C 80 30.85 -20.86 -9.05
N GLN C 81 32.10 -21.02 -9.49
CA GLN C 81 32.42 -21.28 -10.88
C GLN C 81 31.78 -20.23 -11.79
N LEU C 82 32.09 -18.97 -11.52
CA LEU C 82 31.56 -17.88 -12.31
C LEU C 82 32.11 -17.94 -13.74
N SER C 83 31.40 -17.26 -14.64
CA SER C 83 31.83 -17.17 -16.03
C SER C 83 31.46 -15.80 -16.56
N GLN C 84 32.08 -15.41 -17.67
CA GLN C 84 31.83 -14.10 -18.24
C GLN C 84 30.36 -13.88 -18.55
N ASP C 85 29.62 -14.96 -18.82
CA ASP C 85 28.20 -14.84 -19.10
C ASP C 85 27.38 -14.44 -17.87
N ASP C 86 27.97 -14.48 -16.68
CA ASP C 86 27.29 -14.05 -15.46
C ASP C 86 27.31 -12.54 -15.29
N SER C 87 28.05 -11.82 -16.13
CA SER C 87 28.11 -10.37 -16.04
C SER C 87 26.72 -9.80 -16.32
N GLY C 88 26.05 -9.30 -15.29
CA GLY C 88 24.71 -8.78 -15.48
C GLY C 88 24.17 -8.20 -14.20
N ARG C 89 22.94 -7.68 -14.31
CA ARG C 89 22.27 -6.98 -13.21
C ARG C 89 21.28 -7.93 -12.57
N TYR C 90 21.74 -8.61 -11.52
CA TYR C 90 20.85 -9.44 -10.72
C TYR C 90 20.04 -8.55 -9.78
N LYS C 91 19.14 -9.17 -9.03
CA LYS C 91 18.31 -8.44 -8.09
C LYS C 91 18.13 -9.27 -6.84
N CYS C 92 18.52 -8.72 -5.70
CA CYS C 92 18.19 -9.32 -4.41
C CYS C 92 16.69 -9.13 -4.19
N GLY C 93 16.20 -9.42 -3.01
CA GLY C 93 14.86 -9.00 -2.68
C GLY C 93 14.15 -10.00 -1.80
N LEU C 94 12.84 -9.79 -1.65
CA LEU C 94 11.99 -10.61 -0.83
C LEU C 94 10.64 -10.76 -1.50
N GLY C 95 9.94 -11.85 -1.17
CA GLY C 95 8.57 -12.01 -1.61
C GLY C 95 8.45 -12.21 -3.13
N ILE C 96 7.35 -11.70 -3.67
CA ILE C 96 7.06 -11.86 -5.09
C ILE C 96 8.03 -11.04 -5.92
N ASN C 97 8.48 -11.60 -7.03
CA ASN C 97 9.48 -10.93 -7.85
C ASN C 97 8.93 -9.61 -8.42
N SER C 98 7.68 -9.62 -8.85
CA SER C 98 7.13 -8.48 -9.59
C SER C 98 6.99 -7.23 -8.75
N ARG C 99 7.13 -7.31 -7.43
CA ARG C 99 6.97 -6.14 -6.58
C ARG C 99 8.28 -5.35 -6.56
N GLY C 100 8.38 -4.40 -5.64
CA GLY C 100 9.55 -3.54 -5.57
C GLY C 100 10.27 -3.61 -4.24
N LEU C 101 10.55 -4.81 -3.76
CA LEU C 101 11.30 -5.03 -2.53
C LEU C 101 12.68 -5.61 -2.82
N SER C 102 13.29 -5.16 -3.90
CA SER C 102 14.57 -5.70 -4.37
C SER C 102 15.65 -4.64 -4.30
N PHE C 103 16.88 -5.06 -4.62
CA PHE C 103 18.02 -4.16 -4.68
C PHE C 103 18.90 -4.60 -5.85
N ASP C 104 18.94 -3.78 -6.90
CA ASP C 104 19.71 -4.14 -8.09
C ASP C 104 21.18 -4.30 -7.75
N VAL C 105 21.80 -5.36 -8.26
CA VAL C 105 23.20 -5.68 -7.99
C VAL C 105 23.87 -6.01 -9.31
N SER C 106 24.77 -5.15 -9.77
CA SER C 106 25.43 -5.34 -11.06
C SER C 106 26.73 -6.11 -10.84
N LEU C 107 26.69 -7.42 -11.05
CA LEU C 107 27.86 -8.27 -10.86
C LEU C 107 28.59 -8.39 -12.19
N GLU C 108 29.87 -8.03 -12.20
CA GLU C 108 30.70 -8.06 -13.40
C GLU C 108 31.93 -8.90 -13.16
N VAL C 109 32.30 -9.70 -14.15
CA VAL C 109 33.48 -10.55 -14.08
C VAL C 109 34.32 -10.36 -15.33
N SER C 110 35.62 -10.63 -15.21
CA SER C 110 36.56 -10.47 -16.32
C SER C 110 37.51 -11.64 -16.35
N GLN C 111 38.03 -11.93 -17.54
CA GLN C 111 38.97 -13.02 -17.72
C GLN C 111 40.35 -12.62 -17.22
N GLY C 112 41.04 -13.56 -16.58
CA GLY C 112 42.37 -13.33 -16.09
C GLY C 112 43.42 -13.48 -17.18
N PRO C 113 44.65 -13.13 -16.85
CA PRO C 113 45.76 -13.25 -17.80
C PRO C 113 46.26 -14.70 -17.87
N GLY C 114 47.29 -14.90 -18.65
CA GLY C 114 47.90 -16.20 -18.83
C GLY C 114 48.63 -16.28 -20.15
N LEU C 115 49.65 -17.14 -20.19
CA LEU C 115 50.42 -17.42 -21.40
C LEU C 115 51.27 -16.22 -21.83
N LEU C 116 51.19 -15.11 -21.08
CA LEU C 116 51.93 -13.89 -21.42
C LEU C 116 53.11 -13.78 -20.46
N ASN C 117 54.25 -14.33 -20.87
CA ASN C 117 55.47 -14.23 -20.10
C ASN C 117 56.32 -13.03 -20.47
N ASP C 118 55.90 -12.25 -21.47
CA ASP C 118 56.65 -11.08 -21.91
C ASP C 118 56.21 -9.80 -21.23
N THR C 119 55.19 -9.85 -20.38
CA THR C 119 54.67 -8.67 -19.71
C THR C 119 54.50 -8.96 -18.22
N LYS C 120 54.93 -8.02 -17.40
CA LYS C 120 54.79 -8.11 -15.95
C LYS C 120 53.57 -7.32 -15.49
N VAL C 121 53.16 -7.58 -14.25
CA VAL C 121 52.01 -6.93 -13.65
C VAL C 121 52.37 -6.47 -12.25
N TYR C 122 51.66 -5.45 -11.78
CA TYR C 122 51.90 -4.89 -10.45
C TYR C 122 50.65 -4.16 -10.00
N THR C 123 50.04 -4.64 -8.91
CA THR C 123 48.84 -4.05 -8.34
C THR C 123 49.10 -3.71 -6.88
N VAL C 124 48.78 -2.48 -6.49
CA VAL C 124 48.98 -2.00 -5.13
C VAL C 124 47.84 -1.05 -4.77
N ASP C 125 47.63 -0.89 -3.46
CA ASP C 125 46.57 -0.01 -2.99
C ASP C 125 46.91 1.45 -3.29
N LEU C 126 45.86 2.23 -3.56
CA LEU C 126 46.04 3.63 -3.95
C LEU C 126 46.82 4.37 -2.87
N GLY C 127 47.78 5.19 -3.31
CA GLY C 127 48.54 6.02 -2.40
C GLY C 127 49.66 5.33 -1.66
N ARG C 128 49.92 4.06 -1.95
CA ARG C 128 51.00 3.33 -1.28
C ARG C 128 52.29 3.48 -2.08
N THR C 129 53.31 2.70 -1.73
CA THR C 129 54.61 2.73 -2.38
C THR C 129 54.84 1.42 -3.13
N VAL C 130 55.35 1.52 -4.35
CA VAL C 130 55.61 0.37 -5.20
C VAL C 130 57.02 0.46 -5.75
N THR C 131 57.54 -0.69 -6.19
CA THR C 131 58.87 -0.78 -6.76
C THR C 131 58.89 -1.81 -7.87
N ILE C 132 59.64 -1.51 -8.94
CA ILE C 132 59.82 -2.41 -10.07
C ILE C 132 61.31 -2.56 -10.33
N ASN C 133 61.77 -3.80 -10.41
CA ASN C 133 63.18 -4.11 -10.63
C ASN C 133 63.38 -4.49 -12.09
N CYS C 134 64.38 -3.89 -12.74
CA CYS C 134 64.65 -4.13 -14.15
C CYS C 134 66.14 -4.34 -14.35
N PRO C 135 66.56 -5.43 -15.00
CA PRO C 135 67.98 -5.63 -15.27
C PRO C 135 68.43 -5.09 -16.61
N PHE C 136 69.73 -4.86 -16.72
CA PHE C 136 70.38 -4.49 -17.97
C PHE C 136 71.55 -5.43 -18.23
N LYS C 137 71.91 -5.56 -19.50
CA LYS C 137 72.92 -6.52 -19.89
C LYS C 137 74.26 -6.20 -19.25
N THR C 138 75.01 -7.26 -18.92
CA THR C 138 76.33 -7.07 -18.30
C THR C 138 77.26 -6.29 -19.21
N GLU C 139 77.06 -6.36 -20.52
CA GLU C 139 77.91 -5.62 -21.45
C GLU C 139 77.88 -4.12 -21.17
N ASN C 140 76.78 -3.63 -20.60
CA ASN C 140 76.65 -2.22 -20.26
C ASN C 140 77.18 -2.01 -18.85
N ALA C 141 78.40 -1.50 -18.74
CA ALA C 141 79.02 -1.25 -17.43
C ALA C 141 78.62 0.12 -16.90
N GLN C 142 78.91 1.18 -17.65
CA GLN C 142 78.47 2.53 -17.33
C GLN C 142 77.78 3.07 -18.59
N LYS C 143 76.49 2.79 -18.72
CA LYS C 143 75.70 3.18 -19.89
C LYS C 143 74.38 3.78 -19.41
N ARG C 144 73.74 4.52 -20.30
CA ARG C 144 72.51 5.21 -19.97
C ARG C 144 71.39 4.23 -19.66
N LYS C 145 70.63 4.51 -18.60
CA LYS C 145 69.47 3.73 -18.22
C LYS C 145 68.28 4.67 -18.13
N SER C 146 67.15 4.26 -18.71
CA SER C 146 65.98 5.13 -18.78
C SER C 146 64.71 4.30 -18.77
N LEU C 147 63.61 4.95 -18.41
CA LEU C 147 62.29 4.36 -18.39
C LEU C 147 61.40 5.10 -19.38
N TYR C 148 60.76 4.34 -20.28
CA TYR C 148 59.91 4.89 -21.33
C TYR C 148 58.45 4.62 -20.99
N LYS C 149 57.61 5.63 -21.20
CA LYS C 149 56.17 5.53 -20.99
C LYS C 149 55.48 5.62 -22.34
N GLN C 150 54.96 4.50 -22.82
CA GLN C 150 54.28 4.44 -24.12
C GLN C 150 52.86 4.97 -23.95
N ILE C 151 52.73 6.29 -24.04
CA ILE C 151 51.42 6.94 -23.92
C ILE C 151 50.85 7.07 -25.32
N GLY C 152 49.90 6.19 -25.64
CA GLY C 152 49.19 6.30 -26.90
C GLY C 152 50.11 6.08 -28.08
N LEU C 153 50.18 7.09 -28.96
CA LEU C 153 50.86 6.91 -30.24
C LEU C 153 52.38 6.85 -30.08
N TYR C 154 52.93 7.68 -29.19
CA TYR C 154 54.37 7.78 -29.04
C TYR C 154 54.77 7.58 -27.59
N PRO C 155 55.98 7.09 -27.34
CA PRO C 155 56.48 6.99 -25.96
C PRO C 155 57.21 8.25 -25.54
N VAL C 156 57.29 8.43 -24.22
CA VAL C 156 57.98 9.57 -23.62
C VAL C 156 58.86 9.08 -22.49
N LEU C 157 59.91 9.86 -22.22
CA LEU C 157 60.82 9.58 -21.13
C LEU C 157 60.23 10.08 -19.82
N VAL C 158 60.34 9.28 -18.77
CA VAL C 158 59.81 9.65 -17.47
C VAL C 158 60.97 9.78 -16.48
N ILE C 159 62.04 9.02 -16.70
CA ILE C 159 63.21 9.09 -15.83
C ILE C 159 64.41 8.55 -16.59
N ASP C 160 65.55 9.19 -16.38
CA ASP C 160 66.82 8.81 -16.98
C ASP C 160 67.87 8.63 -15.89
N SER C 161 69.07 8.25 -16.30
CA SER C 161 70.18 8.04 -15.36
C SER C 161 70.97 9.31 -15.08
N SER C 162 70.67 10.41 -15.76
CA SER C 162 71.38 11.67 -15.60
C SER C 162 70.68 12.61 -14.62
N GLY C 163 69.60 12.17 -13.98
CA GLY C 163 68.85 13.00 -13.05
C GLY C 163 67.62 13.67 -13.61
N TYR C 164 67.24 13.37 -14.85
CA TYR C 164 66.05 13.95 -15.45
C TYR C 164 64.80 13.32 -14.87
N VAL C 165 63.87 14.15 -14.42
CA VAL C 165 62.62 13.70 -13.80
C VAL C 165 61.47 14.38 -14.52
N ASN C 166 60.45 13.60 -14.89
CA ASN C 166 59.31 14.15 -15.60
C ASN C 166 58.52 15.10 -14.70
N PRO C 167 57.89 16.13 -15.27
CA PRO C 167 57.03 16.99 -14.44
C PRO C 167 55.87 16.24 -13.80
N ASN C 168 55.42 15.14 -14.40
CA ASN C 168 54.31 14.38 -13.85
C ASN C 168 54.73 13.45 -12.71
N TYR C 169 56.03 13.30 -12.47
CA TYR C 169 56.55 12.42 -11.43
C TYR C 169 57.56 13.16 -10.57
N THR C 170 57.21 14.39 -10.18
CA THR C 170 58.13 15.25 -9.44
C THR C 170 58.18 14.83 -7.98
N GLY C 171 59.35 14.41 -7.51
CA GLY C 171 59.58 14.17 -6.11
C GLY C 171 59.02 12.87 -5.57
N ARG C 172 58.46 12.01 -6.42
CA ARG C 172 57.87 10.76 -5.95
C ARG C 172 58.34 9.56 -6.76
N ILE C 173 59.35 9.74 -7.61
CA ILE C 173 59.94 8.65 -8.38
C ILE C 173 61.44 8.65 -8.17
N ARG C 174 62.01 7.48 -7.89
CA ARG C 174 63.43 7.37 -7.63
C ARG C 174 64.01 6.16 -8.34
N LEU C 175 65.17 6.36 -8.97
CA LEU C 175 65.94 5.29 -9.58
C LEU C 175 67.06 4.90 -8.62
N ASP C 176 67.22 3.61 -8.39
CA ASP C 176 68.14 3.08 -7.39
C ASP C 176 69.08 2.07 -8.03
N ILE C 177 70.37 2.24 -7.76
CA ILE C 177 71.42 1.31 -8.18
C ILE C 177 72.16 0.91 -6.90
N GLN C 178 71.76 -0.20 -6.30
CA GLN C 178 72.38 -0.64 -5.06
C GLN C 178 73.76 -1.23 -5.34
N GLY C 179 74.60 -1.22 -4.30
CA GLY C 179 75.96 -1.70 -4.43
C GLY C 179 76.05 -3.21 -4.39
N THR C 180 77.11 -3.73 -3.77
CA THR C 180 77.35 -5.17 -3.69
C THR C 180 77.44 -5.78 -5.09
N GLY C 181 78.02 -5.05 -6.03
CA GLY C 181 78.20 -5.56 -7.37
C GLY C 181 76.90 -5.85 -8.09
N GLN C 182 75.93 -4.95 -8.01
CA GLN C 182 74.63 -5.13 -8.63
C GLN C 182 74.58 -4.41 -9.97
N LEU C 183 74.01 -5.09 -10.97
CA LEU C 183 73.85 -4.55 -12.31
C LEU C 183 72.37 -4.51 -12.68
N LEU C 184 71.53 -4.12 -11.73
CA LEU C 184 70.08 -4.06 -11.91
C LEU C 184 69.57 -2.78 -11.29
N PHE C 185 68.64 -2.10 -11.96
CA PHE C 185 68.15 -0.81 -11.49
C PHE C 185 66.69 -0.92 -11.07
N SER C 186 66.36 -0.26 -9.97
CA SER C 186 65.02 -0.30 -9.41
C SER C 186 64.35 1.06 -9.55
N VAL C 187 63.06 1.06 -9.87
CA VAL C 187 62.25 2.27 -9.96
C VAL C 187 61.21 2.19 -8.84
N VAL C 188 61.26 3.13 -7.91
CA VAL C 188 60.37 3.14 -6.76
C VAL C 188 59.52 4.41 -6.81
N ILE C 189 58.21 4.23 -6.69
CA ILE C 189 57.26 5.33 -6.72
C ILE C 189 56.50 5.33 -5.40
N ASN C 190 56.42 6.51 -4.78
CA ASN C 190 55.74 6.68 -3.50
C ASN C 190 54.47 7.51 -3.70
N GLN C 191 53.46 7.20 -2.89
CA GLN C 191 52.16 7.88 -2.95
C GLN C 191 51.55 7.75 -4.34
N LEU C 192 51.23 6.51 -4.68
CA LEU C 192 50.68 6.18 -5.98
C LEU C 192 49.37 6.94 -6.23
N ARG C 193 49.18 7.34 -7.48
CA ARG C 193 47.99 8.04 -7.92
C ARG C 193 47.17 7.15 -8.86
N LEU C 194 46.09 7.70 -9.39
CA LEU C 194 45.24 7.00 -10.35
C LEU C 194 45.55 7.34 -11.80
N SER C 195 46.54 8.21 -12.04
CA SER C 195 46.89 8.66 -13.38
C SER C 195 48.14 7.98 -13.92
N ASP C 196 48.60 6.90 -13.28
CA ASP C 196 49.82 6.22 -13.68
C ASP C 196 49.57 4.79 -14.17
N ALA C 197 48.33 4.40 -14.37
CA ALA C 197 48.04 3.06 -14.85
C ALA C 197 48.40 2.94 -16.34
N GLY C 198 49.13 1.89 -16.68
CA GLY C 198 49.53 1.68 -18.06
C GLY C 198 50.80 0.86 -18.15
N GLN C 199 51.37 0.84 -19.34
CA GLN C 199 52.53 0.01 -19.64
C GLN C 199 53.79 0.86 -19.69
N TYR C 200 54.83 0.40 -19.00
CA TYR C 200 56.15 1.01 -18.99
C TYR C 200 57.15 0.07 -19.65
N LEU C 201 58.26 0.65 -20.11
CA LEU C 201 59.34 -0.10 -20.71
C LEU C 201 60.67 0.37 -20.14
N CYS C 202 61.65 -0.54 -20.11
CA CYS C 202 63.00 -0.22 -19.71
C CYS C 202 63.87 -0.01 -20.94
N GLN C 203 64.98 0.71 -20.75
CA GLN C 203 65.97 0.85 -21.82
C GLN C 203 67.33 1.10 -21.20
N ALA C 204 68.36 0.51 -21.79
CA ALA C 204 69.74 0.63 -21.33
C ALA C 204 70.55 1.22 -22.48
N GLY C 205 70.55 2.55 -22.58
CA GLY C 205 71.30 3.23 -23.61
C GLY C 205 70.67 3.06 -24.98
N ASP C 206 71.37 3.62 -25.97
CA ASP C 206 70.96 3.54 -27.37
C ASP C 206 71.75 2.48 -28.14
N ASP C 207 72.49 1.64 -27.45
CA ASP C 207 73.31 0.62 -28.10
C ASP C 207 72.43 -0.53 -28.59
N SER C 208 73.06 -1.54 -29.18
CA SER C 208 72.33 -2.67 -29.74
C SER C 208 71.78 -3.59 -28.66
N ASN C 209 72.33 -3.56 -27.45
CA ASN C 209 71.86 -4.43 -26.39
C ASN C 209 70.40 -4.16 -26.09
N SER C 210 70.10 -2.96 -25.60
CA SER C 210 68.73 -2.52 -25.35
C SER C 210 67.93 -3.58 -24.60
N ASN C 211 68.38 -3.86 -23.37
CA ASN C 211 67.75 -4.87 -22.53
C ASN C 211 66.43 -4.30 -21.99
N LYS C 212 65.40 -4.36 -22.84
CA LYS C 212 64.08 -3.87 -22.49
C LYS C 212 63.26 -4.97 -21.81
N LYS C 213 62.26 -4.55 -21.05
CA LYS C 213 61.33 -5.48 -20.42
C LYS C 213 60.04 -4.73 -20.14
N ASN C 214 58.96 -5.11 -20.84
CA ASN C 214 57.68 -4.45 -20.64
C ASN C 214 57.10 -4.80 -19.29
N ALA C 215 56.49 -3.81 -18.64
CA ALA C 215 55.84 -4.00 -17.36
C ALA C 215 54.53 -3.22 -17.34
N ASP C 216 53.64 -3.62 -16.45
CA ASP C 216 52.32 -3.00 -16.34
C ASP C 216 52.11 -2.48 -14.91
N LEU C 217 51.37 -1.37 -14.82
CA LEU C 217 51.07 -0.73 -13.54
C LEU C 217 49.58 -0.51 -13.44
N GLN C 218 48.98 -1.04 -12.38
CA GLN C 218 47.55 -0.89 -12.10
C GLN C 218 47.38 -0.54 -10.64
N VAL C 219 46.37 0.29 -10.34
CA VAL C 219 46.09 0.77 -9.00
C VAL C 219 44.69 0.32 -8.61
N LEU C 220 44.56 -0.27 -7.43
CA LEU C 220 43.31 -0.83 -6.96
C LEU C 220 42.67 0.11 -5.94
N LYS C 221 41.42 0.49 -6.19
CA LYS C 221 40.68 1.33 -5.27
C LYS C 221 40.20 0.50 -4.09
N PRO C 222 39.84 1.14 -2.98
CA PRO C 222 39.34 0.39 -1.83
C PRO C 222 37.98 -0.24 -2.12
N GLU C 223 37.65 -1.26 -1.34
CA GLU C 223 36.38 -1.95 -1.49
C GLU C 223 35.42 -1.47 -0.40
N PRO C 224 34.32 -0.80 -0.74
CA PRO C 224 33.44 -0.28 0.31
C PRO C 224 32.91 -1.39 1.21
N GLU C 225 33.14 -1.24 2.50
CA GLU C 225 32.64 -2.17 3.50
C GLU C 225 31.24 -1.73 3.88
N LEU C 226 30.25 -2.52 3.50
CA LEU C 226 28.85 -2.10 3.60
C LEU C 226 28.41 -2.05 5.06
N VAL C 227 27.80 -0.93 5.45
CA VAL C 227 27.22 -0.76 6.77
C VAL C 227 25.74 -0.47 6.60
N TYR C 228 24.90 -1.24 7.29
CA TYR C 228 23.45 -1.15 7.18
C TYR C 228 22.89 -0.77 8.54
N GLU C 229 22.64 0.51 8.74
CA GLU C 229 22.15 1.03 10.02
C GLU C 229 20.74 1.58 9.84
N ASP C 230 20.10 1.87 10.97
CA ASP C 230 18.74 2.37 11.00
C ASP C 230 18.72 3.89 11.02
N LEU C 231 17.54 4.46 10.75
CA LEU C 231 17.34 5.87 11.00
C LEU C 231 17.54 6.16 12.48
N ARG C 232 18.01 7.36 12.77
CA ARG C 232 18.29 7.80 14.15
C ARG C 232 18.90 6.67 14.97
N GLY C 233 19.99 6.11 14.45
CA GLY C 233 20.71 5.04 15.11
C GLY C 233 22.14 5.44 15.46
N SER C 234 23.11 4.81 14.79
CA SER C 234 24.51 5.16 14.97
C SER C 234 25.35 4.29 14.06
N VAL C 235 26.52 4.82 13.68
CA VAL C 235 27.49 4.10 12.87
C VAL C 235 28.85 4.26 13.51
N THR C 236 29.71 3.27 13.33
CA THR C 236 31.07 3.29 13.88
C THR C 236 32.04 2.91 12.78
N PHE C 237 33.12 3.69 12.65
CA PHE C 237 34.15 3.45 11.65
C PHE C 237 35.47 3.21 12.37
N HIS C 238 35.96 1.98 12.32
CA HIS C 238 37.21 1.61 12.97
C HIS C 238 38.35 1.80 11.99
N CYS C 239 38.79 3.05 11.84
CA CYS C 239 39.85 3.36 10.89
C CYS C 239 41.17 2.82 11.45
N ALA C 240 41.80 1.91 10.71
CA ALA C 240 43.00 1.19 11.15
C ALA C 240 44.04 1.18 10.05
N LEU C 241 44.29 2.34 9.44
CA LEU C 241 45.28 2.44 8.38
C LEU C 241 46.63 1.93 8.87
N GLY C 242 47.55 1.76 7.92
CA GLY C 242 48.84 1.18 8.21
C GLY C 242 49.68 2.07 9.12
N PRO C 243 50.65 1.47 9.81
CA PRO C 243 51.49 2.28 10.73
C PRO C 243 52.28 3.36 10.03
N GLU C 244 52.64 3.17 8.75
CA GLU C 244 53.47 4.14 8.05
C GLU C 244 52.82 5.52 8.00
N VAL C 245 51.49 5.60 8.10
CA VAL C 245 50.79 6.88 8.11
C VAL C 245 50.20 7.11 9.49
N ALA C 246 50.82 6.52 10.52
CA ALA C 246 50.33 6.67 11.88
C ALA C 246 50.58 8.07 12.45
N ASN C 247 51.36 8.90 11.76
CA ASN C 247 51.65 10.26 12.21
C ASN C 247 51.20 11.31 11.20
N VAL C 248 50.21 10.98 10.38
CA VAL C 248 49.68 11.90 9.37
C VAL C 248 48.30 12.36 9.82
N ALA C 249 47.82 13.44 9.22
CA ALA C 249 46.53 14.01 9.61
C ALA C 249 45.41 13.17 8.99
N LYS C 250 44.64 12.50 9.84
CA LYS C 250 43.56 11.65 9.37
C LYS C 250 42.32 12.49 9.06
N PHE C 251 41.61 12.09 8.02
CA PHE C 251 40.39 12.78 7.61
C PHE C 251 39.31 11.75 7.29
N LEU C 252 38.06 12.18 7.43
CA LEU C 252 36.88 11.35 7.15
C LEU C 252 36.01 12.10 6.16
N CYS C 253 36.27 11.91 4.87
CA CYS C 253 35.53 12.58 3.82
C CYS C 253 34.11 12.04 3.71
N ARG C 254 33.37 12.61 2.76
CA ARG C 254 32.08 12.08 2.35
C ARG C 254 31.90 12.43 0.87
N GLN C 255 31.86 11.40 0.02
CA GLN C 255 31.75 11.62 -1.40
C GLN C 255 30.40 12.25 -1.73
N SER C 256 30.27 12.71 -2.97
CA SER C 256 29.05 13.35 -3.44
C SER C 256 28.90 13.08 -4.93
N SER C 257 27.99 13.82 -5.57
CA SER C 257 27.73 13.63 -6.99
C SER C 257 28.90 14.13 -7.84
N GLY C 258 29.50 15.25 -7.44
CA GLY C 258 30.56 15.85 -8.23
C GLY C 258 31.94 15.33 -7.86
N GLU C 259 31.98 14.20 -7.16
CA GLU C 259 33.25 13.59 -6.73
C GLU C 259 34.10 14.60 -5.97
N ASN C 260 33.46 15.37 -5.10
CA ASN C 260 34.12 16.40 -4.31
C ASN C 260 33.96 16.07 -2.82
N CYS C 261 35.07 16.03 -2.11
CA CYS C 261 35.04 15.75 -0.68
C CYS C 261 34.28 16.84 0.07
N ASP C 262 33.63 16.43 1.16
CA ASP C 262 32.97 17.33 2.10
C ASP C 262 33.31 16.80 3.49
N VAL C 263 34.46 17.24 4.02
CA VAL C 263 35.02 16.63 5.20
C VAL C 263 34.03 16.66 6.36
N VAL C 264 33.82 15.51 6.98
CA VAL C 264 32.96 15.45 8.16
C VAL C 264 33.76 15.74 9.41
N VAL C 265 34.90 15.08 9.58
CA VAL C 265 35.74 15.28 10.75
C VAL C 265 37.21 15.03 10.40
N ASN C 266 38.05 16.04 10.59
CA ASN C 266 39.48 15.92 10.43
C ASN C 266 40.13 15.63 11.77
N THR C 267 41.44 15.43 11.75
CA THR C 267 42.23 15.35 12.96
C THR C 267 42.87 16.69 13.32
N LEU C 268 42.61 17.74 12.54
CA LEU C 268 43.08 19.08 12.82
C LEU C 268 42.00 19.97 13.42
N GLY C 269 41.08 19.39 14.19
CA GLY C 269 40.03 20.16 14.82
C GLY C 269 39.05 20.80 13.87
N LYS C 270 38.69 20.10 12.81
CA LYS C 270 37.69 20.56 11.86
C LYS C 270 36.48 19.64 11.91
N ARG C 271 35.32 20.19 11.54
CA ARG C 271 34.07 19.44 11.66
C ARG C 271 32.97 20.19 10.92
N ALA C 272 32.21 19.49 10.10
CA ALA C 272 31.15 20.13 9.35
C ALA C 272 30.06 20.60 10.29
N PRO C 273 29.39 21.72 9.98
CA PRO C 273 28.35 22.21 10.89
C PRO C 273 27.20 21.23 11.08
N ALA C 274 26.81 20.51 10.03
CA ALA C 274 25.67 19.60 10.14
C ALA C 274 25.93 18.53 11.18
N PHE C 275 27.14 17.97 11.19
CA PHE C 275 27.50 16.91 12.12
C PHE C 275 27.95 17.45 13.47
N GLU C 276 27.54 18.67 13.82
CA GLU C 276 27.95 19.25 15.09
C GLU C 276 27.35 18.49 16.25
N GLY C 277 28.18 18.18 17.25
CA GLY C 277 27.66 17.63 18.48
C GLY C 277 27.14 16.22 18.41
N ARG C 278 27.52 15.46 17.39
CA ARG C 278 27.12 14.05 17.34
C ARG C 278 28.19 13.13 16.77
N ILE C 279 29.40 13.60 16.48
CA ILE C 279 30.44 12.76 15.91
C ILE C 279 31.67 12.83 16.80
N LEU C 280 32.20 11.66 17.16
CA LEU C 280 33.41 11.54 17.96
C LEU C 280 34.62 11.37 17.05
N LEU C 281 35.80 11.38 17.68
CA LEU C 281 37.05 11.01 17.00
C LEU C 281 37.99 10.49 18.07
N ASN C 282 37.97 9.18 18.28
CA ASN C 282 38.75 8.60 19.36
C ASN C 282 40.23 8.66 19.03
N PRO C 283 41.09 8.72 20.04
CA PRO C 283 42.54 8.71 19.77
C PRO C 283 42.99 7.38 19.20
N GLN C 284 43.98 7.45 18.32
CA GLN C 284 44.49 6.24 17.69
C GLN C 284 45.40 5.48 18.65
N ASP C 285 45.44 4.17 18.45
CA ASP C 285 46.20 3.26 19.31
C ASP C 285 47.61 3.09 18.74
N LYS C 286 48.33 2.08 19.22
CA LYS C 286 49.70 1.87 18.79
C LYS C 286 49.80 1.75 17.27
N ASP C 287 48.94 0.94 16.66
CA ASP C 287 48.99 0.72 15.22
C ASP C 287 48.17 1.73 14.44
N GLY C 288 47.49 2.65 15.11
CA GLY C 288 46.68 3.65 14.44
C GLY C 288 45.20 3.34 14.37
N SER C 289 44.70 2.42 15.20
CA SER C 289 43.32 1.95 15.10
C SER C 289 42.44 2.80 16.00
N PHE C 290 41.78 3.81 15.41
CA PHE C 290 40.84 4.66 16.13
C PHE C 290 39.43 4.43 15.64
N SER C 291 38.46 4.89 16.42
CA SER C 291 37.05 4.71 16.12
C SER C 291 36.39 6.07 15.99
N VAL C 292 35.69 6.27 14.88
CA VAL C 292 34.91 7.48 14.62
C VAL C 292 33.44 7.10 14.72
N VAL C 293 32.74 7.65 15.70
CA VAL C 293 31.35 7.31 15.96
C VAL C 293 30.49 8.45 15.46
N ILE C 294 29.48 8.13 14.65
CA ILE C 294 28.56 9.11 14.09
C ILE C 294 27.16 8.66 14.47
N THR C 295 26.55 9.35 15.42
CA THR C 295 25.21 9.00 15.89
C THR C 295 24.19 9.93 15.24
N GLY C 296 22.95 9.80 15.69
CA GLY C 296 21.89 10.63 15.17
C GLY C 296 21.75 10.50 13.67
N LEU C 297 21.76 9.27 13.17
CA LEU C 297 21.66 9.06 11.74
C LEU C 297 20.36 9.64 11.22
N ARG C 298 20.37 10.04 9.94
CA ARG C 298 19.22 10.67 9.33
C ARG C 298 19.08 10.19 7.90
N LYS C 299 18.14 10.77 7.17
CA LYS C 299 17.89 10.35 5.80
C LYS C 299 19.06 10.75 4.89
N GLU C 300 19.68 11.89 5.16
CA GLU C 300 20.73 12.41 4.30
C GLU C 300 22.13 12.03 4.78
N ASP C 301 22.24 11.21 5.83
CA ASP C 301 23.53 10.80 6.37
C ASP C 301 23.96 9.45 5.81
N ALA C 302 23.58 9.14 4.57
CA ALA C 302 23.96 7.89 3.92
C ALA C 302 24.76 8.20 2.66
N GLY C 303 25.94 7.62 2.57
CA GLY C 303 26.82 7.90 1.45
C GLY C 303 28.16 7.20 1.65
N ARG C 304 29.10 7.52 0.77
CA ARG C 304 30.42 6.90 0.77
C ARG C 304 31.35 7.73 1.64
N TYR C 305 31.98 7.07 2.62
CA TYR C 305 32.90 7.71 3.56
C TYR C 305 34.31 7.23 3.26
N LEU C 306 35.22 8.16 2.98
CA LEU C 306 36.59 7.85 2.58
C LEU C 306 37.55 8.31 3.69
N CYS C 307 37.72 7.47 4.70
CA CYS C 307 38.61 7.76 5.81
C CYS C 307 40.05 7.43 5.42
N GLY C 308 40.91 8.43 5.50
CA GLY C 308 42.28 8.26 5.08
C GLY C 308 43.20 9.21 5.82
N ALA C 309 44.39 9.43 5.24
CA ALA C 309 45.38 10.31 5.85
C ALA C 309 46.00 11.21 4.79
N HIS C 310 46.32 12.43 5.19
CA HIS C 310 47.07 13.38 4.36
C HIS C 310 47.76 14.36 5.29
N SER C 311 48.74 15.08 4.74
CA SER C 311 49.47 16.05 5.54
C SER C 311 48.55 17.17 6.04
N ASP C 312 47.68 17.67 5.17
CA ASP C 312 46.78 18.76 5.53
C ASP C 312 45.39 18.29 5.94
N GLY C 313 45.07 17.01 5.74
CA GLY C 313 43.79 16.48 6.14
C GLY C 313 42.69 16.57 5.11
N GLN C 314 43.02 16.78 3.83
CA GLN C 314 42.04 16.80 2.77
C GLN C 314 42.39 15.75 1.72
N LEU C 315 41.37 15.17 1.12
CA LEU C 315 41.58 14.13 0.12
C LEU C 315 42.39 14.70 -1.05
N GLN C 316 43.51 14.05 -1.35
CA GLN C 316 44.35 14.47 -2.46
C GLN C 316 45.08 13.24 -2.99
N GLU C 317 45.57 13.36 -4.22
CA GLU C 317 46.30 12.25 -4.83
C GLU C 317 47.50 11.88 -3.98
N GLY C 318 47.69 10.57 -3.77
CA GLY C 318 48.76 10.08 -2.95
C GLY C 318 48.42 9.84 -1.50
N SER C 319 47.13 9.78 -1.16
CA SER C 319 46.70 9.60 0.22
C SER C 319 46.09 8.22 0.40
N PRO C 320 46.60 7.36 1.27
CA PRO C 320 45.89 6.11 1.55
C PRO C 320 44.52 6.39 2.15
N ILE C 321 43.53 5.60 1.72
CA ILE C 321 42.15 5.82 2.09
C ILE C 321 41.53 4.49 2.51
N GLN C 322 40.25 4.55 2.91
CA GLN C 322 39.50 3.37 3.31
C GLN C 322 38.03 3.69 3.13
N ALA C 323 37.40 3.09 2.12
CA ALA C 323 36.05 3.46 1.74
C ALA C 323 35.01 2.82 2.66
N TRP C 324 33.76 3.23 2.47
CA TRP C 324 32.62 2.69 3.19
C TRP C 324 31.36 2.94 2.38
N GLN C 325 30.23 2.51 2.93
CA GLN C 325 28.93 2.73 2.29
C GLN C 325 27.85 2.52 3.34
N LEU C 326 27.20 3.60 3.77
CA LEU C 326 26.20 3.56 4.81
C LEU C 326 24.81 3.57 4.20
N PHE C 327 23.92 2.72 4.72
CA PHE C 327 22.53 2.68 4.29
C PHE C 327 21.65 2.84 5.52
N VAL C 328 20.88 3.92 5.54
CA VAL C 328 19.95 4.17 6.63
C VAL C 328 18.62 3.48 6.32
N ASN C 329 18.19 2.62 7.24
CA ASN C 329 17.05 1.76 6.95
C ASN C 329 15.80 2.56 6.61
N GLU C 330 15.43 3.51 7.47
CA GLU C 330 14.23 4.32 7.39
C GLU C 330 12.98 3.53 7.72
N GLU C 331 13.07 2.21 7.78
CA GLU C 331 12.08 1.38 8.45
C GLU C 331 12.60 0.99 9.84
N SER C 332 12.91 2.01 10.62
CA SER C 332 13.61 1.81 11.88
C SER C 332 12.65 1.35 12.96
N THR C 333 13.11 0.43 13.79
CA THR C 333 12.40 0.03 14.99
C THR C 333 12.81 0.84 16.21
N ILE C 334 13.72 1.79 16.06
CA ILE C 334 14.15 2.62 17.18
C ILE C 334 13.05 3.63 17.51
N PRO C 335 12.59 3.71 18.75
CA PRO C 335 11.54 4.69 19.07
C PRO C 335 12.00 6.10 18.73
N ARG C 336 11.07 6.90 18.21
CA ARG C 336 11.36 8.28 17.82
C ARG C 336 11.19 9.19 19.04
N SER C 337 12.08 9.01 20.00
CA SER C 337 12.04 9.81 21.21
C SER C 337 12.38 11.26 20.89
N PRO C 338 11.95 12.20 21.73
CA PRO C 338 12.23 13.62 21.46
C PRO C 338 13.72 13.87 21.36
N THR C 339 14.10 14.70 20.38
CA THR C 339 15.49 15.05 20.14
C THR C 339 15.92 16.34 20.82
N VAL C 340 14.97 17.17 21.24
CA VAL C 340 15.25 18.44 21.88
C VAL C 340 14.44 18.50 23.18
N VAL C 341 15.10 18.87 24.27
CA VAL C 341 14.46 19.02 25.56
C VAL C 341 14.72 20.44 26.06
N LYS C 342 13.65 21.16 26.38
CA LYS C 342 13.74 22.49 26.94
C LYS C 342 13.67 22.37 28.46
N GLY C 343 14.70 22.87 29.14
CA GLY C 343 14.73 22.88 30.59
C GLY C 343 14.67 24.31 31.10
N VAL C 344 14.10 24.47 32.29
CA VAL C 344 13.96 25.78 32.91
C VAL C 344 15.05 25.95 33.95
N ALA C 345 15.84 27.00 33.82
CA ALA C 345 16.96 27.22 34.73
C ALA C 345 16.50 27.11 36.17
N GLY C 346 17.20 26.29 36.95
CA GLY C 346 16.77 25.96 38.30
C GLY C 346 15.75 24.87 38.38
N GLY C 347 15.16 24.48 37.25
CA GLY C 347 14.18 23.41 37.23
C GLY C 347 14.84 22.06 37.08
N SER C 348 14.46 21.30 36.06
CA SER C 348 15.02 19.97 35.86
C SER C 348 14.53 19.44 34.53
N VAL C 349 15.05 18.27 34.17
CA VAL C 349 14.60 17.51 33.01
C VAL C 349 14.43 16.06 33.43
N ALA C 350 13.98 15.22 32.48
CA ALA C 350 13.99 13.78 32.65
C ALA C 350 14.00 13.18 31.25
N VAL C 351 15.17 12.77 30.79
CA VAL C 351 15.33 12.32 29.41
C VAL C 351 15.23 10.81 29.37
N LEU C 352 14.35 10.30 28.52
CA LEU C 352 14.13 8.86 28.36
C LEU C 352 15.04 8.37 27.24
N CYS C 353 16.13 7.71 27.63
CA CYS C 353 17.11 7.21 26.67
C CYS C 353 16.78 5.78 26.31
N PRO C 354 16.54 5.46 25.04
CA PRO C 354 16.19 4.09 24.67
C PRO C 354 17.40 3.21 24.39
N TYR C 355 17.18 1.90 24.56
CA TYR C 355 18.14 0.88 24.18
C TYR C 355 17.37 -0.28 23.57
N ASN C 356 18.05 -1.42 23.42
CA ASN C 356 17.42 -2.63 22.90
C ASN C 356 17.02 -3.52 24.07
N ARG C 357 15.84 -4.13 23.99
CA ARG C 357 15.30 -4.90 25.10
C ARG C 357 16.09 -6.17 25.38
N LYS C 358 16.96 -6.59 24.47
CA LYS C 358 17.72 -7.83 24.68
C LYS C 358 18.82 -7.64 25.72
N GLU C 359 19.33 -6.43 25.89
CA GLU C 359 20.42 -6.15 26.82
C GLU C 359 19.92 -5.45 28.08
N SER C 360 18.76 -5.85 28.59
CA SER C 360 18.21 -5.20 29.77
C SER C 360 19.10 -5.35 30.99
N LYS C 361 20.02 -6.33 30.99
CA LYS C 361 20.88 -6.60 32.12
C LYS C 361 22.23 -5.90 32.01
N SER C 362 22.44 -5.07 31.00
CA SER C 362 23.70 -4.34 30.83
C SER C 362 23.74 -3.16 31.80
N ILE C 363 24.75 -2.31 31.64
CA ILE C 363 24.90 -1.12 32.46
C ILE C 363 24.96 0.10 31.55
N LYS C 364 24.39 1.20 32.03
CA LYS C 364 24.08 2.36 31.22
C LYS C 364 25.01 3.53 31.57
N TYR C 365 25.10 4.47 30.65
CA TYR C 365 25.99 5.61 30.78
C TYR C 365 25.33 6.86 30.22
N TRP C 366 25.53 7.99 30.89
CA TRP C 366 25.04 9.29 30.44
C TRP C 366 26.24 10.21 30.27
N CYS C 367 26.45 10.70 29.05
CA CYS C 367 27.69 11.39 28.70
C CYS C 367 27.39 12.80 28.24
N LEU C 368 27.93 13.78 28.96
CA LEU C 368 27.96 15.16 28.49
C LEU C 368 28.88 15.26 27.29
N TRP C 369 28.32 15.52 26.11
CA TRP C 369 29.15 15.78 24.95
C TRP C 369 29.98 17.03 25.19
N GLU C 370 31.24 17.00 24.75
CA GLU C 370 32.11 18.16 24.81
C GLU C 370 32.87 18.29 23.51
N GLY C 371 32.87 19.49 22.95
CA GLY C 371 33.66 19.77 21.77
C GLY C 371 35.06 20.25 22.13
N ALA C 372 35.44 21.43 21.62
CA ALA C 372 36.71 22.07 21.93
C ALA C 372 37.91 21.20 21.56
N GLN C 373 37.68 20.09 20.85
CA GLN C 373 38.74 19.18 20.45
C GLN C 373 38.29 18.51 19.15
N ASN C 374 38.95 17.41 18.78
CA ASN C 374 38.45 16.61 17.69
C ASN C 374 37.06 16.05 18.01
N GLY C 375 36.77 15.84 19.29
CA GLY C 375 35.52 15.24 19.71
C GLY C 375 35.74 14.40 20.95
N ARG C 376 34.82 14.46 21.90
CA ARG C 376 34.97 13.71 23.13
C ARG C 376 33.60 13.51 23.77
N CYS C 377 33.54 12.57 24.71
CA CYS C 377 32.28 12.18 25.30
C CYS C 377 32.50 11.41 26.59
N PRO C 378 32.81 12.10 27.69
CA PRO C 378 33.03 11.38 28.96
C PRO C 378 31.75 11.09 29.71
N LEU C 379 31.80 10.03 30.51
CA LEU C 379 30.65 9.63 31.30
C LEU C 379 30.36 10.65 32.40
N LEU C 380 29.11 10.68 32.84
CA LEU C 380 28.69 11.45 34.00
C LEU C 380 28.11 10.56 35.09
N VAL C 381 27.22 9.65 34.73
CA VAL C 381 26.66 8.67 35.65
C VAL C 381 26.60 7.34 34.95
N ASP C 382 26.92 6.28 35.69
CA ASP C 382 26.79 4.90 35.21
C ASP C 382 25.76 4.16 36.05
N SER C 383 25.25 3.07 35.50
CA SER C 383 24.21 2.31 36.20
C SER C 383 24.73 1.57 37.41
N GLU C 384 26.01 1.22 37.46
CA GLU C 384 26.53 0.42 38.55
C GLU C 384 26.64 1.18 39.86
N GLY C 385 26.59 2.51 39.83
CA GLY C 385 26.62 3.30 41.04
C GLY C 385 27.80 4.23 41.14
N TRP C 386 28.24 4.78 40.00
CA TRP C 386 29.29 5.79 39.97
C TRP C 386 28.72 7.07 39.39
N VAL C 387 28.88 8.17 40.12
CA VAL C 387 28.39 9.48 39.70
C VAL C 387 29.54 10.47 39.73
N LYS C 388 29.68 11.22 38.64
CA LYS C 388 30.77 12.18 38.52
C LYS C 388 30.85 13.06 39.77
N ALA C 389 32.06 13.56 40.03
CA ALA C 389 32.27 14.39 41.21
C ALA C 389 31.50 15.70 41.10
N GLN C 390 31.53 16.33 39.93
CA GLN C 390 30.89 17.64 39.77
C GLN C 390 29.37 17.54 39.78
N TYR C 391 28.82 16.39 39.36
CA TYR C 391 27.37 16.20 39.28
C TYR C 391 26.81 15.48 40.49
N GLU C 392 27.40 15.70 41.66
CA GLU C 392 26.90 15.07 42.87
C GLU C 392 25.55 15.67 43.28
N GLY C 393 24.62 14.80 43.63
CA GLY C 393 23.32 15.22 44.11
C GLY C 393 22.36 15.74 43.07
N ARG C 394 22.83 16.03 41.85
CA ARG C 394 22.01 16.63 40.82
C ARG C 394 22.04 15.83 39.52
N LEU C 395 22.12 14.50 39.62
CA LEU C 395 22.05 13.65 38.45
C LEU C 395 21.77 12.23 38.90
N SER C 396 20.89 11.55 38.17
CA SER C 396 20.63 10.14 38.44
C SER C 396 20.24 9.46 37.14
N LEU C 397 20.43 8.15 37.10
CA LEU C 397 20.11 7.32 35.94
C LEU C 397 19.33 6.11 36.44
N LEU C 398 18.00 6.19 36.35
CA LEU C 398 17.12 5.15 36.86
C LEU C 398 16.70 4.21 35.74
N GLU C 399 16.76 2.92 36.02
CA GLU C 399 16.24 1.90 35.11
C GLU C 399 14.79 1.56 35.43
N GLU C 400 13.92 2.57 35.43
CA GLU C 400 12.56 2.32 35.89
C GLU C 400 11.67 1.83 34.75
N PRO C 401 11.66 2.48 33.58
CA PRO C 401 10.84 1.93 32.48
C PRO C 401 11.16 0.48 32.16
N GLY C 402 12.45 0.12 32.16
CA GLY C 402 12.85 -1.27 32.14
C GLY C 402 12.27 -2.10 31.02
N ASN C 403 11.88 -1.47 29.90
CA ASN C 403 11.32 -2.19 28.76
C ASN C 403 11.83 -1.61 27.46
N GLY C 404 13.12 -1.27 27.42
CA GLY C 404 13.72 -0.64 26.26
C GLY C 404 14.07 0.83 26.46
N THR C 405 14.12 1.31 27.69
CA THR C 405 14.40 2.72 27.94
C THR C 405 14.76 2.90 29.41
N PHE C 406 15.58 3.91 29.69
CA PHE C 406 15.92 4.29 31.05
C PHE C 406 15.89 5.80 31.18
N THR C 407 15.55 6.28 32.37
CA THR C 407 15.42 7.71 32.59
C THR C 407 16.73 8.29 33.14
N VAL C 408 17.05 9.50 32.72
CA VAL C 408 18.14 10.26 33.30
C VAL C 408 17.56 11.57 33.82
N ILE C 409 17.68 11.79 35.13
CA ILE C 409 17.12 12.94 35.81
C ILE C 409 18.25 13.91 36.13
N LEU C 410 18.11 15.14 35.68
CA LEU C 410 19.13 16.18 35.85
C LEU C 410 18.39 17.46 36.27
N ASN C 411 18.54 17.83 37.53
CA ASN C 411 17.92 19.03 38.05
C ASN C 411 18.98 20.09 38.34
N GLN C 412 18.55 21.23 38.87
CA GLN C 412 19.44 22.37 39.06
C GLN C 412 20.12 22.75 37.75
N LEU C 413 19.33 22.80 36.69
CA LEU C 413 19.85 23.26 35.41
C LEU C 413 20.31 24.70 35.54
N THR C 414 21.36 25.04 34.81
CA THR C 414 21.90 26.39 34.76
C THR C 414 22.12 26.76 33.29
N SER C 415 22.76 27.90 33.06
CA SER C 415 23.10 28.29 31.71
C SER C 415 24.27 27.49 31.16
N ARG C 416 25.06 26.87 32.03
CA ARG C 416 26.20 26.06 31.63
C ARG C 416 25.85 24.59 31.44
N ASP C 417 24.59 24.22 31.64
CA ASP C 417 24.14 22.84 31.57
C ASP C 417 23.49 22.49 30.25
N ALA C 418 23.38 23.43 29.32
CA ALA C 418 22.81 23.15 28.01
C ALA C 418 23.79 22.33 27.18
N GLY C 419 23.32 21.86 26.03
CA GLY C 419 24.17 21.23 25.05
C GLY C 419 23.74 19.82 24.74
N PHE C 420 24.51 19.17 23.89
CA PHE C 420 24.23 17.82 23.45
C PHE C 420 24.61 16.82 24.53
N TYR C 421 23.91 15.69 24.55
CA TYR C 421 24.21 14.62 25.47
C TYR C 421 23.99 13.28 24.78
N TRP C 422 24.71 12.27 25.24
CA TRP C 422 24.64 10.92 24.69
C TRP C 422 24.25 9.92 25.78
N CYS C 423 23.66 8.82 25.35
CA CYS C 423 23.36 7.71 26.22
C CYS C 423 24.00 6.45 25.65
N LEU C 424 24.59 5.65 26.54
CA LEU C 424 25.37 4.49 26.15
C LEU C 424 24.96 3.30 27.01
N THR C 425 25.31 2.10 26.53
CA THR C 425 25.12 0.87 27.27
C THR C 425 26.33 -0.02 27.04
N ASN C 426 26.33 -1.18 27.68
CA ASN C 426 27.39 -2.16 27.53
C ASN C 426 27.07 -3.22 26.50
N GLY C 427 25.92 -3.16 25.85
CA GLY C 427 25.51 -4.20 24.93
C GLY C 427 26.11 -4.05 23.55
N ASP C 428 25.91 -5.09 22.74
CA ASP C 428 26.42 -5.07 21.37
C ASP C 428 25.56 -4.18 20.47
N THR C 429 24.25 -4.25 20.62
CA THR C 429 23.33 -3.42 19.83
C THR C 429 23.27 -2.05 20.49
N LEU C 430 24.16 -1.17 20.06
CA LEU C 430 24.38 0.12 20.70
C LEU C 430 23.80 1.22 19.82
N TRP C 431 22.78 1.90 20.33
CA TRP C 431 22.31 3.16 19.77
C TRP C 431 22.81 4.28 20.69
N ARG C 432 23.55 5.23 20.11
CA ARG C 432 24.01 6.40 20.85
C ARG C 432 23.06 7.54 20.51
N THR C 433 21.90 7.52 21.17
CA THR C 433 20.88 8.52 20.90
C THR C 433 21.30 9.86 21.48
N THR C 434 21.41 10.87 20.63
CA THR C 434 21.84 12.20 21.04
C THR C 434 20.63 13.07 21.35
N VAL C 435 20.58 13.62 22.56
CA VAL C 435 19.50 14.49 23.00
C VAL C 435 20.09 15.83 23.41
N GLU C 436 19.52 16.91 22.91
CA GLU C 436 20.02 18.26 23.18
C GLU C 436 19.17 18.90 24.26
N ILE C 437 19.82 19.48 25.26
CA ILE C 437 19.14 20.21 26.33
C ILE C 437 19.29 21.69 26.05
N LYS C 438 18.18 22.34 25.73
CA LYS C 438 18.12 23.79 25.59
C LYS C 438 17.61 24.39 26.90
N ILE C 439 18.27 25.43 27.37
CA ILE C 439 17.91 26.07 28.63
C ILE C 439 17.10 27.32 28.33
N ILE C 440 15.93 27.42 28.97
CA ILE C 440 15.02 28.54 28.80
C ILE C 440 14.78 29.17 30.16
N GLU C 441 14.72 30.50 30.19
CA GLU C 441 14.47 31.23 31.42
C GLU C 441 12.99 31.15 31.79
N GLY C 442 12.72 30.79 33.03
CA GLY C 442 11.35 30.67 33.48
C GLY C 442 11.33 30.11 34.89
N GLU C 443 10.17 30.24 35.52
CA GLU C 443 10.02 29.76 36.89
C GLU C 443 9.89 28.24 36.89
N PRO C 444 10.69 27.53 37.67
CA PRO C 444 10.50 26.07 37.78
C PRO C 444 9.12 25.75 38.34
N ASN C 445 8.50 24.70 37.79
CA ASN C 445 7.18 24.31 38.26
C ASN C 445 7.22 23.90 39.72
N LEU C 446 8.20 23.09 40.10
CA LEU C 446 8.34 22.60 41.46
C LEU C 446 9.21 23.58 42.26
N LYS C 447 8.64 24.17 43.30
CA LYS C 447 9.36 25.11 44.14
C LYS C 447 10.29 24.34 45.08
N VAL C 448 11.54 24.77 45.15
CA VAL C 448 12.61 24.06 45.86
C VAL C 448 12.61 24.28 47.36
N PRO C 449 12.19 25.45 47.88
CA PRO C 449 12.82 25.98 49.10
C PRO C 449 14.29 25.68 49.27
N GLY C 450 15.05 26.73 49.59
CA GLY C 450 16.50 26.68 49.61
C GLY C 450 17.08 25.65 50.55
N ASN C 451 18.40 25.59 50.63
CA ASN C 451 19.07 24.52 51.35
C ASN C 451 19.11 24.83 52.84
N VAL C 452 18.80 23.81 53.64
CA VAL C 452 18.43 24.00 55.04
C VAL C 452 19.46 23.35 55.95
N THR C 453 19.53 23.85 57.17
CA THR C 453 20.40 23.33 58.22
C THR C 453 19.57 23.00 59.44
N ALA C 454 19.90 21.88 60.09
CA ALA C 454 19.19 21.42 61.27
C ALA C 454 20.17 21.20 62.42
N VAL C 455 19.70 21.43 63.64
CA VAL C 455 20.51 21.14 64.80
C VAL C 455 20.48 19.65 65.10
N LEU C 456 21.55 19.15 65.71
CA LEU C 456 21.66 17.72 65.97
C LEU C 456 20.47 17.24 66.80
N GLY C 457 19.90 16.10 66.39
CA GLY C 457 18.78 15.53 67.11
C GLY C 457 17.55 16.41 67.13
N GLU C 458 17.21 17.03 66.00
CA GLU C 458 16.03 17.86 65.90
C GLU C 458 15.22 17.45 64.68
N THR C 459 13.92 17.26 64.87
CA THR C 459 13.04 16.92 63.76
C THR C 459 13.02 18.05 62.74
N LEU C 460 13.10 17.70 61.45
CA LEU C 460 13.14 18.68 60.38
C LEU C 460 11.99 18.42 59.41
N LYS C 461 11.20 19.46 59.13
CA LYS C 461 10.12 19.37 58.16
C LYS C 461 10.44 20.30 56.99
N VAL C 462 10.42 19.74 55.78
CA VAL C 462 10.73 20.51 54.57
C VAL C 462 9.68 20.21 53.51
N PRO C 463 8.82 21.18 53.16
CA PRO C 463 7.90 20.96 52.05
C PRO C 463 8.38 21.58 50.74
N CYS C 464 7.98 20.99 49.61
CA CYS C 464 8.19 21.57 48.30
C CYS C 464 6.86 21.66 47.58
N HIS C 465 6.60 22.83 47.00
CA HIS C 465 5.32 23.13 46.36
C HIS C 465 5.33 22.69 44.90
N PHE C 466 4.16 22.26 44.43
CA PHE C 466 4.00 21.81 43.05
C PHE C 466 2.70 22.35 42.50
N PRO C 467 2.57 22.50 41.19
CA PRO C 467 1.26 22.84 40.61
C PRO C 467 0.29 21.68 40.77
N CYS C 468 -0.99 22.00 40.71
CA CYS C 468 -1.99 20.95 40.79
C CYS C 468 -2.27 20.30 39.44
N LYS C 469 -1.68 20.82 38.37
CA LYS C 469 -1.59 20.03 37.14
C LYS C 469 -0.81 18.75 37.39
N PHE C 470 0.13 18.78 38.33
CA PHE C 470 0.87 17.59 38.74
C PHE C 470 0.12 16.77 39.77
N SER C 471 -1.03 17.25 40.25
CA SER C 471 -1.77 16.52 41.28
C SER C 471 -2.11 15.11 40.81
N SER C 472 -2.38 14.92 39.52
CA SER C 472 -2.66 13.59 39.01
C SER C 472 -1.44 12.69 39.16
N TYR C 473 -0.24 13.21 38.87
CA TYR C 473 0.96 12.40 38.94
C TYR C 473 1.31 12.05 40.39
N GLU C 474 1.96 10.91 40.56
CA GLU C 474 2.47 10.51 41.86
C GLU C 474 3.62 11.43 42.26
N LYS C 475 3.78 11.62 43.56
CA LYS C 475 4.75 12.57 44.11
C LYS C 475 5.69 11.83 45.06
N TYR C 476 6.99 12.13 44.95
CA TYR C 476 8.03 11.39 45.66
C TYR C 476 9.17 12.32 46.04
N TRP C 477 10.08 11.81 46.87
CA TRP C 477 11.23 12.58 47.34
C TRP C 477 12.56 11.98 46.88
N CYS C 478 12.77 10.68 47.10
CA CYS C 478 13.93 10.00 46.55
C CYS C 478 15.25 10.61 47.06
N LYS C 479 15.50 10.48 48.36
CA LYS C 479 16.80 10.87 48.92
C LYS C 479 17.92 10.34 48.05
N TRP C 480 18.85 11.24 47.69
CA TRP C 480 19.90 10.91 46.74
C TRP C 480 21.03 10.16 47.43
N ASN C 481 21.57 9.17 46.73
CA ASN C 481 22.71 8.39 47.19
C ASN C 481 23.62 8.08 46.00
N ASN C 482 24.85 7.69 46.30
CA ASN C 482 25.82 7.45 45.24
C ASN C 482 25.32 6.37 44.28
N THR C 483 24.80 5.27 44.81
CA THR C 483 24.31 4.19 43.95
C THR C 483 23.05 4.61 43.20
N GLY C 484 22.19 5.41 43.83
CA GLY C 484 20.96 5.86 43.21
C GLY C 484 19.92 6.24 44.23
N CYS C 485 19.19 7.31 43.97
CA CYS C 485 18.20 7.77 44.94
C CYS C 485 17.04 6.79 45.01
N GLN C 486 16.49 6.63 46.22
CA GLN C 486 15.37 5.75 46.48
C GLN C 486 14.27 6.54 47.20
N ALA C 487 13.04 6.39 46.74
CA ALA C 487 11.92 7.12 47.34
C ALA C 487 11.83 6.80 48.83
N LEU C 488 11.69 7.84 49.64
CA LEU C 488 11.65 7.64 51.09
C LEU C 488 10.37 6.91 51.48
N PRO C 489 10.41 6.10 52.53
CA PRO C 489 9.21 5.38 52.96
C PRO C 489 8.17 6.31 53.54
N SER C 490 6.92 5.90 53.46
CA SER C 490 5.81 6.67 54.00
C SER C 490 4.80 5.76 54.70
N CYS C 502 2.24 12.66 50.65
CA CYS C 502 2.21 13.34 51.93
C CYS C 502 1.89 14.82 51.74
N ASP C 503 0.80 15.09 51.04
CA ASP C 503 0.37 16.45 50.75
C ASP C 503 -1.08 16.63 51.15
N GLU C 504 -1.35 17.66 51.95
CA GLU C 504 -2.71 17.88 52.45
C GLU C 504 -3.64 18.38 51.36
N ASN C 505 -3.10 19.06 50.35
CA ASN C 505 -3.92 19.73 49.35
C ASN C 505 -3.16 19.69 48.03
N SER C 506 -3.57 20.55 47.09
CA SER C 506 -3.05 20.49 45.74
C SER C 506 -1.56 20.84 45.68
N ARG C 507 -1.02 21.39 46.78
CA ARG C 507 0.36 21.85 46.82
C ARG C 507 1.08 21.26 48.02
N LEU C 508 2.35 21.66 48.19
CA LEU C 508 3.11 21.39 49.41
C LEU C 508 3.23 19.91 49.72
N VAL C 509 3.94 19.16 48.88
CA VAL C 509 4.34 17.78 49.21
C VAL C 509 5.53 17.86 50.14
N SER C 510 5.44 17.20 51.30
CA SER C 510 6.37 17.43 52.39
C SER C 510 7.27 16.24 52.64
N LEU C 511 8.32 16.48 53.43
CA LEU C 511 9.16 15.43 53.98
C LEU C 511 9.42 15.75 55.44
N THR C 512 9.34 14.74 56.30
CA THR C 512 9.61 14.89 57.71
C THR C 512 10.72 13.92 58.11
N LEU C 513 11.73 14.43 58.81
CA LEU C 513 12.83 13.64 59.33
C LEU C 513 12.76 13.71 60.85
N ASN C 514 12.47 12.57 61.48
CA ASN C 514 12.25 12.56 62.92
C ASN C 514 13.50 12.98 63.67
N LEU C 515 14.67 12.50 63.25
CA LEU C 515 15.93 12.83 63.90
C LEU C 515 16.95 13.20 62.84
N VAL C 516 17.93 14.00 63.25
CA VAL C 516 18.98 14.47 62.36
C VAL C 516 20.30 13.88 62.86
N THR C 517 20.98 13.16 61.97
CA THR C 517 22.28 12.56 62.25
C THR C 517 23.20 12.84 61.06
N ARG C 518 24.49 12.58 61.27
CA ARG C 518 25.47 12.87 60.23
C ARG C 518 25.16 12.11 58.93
N ALA C 519 24.50 10.96 59.02
CA ALA C 519 24.16 10.22 57.82
C ALA C 519 23.01 10.87 57.06
N ASP C 520 22.12 11.57 57.77
CA ASP C 520 20.99 12.22 57.11
C ASP C 520 21.43 13.39 56.26
N GLU C 521 22.52 14.06 56.63
CA GLU C 521 22.99 15.21 55.86
C GLU C 521 23.33 14.79 54.44
N GLY C 522 23.06 15.67 53.49
CA GLY C 522 23.32 15.36 52.10
C GLY C 522 22.35 16.06 51.17
N TRP C 523 22.01 15.41 50.05
CA TRP C 523 21.08 15.97 49.08
C TRP C 523 19.81 15.13 49.04
N TYR C 524 18.66 15.80 49.00
CA TYR C 524 17.38 15.15 48.79
C TYR C 524 16.66 15.79 47.60
N TRP C 525 15.70 15.07 47.06
CA TRP C 525 14.94 15.50 45.90
C TRP C 525 13.46 15.54 46.22
N CYS C 526 12.72 16.27 45.39
CA CYS C 526 11.27 16.12 45.35
C CYS C 526 10.83 16.22 43.89
N GLY C 527 9.98 15.30 43.46
CA GLY C 527 9.60 15.23 42.06
C GLY C 527 8.32 14.44 41.87
N VAL C 528 7.95 14.26 40.61
CA VAL C 528 6.71 13.62 40.22
C VAL C 528 6.99 12.54 39.19
N LYS C 529 6.09 11.57 39.11
CA LYS C 529 6.20 10.49 38.15
C LYS C 529 4.80 10.02 37.76
N GLN C 530 4.63 9.65 36.50
CA GLN C 530 3.35 9.16 35.98
C GLN C 530 3.33 7.63 36.03
N GLY C 531 3.29 7.11 37.24
CA GLY C 531 3.30 5.68 37.44
C GLY C 531 4.69 5.09 37.30
N HIS C 532 5.22 5.08 36.07
CA HIS C 532 6.55 4.57 35.81
C HIS C 532 7.45 5.53 35.05
N PHE C 533 6.92 6.65 34.57
CA PHE C 533 7.70 7.65 33.85
C PHE C 533 7.89 8.87 34.75
N TYR C 534 9.12 9.36 34.84
CA TYR C 534 9.45 10.44 35.75
C TYR C 534 9.30 11.79 35.05
N GLY C 535 9.32 12.85 35.87
CA GLY C 535 9.14 14.19 35.36
C GLY C 535 9.99 15.22 36.08
N GLU C 536 9.48 16.44 36.19
CA GLU C 536 10.23 17.53 36.79
C GLU C 536 10.67 17.16 38.21
N THR C 537 11.76 17.79 38.66
CA THR C 537 12.30 17.52 39.98
C THR C 537 13.03 18.77 40.47
N ALA C 538 13.24 18.82 41.79
CA ALA C 538 14.03 19.87 42.41
C ALA C 538 14.83 19.25 43.56
N ALA C 539 15.91 19.91 43.92
CA ALA C 539 16.87 19.35 44.87
C ALA C 539 17.16 20.31 46.00
N VAL C 540 17.42 19.76 47.18
CA VAL C 540 17.78 20.54 48.36
C VAL C 540 18.94 19.85 49.07
N TYR C 541 19.62 20.60 49.93
CA TYR C 541 20.68 20.08 50.78
C TYR C 541 20.23 20.21 52.23
N VAL C 542 20.51 19.19 53.02
CA VAL C 542 20.27 19.22 54.46
C VAL C 542 21.62 19.10 55.16
N ALA C 543 21.97 20.13 55.92
CA ALA C 543 23.20 20.17 56.71
C ALA C 543 22.88 20.02 58.18
N VAL C 544 23.90 19.72 58.97
CA VAL C 544 23.76 19.53 60.41
C VAL C 544 24.74 20.45 61.12
N GLU C 545 24.25 21.18 62.12
CA GLU C 545 25.07 22.04 62.95
C GLU C 545 24.75 21.79 64.42
N GLU C 546 25.62 22.29 65.29
CA GLU C 546 25.42 22.16 66.72
C GLU C 546 25.56 23.51 67.42
N PRO D 6 0.01 -48.43 -51.14
CA PRO D 6 -0.74 -49.16 -50.11
C PRO D 6 -0.25 -48.87 -48.71
N MET D 7 1.06 -49.00 -48.48
CA MET D 7 1.64 -48.80 -47.17
C MET D 7 2.21 -47.39 -47.04
N PRO D 8 2.12 -46.78 -45.86
CA PRO D 8 2.71 -45.44 -45.69
C PRO D 8 4.21 -45.46 -45.97
N PHE D 9 4.69 -44.38 -46.57
CA PHE D 9 6.06 -44.33 -47.05
C PHE D 9 7.03 -44.02 -45.91
N ILE D 10 8.31 -44.28 -46.18
CA ILE D 10 9.40 -43.93 -45.29
C ILE D 10 10.53 -43.37 -46.13
N SER D 11 11.18 -42.31 -45.63
CA SER D 11 12.22 -41.62 -46.38
C SER D 11 13.33 -41.20 -45.43
N ALA D 12 14.51 -40.97 -46.00
CA ALA D 12 15.69 -40.53 -45.27
C ALA D 12 16.03 -39.10 -45.67
N LYS D 13 16.25 -38.24 -44.68
CA LYS D 13 16.56 -36.84 -44.94
C LYS D 13 18.03 -36.59 -45.26
N SER D 14 18.89 -37.61 -45.13
CA SER D 14 20.30 -37.49 -45.46
C SER D 14 20.63 -38.46 -46.59
N SER D 15 21.77 -38.21 -47.23
CA SER D 15 22.20 -39.07 -48.32
C SER D 15 22.48 -40.48 -47.78
N PRO D 16 22.03 -41.53 -48.50
CA PRO D 16 22.32 -42.89 -47.99
C PRO D 16 23.80 -43.15 -47.81
N VAL D 17 24.64 -42.63 -48.70
CA VAL D 17 26.08 -42.77 -48.53
C VAL D 17 26.49 -42.06 -47.26
N ILE D 18 27.28 -42.74 -46.43
CA ILE D 18 27.68 -42.19 -45.13
C ILE D 18 29.01 -42.82 -44.73
N PRO D 19 30.00 -42.05 -44.30
CA PRO D 19 31.25 -42.64 -43.82
C PRO D 19 31.12 -43.08 -42.37
N LEU D 20 32.21 -43.61 -41.83
CA LEU D 20 32.20 -44.06 -40.44
C LEU D 20 31.95 -42.89 -39.51
N ASP D 21 31.19 -43.14 -38.44
CA ASP D 21 30.85 -42.11 -37.46
C ASP D 21 30.09 -40.97 -38.13
N GLY D 22 28.91 -41.30 -38.65
CA GLY D 22 28.04 -40.32 -39.26
C GLY D 22 26.68 -40.28 -38.59
N SER D 23 25.75 -39.51 -39.18
CA SER D 23 24.41 -39.39 -38.62
C SER D 23 23.42 -39.21 -39.76
N VAL D 24 22.21 -39.75 -39.58
CA VAL D 24 21.17 -39.69 -40.59
C VAL D 24 19.81 -39.56 -39.92
N LYS D 25 18.91 -38.81 -40.55
CA LYS D 25 17.54 -38.63 -40.07
C LYS D 25 16.59 -39.33 -41.02
N ILE D 26 15.74 -40.20 -40.48
CA ILE D 26 14.78 -40.99 -41.26
C ILE D 26 13.38 -40.59 -40.84
N GLN D 27 12.51 -40.36 -41.82
CA GLN D 27 11.17 -39.85 -41.60
C GLN D 27 10.15 -40.89 -42.03
N CYS D 28 9.15 -41.12 -41.17
CA CYS D 28 8.02 -41.97 -41.48
C CYS D 28 6.84 -41.09 -41.90
N GLN D 29 5.67 -41.70 -42.04
CA GLN D 29 4.44 -40.99 -42.37
C GLN D 29 3.50 -41.06 -41.18
N ALA D 30 2.96 -39.90 -40.80
CA ALA D 30 2.07 -39.82 -39.64
C ALA D 30 0.75 -40.50 -39.93
N ILE D 31 0.26 -41.27 -38.96
CA ILE D 31 -1.05 -41.91 -39.01
C ILE D 31 -1.89 -41.36 -37.88
N ARG D 32 -3.11 -40.90 -38.21
CA ARG D 32 -3.90 -40.13 -37.26
C ARG D 32 -4.22 -40.94 -36.00
N GLU D 33 -4.62 -42.20 -36.17
CA GLU D 33 -5.02 -43.02 -35.03
C GLU D 33 -3.84 -43.73 -34.37
N ALA D 34 -2.69 -43.81 -35.03
CA ALA D 34 -1.56 -44.52 -34.47
C ALA D 34 -1.04 -43.79 -33.24
N TYR D 35 -1.13 -44.43 -32.08
CA TYR D 35 -0.66 -43.82 -30.84
C TYR D 35 0.79 -44.16 -30.52
N LEU D 36 1.52 -44.77 -31.45
CA LEU D 36 2.94 -45.03 -31.28
C LEU D 36 3.57 -45.24 -32.65
N THR D 37 4.84 -44.86 -32.78
CA THR D 37 5.56 -44.99 -34.03
C THR D 37 7.00 -45.40 -33.72
N GLN D 38 7.32 -46.67 -33.93
CA GLN D 38 8.65 -47.21 -33.68
C GLN D 38 9.43 -47.28 -34.98
N LEU D 39 10.74 -47.07 -34.90
CA LEU D 39 11.67 -47.33 -35.98
C LEU D 39 12.40 -48.62 -35.63
N MET D 40 12.17 -49.66 -36.43
CA MET D 40 12.55 -51.02 -36.11
C MET D 40 13.85 -51.37 -36.84
N ILE D 41 14.28 -52.63 -36.68
CA ILE D 41 15.48 -53.14 -37.34
C ILE D 41 15.13 -54.47 -38.01
N ILE D 42 15.90 -54.78 -39.06
CA ILE D 42 15.76 -56.03 -39.81
C ILE D 42 17.08 -56.78 -39.67
N LYS D 43 17.04 -57.93 -39.00
CA LYS D 43 18.24 -58.75 -38.80
C LYS D 43 17.79 -60.17 -38.56
N ASN D 44 18.10 -61.07 -39.49
CA ASN D 44 17.70 -62.47 -39.39
C ASN D 44 16.19 -62.59 -39.24
N SER D 45 15.45 -61.72 -39.93
CA SER D 45 13.99 -61.70 -39.87
C SER D 45 13.51 -61.52 -38.43
N THR D 46 14.17 -60.65 -37.69
CA THR D 46 13.80 -60.32 -36.32
C THR D 46 13.67 -58.81 -36.18
N TYR D 47 13.00 -58.40 -35.10
CA TYR D 47 12.74 -56.98 -34.84
C TYR D 47 13.44 -56.57 -33.55
N ARG D 48 14.17 -55.46 -33.62
CA ARG D 48 14.87 -54.91 -32.47
C ARG D 48 14.67 -53.39 -32.47
N GLU D 49 14.22 -52.86 -31.34
CA GLU D 49 13.86 -51.45 -31.27
C GLU D 49 15.10 -50.57 -31.51
N ILE D 50 14.95 -49.56 -32.36
CA ILE D 50 16.03 -48.62 -32.63
C ILE D 50 15.54 -47.19 -32.38
N GLY D 51 14.24 -46.97 -32.48
CA GLY D 51 13.67 -45.67 -32.17
C GLY D 51 12.22 -45.80 -31.79
N ARG D 52 11.72 -44.79 -31.08
CA ARG D 52 10.35 -44.80 -30.60
C ARG D 52 9.87 -43.38 -30.38
N ARG D 53 8.86 -42.96 -31.14
CA ARG D 53 8.17 -41.69 -30.93
C ARG D 53 6.74 -41.98 -30.50
N LEU D 54 6.32 -41.35 -29.42
CA LEU D 54 5.05 -41.65 -28.76
C LEU D 54 4.17 -40.40 -28.79
N LYS D 55 3.28 -40.34 -29.78
CA LYS D 55 2.44 -39.16 -29.96
C LYS D 55 1.44 -39.46 -31.07
N PHE D 56 0.24 -38.86 -30.96
CA PHE D 56 -0.76 -38.90 -32.02
C PHE D 56 -0.36 -37.86 -33.06
N TRP D 57 0.19 -38.32 -34.18
CA TRP D 57 0.80 -37.44 -35.17
C TRP D 57 -0.24 -37.03 -36.20
N ASN D 58 -0.51 -35.73 -36.29
CA ASN D 58 -1.41 -35.17 -37.29
C ASN D 58 -0.87 -33.93 -37.98
N GLU D 59 0.13 -33.26 -37.41
CA GLU D 59 0.65 -32.00 -37.96
C GLU D 59 2.00 -32.15 -38.62
N THR D 60 2.86 -33.03 -38.12
CA THR D 60 4.19 -33.22 -38.67
C THR D 60 4.56 -34.70 -38.61
N ASP D 61 5.38 -35.13 -39.56
CA ASP D 61 5.75 -36.53 -39.64
C ASP D 61 6.82 -36.85 -38.59
N PRO D 62 6.75 -38.02 -37.94
CA PRO D 62 7.81 -38.40 -37.01
C PRO D 62 9.15 -38.51 -37.71
N GLU D 63 10.21 -38.15 -36.98
CA GLU D 63 11.57 -38.28 -37.45
C GLU D 63 12.40 -39.00 -36.40
N PHE D 64 13.38 -39.77 -36.86
CA PHE D 64 14.30 -40.48 -35.99
C PHE D 64 15.72 -40.19 -36.44
N VAL D 65 16.57 -39.76 -35.51
CA VAL D 65 17.95 -39.40 -35.81
C VAL D 65 18.86 -40.47 -35.22
N ILE D 66 19.75 -41.01 -36.06
CA ILE D 66 20.73 -42.00 -35.65
C ILE D 66 22.11 -41.41 -35.85
N ASP D 67 22.94 -41.49 -34.81
CA ASP D 67 24.30 -40.99 -34.83
C ASP D 67 25.27 -42.13 -34.54
N HIS D 68 26.56 -41.83 -34.65
CA HIS D 68 27.62 -42.81 -34.45
C HIS D 68 27.37 -44.03 -35.34
N MET D 69 27.22 -43.76 -36.63
CA MET D 69 26.95 -44.81 -37.59
C MET D 69 28.06 -45.86 -37.54
N ASP D 70 27.66 -47.13 -37.55
CA ASP D 70 28.60 -48.24 -37.46
C ASP D 70 28.09 -49.39 -38.31
N ALA D 71 28.89 -50.45 -38.40
CA ALA D 71 28.53 -51.59 -39.23
C ALA D 71 27.25 -52.25 -38.75
N ASN D 72 27.11 -52.42 -37.43
CA ASN D 72 25.91 -53.06 -36.90
C ASN D 72 24.66 -52.24 -37.19
N LYS D 73 24.74 -50.92 -37.12
CA LYS D 73 23.58 -50.07 -37.34
C LYS D 73 23.10 -50.10 -38.78
N ALA D 74 24.00 -50.23 -39.75
CA ALA D 74 23.60 -50.27 -41.15
C ALA D 74 22.74 -51.50 -41.43
N GLY D 75 21.76 -51.34 -42.29
CA GLY D 75 20.88 -52.42 -42.65
C GLY D 75 19.53 -51.88 -43.12
N ARG D 76 18.50 -52.67 -42.86
CA ARG D 76 17.14 -52.37 -43.30
C ARG D 76 16.34 -51.75 -42.16
N TYR D 77 15.65 -50.64 -42.47
CA TYR D 77 14.86 -49.90 -41.50
C TYR D 77 13.41 -49.87 -41.96
N GLN D 78 12.50 -50.24 -41.06
CA GLN D 78 11.07 -50.23 -41.31
C GLN D 78 10.36 -49.59 -40.12
N CYS D 79 9.30 -48.84 -40.41
CA CYS D 79 8.58 -48.06 -39.41
C CYS D 79 7.29 -48.78 -39.05
N GLN D 80 7.11 -49.07 -37.77
CA GLN D 80 5.97 -49.86 -37.28
C GLN D 80 5.12 -49.01 -36.35
N TYR D 81 3.83 -48.93 -36.64
CA TYR D 81 2.90 -48.17 -35.83
C TYR D 81 2.16 -49.08 -34.85
N ARG D 82 1.15 -48.53 -34.19
CA ARG D 82 0.29 -49.32 -33.30
C ARG D 82 -1.08 -48.64 -33.31
N ILE D 83 -2.07 -49.31 -33.87
CA ILE D 83 -3.43 -48.78 -33.96
C ILE D 83 -4.27 -49.49 -32.91
N GLY D 84 -4.99 -48.72 -32.11
CA GLY D 84 -5.86 -49.34 -31.15
C GLY D 84 -5.06 -50.14 -30.13
N HIS D 85 -5.79 -50.96 -29.37
CA HIS D 85 -5.16 -51.78 -28.33
C HIS D 85 -4.41 -52.97 -28.90
N TYR D 86 -4.81 -53.49 -30.06
CA TYR D 86 -4.24 -54.71 -30.60
C TYR D 86 -3.72 -54.60 -32.02
N ARG D 87 -4.21 -53.65 -32.83
CA ARG D 87 -3.87 -53.62 -34.23
C ARG D 87 -2.42 -53.19 -34.41
N PHE D 88 -1.68 -53.93 -35.25
CA PHE D 88 -0.34 -53.56 -35.65
C PHE D 88 -0.35 -53.14 -37.11
N ARG D 89 0.54 -52.23 -37.46
CA ARG D 89 0.74 -51.85 -38.86
C ARG D 89 2.21 -51.55 -39.07
N TYR D 90 2.65 -51.67 -40.31
CA TYR D 90 4.05 -51.43 -40.67
C TYR D 90 4.10 -50.38 -41.78
N SER D 91 5.30 -50.14 -42.29
CA SER D 91 5.51 -49.19 -43.37
C SER D 91 6.56 -49.77 -44.31
N ASP D 92 6.95 -48.99 -45.31
CA ASP D 92 7.94 -49.43 -46.26
C ASP D 92 9.27 -49.68 -45.56
N THR D 93 10.24 -50.21 -46.30
CA THR D 93 11.55 -50.53 -45.77
C THR D 93 12.62 -49.87 -46.63
N LEU D 94 13.56 -49.18 -45.98
CA LEU D 94 14.70 -48.59 -46.66
C LEU D 94 15.98 -49.29 -46.21
N GLU D 95 17.08 -48.94 -46.86
CA GLU D 95 18.38 -49.53 -46.58
C GLU D 95 19.40 -48.42 -46.40
N LEU D 96 20.28 -48.56 -45.41
CA LEU D 96 21.42 -47.69 -45.22
C LEU D 96 22.68 -48.54 -45.09
N VAL D 97 23.76 -48.09 -45.73
CA VAL D 97 24.97 -48.89 -45.88
C VAL D 97 26.15 -48.13 -45.27
N VAL D 98 27.19 -48.90 -44.95
CA VAL D 98 28.45 -48.37 -44.47
C VAL D 98 29.39 -48.20 -45.65
N THR D 99 30.21 -47.15 -45.61
CA THR D 99 31.18 -46.86 -46.65
C THR D 99 32.53 -46.56 -46.03
N GLY D 100 33.59 -47.07 -46.65
CA GLY D 100 34.94 -46.71 -46.25
C GLY D 100 35.69 -47.78 -45.47
N LEU D 101 35.51 -49.04 -45.85
CA LEU D 101 36.24 -50.13 -45.24
C LEU D 101 37.15 -50.89 -46.22
N TYR D 102 37.03 -50.63 -47.51
CA TYR D 102 37.90 -51.22 -48.52
C TYR D 102 38.55 -50.11 -49.33
N GLY D 103 39.44 -50.50 -50.23
CA GLY D 103 40.10 -49.53 -51.09
C GLY D 103 39.11 -48.83 -51.99
N LYS D 104 39.41 -47.57 -52.30
CA LYS D 104 38.54 -46.78 -53.15
C LYS D 104 38.72 -47.20 -54.61
N PRO D 105 37.67 -47.65 -55.31
CA PRO D 105 37.84 -48.05 -56.71
C PRO D 105 38.19 -46.86 -57.60
N PHE D 106 38.51 -47.14 -58.86
CA PHE D 106 38.87 -46.10 -59.83
C PHE D 106 37.72 -45.95 -60.83
N LEU D 107 37.29 -44.71 -61.02
CA LEU D 107 36.20 -44.38 -61.95
C LEU D 107 36.75 -43.54 -63.09
N SER D 108 36.28 -43.81 -64.30
CA SER D 108 36.72 -43.09 -65.49
C SER D 108 35.55 -42.94 -66.45
N ALA D 109 35.67 -41.97 -67.35
CA ALA D 109 34.66 -41.69 -68.35
C ALA D 109 35.28 -41.73 -69.74
N ASP D 110 34.64 -42.49 -70.65
CA ASP D 110 35.15 -42.57 -72.01
C ASP D 110 35.00 -41.25 -72.74
N ARG D 111 34.00 -40.43 -72.38
CA ARG D 111 33.80 -39.14 -72.99
C ARG D 111 34.59 -38.08 -72.24
N GLY D 112 34.37 -36.82 -72.57
CA GLY D 112 35.05 -35.71 -71.95
C GLY D 112 34.35 -35.12 -70.75
N LEU D 113 33.27 -35.74 -70.27
CA LEU D 113 32.48 -35.29 -69.14
C LEU D 113 31.67 -34.03 -69.46
N VAL D 114 31.63 -33.62 -70.72
CA VAL D 114 30.82 -32.48 -71.15
C VAL D 114 29.84 -32.95 -72.20
N LEU D 115 29.40 -34.20 -72.08
CA LEU D 115 28.53 -34.80 -73.08
C LEU D 115 27.28 -33.97 -73.28
N MET D 116 26.87 -33.81 -74.54
CA MET D 116 25.70 -33.02 -74.88
C MET D 116 24.43 -33.74 -74.41
N PRO D 117 23.32 -33.01 -74.29
CA PRO D 117 22.07 -33.63 -73.83
C PRO D 117 21.53 -34.72 -74.76
N GLY D 118 22.13 -34.91 -75.94
CA GLY D 118 21.65 -35.93 -76.85
C GLY D 118 22.66 -37.03 -77.11
N GLU D 119 23.81 -36.97 -76.42
CA GLU D 119 24.88 -37.95 -76.61
C GLU D 119 24.76 -39.07 -75.59
N ASN D 120 25.63 -40.07 -75.76
CA ASN D 120 25.69 -41.22 -74.86
C ASN D 120 27.06 -41.24 -74.18
N ILE D 121 27.05 -41.39 -72.86
CA ILE D 121 28.27 -41.44 -72.06
C ILE D 121 28.19 -42.63 -71.13
N SER D 122 29.28 -43.39 -71.04
CA SER D 122 29.36 -44.55 -70.18
C SER D 122 30.51 -44.37 -69.19
N LEU D 123 30.29 -44.80 -67.95
CA LEU D 123 31.27 -44.69 -66.89
C LEU D 123 31.80 -46.09 -66.56
N THR D 124 33.12 -46.20 -66.49
CA THR D 124 33.80 -47.46 -66.20
C THR D 124 34.43 -47.38 -64.82
N CYS D 125 34.04 -48.28 -63.93
CA CYS D 125 34.58 -48.37 -62.59
C CYS D 125 35.27 -49.72 -62.42
N SER D 126 36.51 -49.68 -61.95
CA SER D 126 37.28 -50.90 -61.76
C SER D 126 38.41 -50.64 -60.77
N SER D 127 38.93 -51.73 -60.21
CA SER D 127 40.08 -51.68 -59.32
C SER D 127 41.00 -52.84 -59.66
N ALA D 128 42.29 -52.66 -59.39
CA ALA D 128 43.31 -53.64 -59.74
C ALA D 128 43.80 -54.47 -58.55
N HIS D 129 43.76 -53.92 -57.34
CA HIS D 129 44.27 -54.60 -56.15
C HIS D 129 43.18 -54.95 -55.16
N ILE D 130 41.93 -54.99 -55.61
CA ILE D 130 40.78 -55.31 -54.76
C ILE D 130 39.99 -56.43 -55.42
N PRO D 131 39.47 -57.42 -54.68
CA PRO D 131 38.72 -58.50 -55.31
C PRO D 131 37.23 -58.19 -55.46
N PHE D 132 36.86 -56.91 -55.32
CA PHE D 132 35.47 -56.48 -55.31
C PHE D 132 34.59 -57.36 -56.20
N ASP D 133 33.52 -57.89 -55.62
CA ASP D 133 32.61 -58.73 -56.40
C ASP D 133 31.73 -57.89 -57.32
N ARG D 134 31.24 -56.76 -56.83
CA ARG D 134 30.35 -55.90 -57.62
C ARG D 134 30.69 -54.44 -57.36
N PHE D 135 30.11 -53.57 -58.19
CA PHE D 135 30.31 -52.13 -58.06
C PHE D 135 28.97 -51.41 -58.19
N SER D 136 28.85 -50.31 -57.46
CA SER D 136 27.63 -49.50 -57.44
C SER D 136 27.99 -48.07 -57.81
N LEU D 137 27.21 -47.49 -58.72
CA LEU D 137 27.42 -46.12 -59.18
C LEU D 137 26.40 -45.22 -58.47
N ALA D 138 26.89 -44.34 -57.61
CA ALA D 138 26.06 -43.42 -56.87
C ALA D 138 26.17 -42.02 -57.45
N LYS D 139 25.10 -41.25 -57.31
CA LYS D 139 25.03 -39.87 -57.79
C LYS D 139 24.71 -38.95 -56.61
N GLU D 140 25.39 -37.80 -56.58
CA GLU D 140 25.16 -36.83 -55.53
C GLU D 140 23.76 -36.25 -55.62
N GLY D 141 23.14 -36.05 -54.46
CA GLY D 141 21.81 -35.49 -54.38
C GLY D 141 20.69 -36.51 -54.28
N GLU D 142 20.97 -37.78 -54.56
CA GLU D 142 19.96 -38.82 -54.43
C GLU D 142 19.71 -39.14 -52.96
N LEU D 143 18.44 -39.19 -52.59
CA LEU D 143 18.04 -39.46 -51.21
C LEU D 143 17.74 -40.93 -50.96
N SER D 144 17.92 -41.79 -51.97
CA SER D 144 17.69 -43.22 -51.82
C SER D 144 18.85 -43.96 -52.49
N LEU D 145 18.82 -45.29 -52.38
CA LEU D 145 19.94 -46.09 -52.87
C LEU D 145 20.06 -45.96 -54.39
N PRO D 146 21.27 -45.95 -54.94
CA PRO D 146 21.41 -45.87 -56.39
C PRO D 146 20.86 -47.12 -57.08
N GLN D 147 20.34 -46.92 -58.28
CA GLN D 147 19.79 -48.00 -59.08
C GLN D 147 20.78 -48.58 -60.08
N HIS D 148 22.03 -48.11 -60.07
CA HIS D 148 23.06 -48.55 -61.00
C HIS D 148 24.05 -49.43 -60.24
N GLN D 149 24.17 -50.69 -60.66
CA GLN D 149 25.15 -51.60 -60.08
C GLN D 149 25.48 -52.67 -61.11
N SER D 150 26.77 -52.97 -61.25
CA SER D 150 27.26 -53.94 -62.21
C SER D 150 27.77 -55.19 -61.49
N GLY D 151 28.18 -56.18 -62.28
CA GLY D 151 28.64 -57.44 -61.74
C GLY D 151 30.04 -57.82 -62.18
N GLU D 152 30.50 -57.26 -63.28
CA GLU D 152 31.83 -57.57 -63.81
C GLU D 152 32.86 -56.60 -63.25
N HIS D 153 34.11 -57.06 -63.21
CA HIS D 153 35.19 -56.21 -62.71
C HIS D 153 35.29 -54.92 -63.50
N PRO D 154 35.28 -54.92 -64.83
CA PRO D 154 35.18 -53.65 -65.58
C PRO D 154 33.74 -53.13 -65.57
N ALA D 155 33.29 -52.69 -64.40
CA ALA D 155 31.90 -52.28 -64.21
C ALA D 155 31.53 -51.16 -65.17
N ASN D 156 30.64 -51.45 -66.11
CA ASN D 156 30.19 -50.48 -67.10
C ASN D 156 28.80 -49.97 -66.73
N PHE D 157 28.63 -48.66 -66.73
CA PHE D 157 27.35 -48.02 -66.43
C PHE D 157 27.02 -47.07 -67.57
N SER D 158 26.01 -47.40 -68.36
CA SER D 158 25.61 -46.59 -69.49
C SER D 158 24.50 -45.63 -69.09
N LEU D 159 24.63 -44.38 -69.52
CA LEU D 159 23.65 -43.35 -69.21
C LEU D 159 22.66 -43.10 -70.33
N GLY D 160 22.98 -43.51 -71.56
CA GLY D 160 22.07 -43.37 -72.67
C GLY D 160 21.70 -41.93 -72.95
N PRO D 161 20.41 -41.64 -73.17
CA PRO D 161 20.01 -40.25 -73.46
C PRO D 161 20.08 -39.37 -72.22
N VAL D 162 21.28 -38.89 -71.90
CA VAL D 162 21.44 -38.01 -70.76
C VAL D 162 20.60 -36.74 -70.97
N ASP D 163 20.33 -36.04 -69.87
CA ASP D 163 19.55 -34.82 -69.90
C ASP D 163 20.05 -33.90 -68.80
N LEU D 164 19.34 -32.79 -68.58
CA LEU D 164 19.73 -31.85 -67.54
C LEU D 164 19.67 -32.49 -66.17
N ASN D 165 18.62 -33.27 -65.90
CA ASN D 165 18.49 -33.93 -64.60
C ASN D 165 19.59 -34.95 -64.36
N VAL D 166 20.14 -35.56 -65.41
CA VAL D 166 21.17 -36.57 -65.24
C VAL D 166 22.50 -35.96 -64.82
N SER D 167 22.68 -34.64 -64.96
CA SER D 167 23.92 -34.00 -64.57
C SER D 167 24.12 -34.07 -63.06
N GLY D 168 25.36 -34.25 -62.65
CA GLY D 168 25.68 -34.29 -61.23
C GLY D 168 27.04 -34.91 -60.99
N ILE D 169 27.32 -35.17 -59.72
CA ILE D 169 28.59 -35.76 -59.31
C ILE D 169 28.39 -37.26 -59.16
N TYR D 170 29.24 -38.03 -59.84
CA TYR D 170 29.15 -39.49 -59.87
C TYR D 170 30.33 -40.10 -59.13
N ARG D 171 30.06 -41.13 -58.35
CA ARG D 171 31.08 -41.86 -57.61
C ARG D 171 30.80 -43.35 -57.71
N CYS D 172 31.80 -44.15 -57.40
CA CYS D 172 31.69 -45.61 -57.45
C CYS D 172 32.09 -46.19 -56.10
N TYR D 173 31.40 -47.26 -55.72
CA TYR D 173 31.63 -47.93 -54.45
C TYR D 173 31.65 -49.44 -54.65
N GLY D 174 32.62 -50.11 -54.03
CA GLY D 174 32.68 -51.55 -54.09
C GLY D 174 31.53 -52.19 -53.33
N TRP D 175 31.28 -53.47 -53.65
CA TRP D 175 30.16 -54.18 -53.08
C TRP D 175 30.51 -55.66 -52.97
N TYR D 176 30.37 -56.21 -51.77
CA TYR D 176 30.57 -57.63 -51.51
C TYR D 176 29.23 -58.31 -51.29
N ASN D 177 29.08 -59.51 -51.85
CA ASN D 177 27.81 -60.22 -51.72
C ASN D 177 27.50 -60.54 -50.26
N ARG D 178 28.52 -60.96 -49.50
CA ARG D 178 28.31 -61.33 -48.11
C ARG D 178 28.01 -60.13 -47.22
N SER D 179 28.39 -58.94 -47.62
CA SER D 179 28.22 -57.72 -46.81
C SER D 179 27.52 -56.66 -47.65
N PRO D 180 26.21 -56.79 -47.84
CA PRO D 180 25.51 -55.79 -48.67
C PRO D 180 25.60 -54.37 -48.13
N TYR D 181 25.62 -54.21 -46.81
CA TYR D 181 25.59 -52.90 -46.18
C TYR D 181 26.98 -52.44 -45.71
N LEU D 182 28.03 -52.81 -46.45
CA LEU D 182 29.39 -52.38 -46.14
C LEU D 182 30.10 -52.10 -47.46
N TRP D 183 30.36 -50.82 -47.72
CA TRP D 183 30.95 -50.37 -48.97
C TRP D 183 32.38 -49.88 -48.72
N SER D 184 33.00 -49.34 -49.76
CA SER D 184 34.37 -48.87 -49.72
C SER D 184 34.42 -47.35 -49.73
N PHE D 185 35.63 -46.81 -49.80
CA PHE D 185 35.80 -45.37 -49.81
C PHE D 185 35.26 -44.80 -51.12
N PRO D 186 34.81 -43.55 -51.13
CA PRO D 186 34.37 -42.92 -52.38
C PRO D 186 35.48 -42.94 -53.41
N SER D 187 35.10 -43.18 -54.66
CA SER D 187 36.07 -43.16 -55.75
C SER D 187 36.32 -41.72 -56.20
N ASN D 188 37.04 -41.57 -57.30
CA ASN D 188 37.31 -40.24 -57.85
C ASN D 188 36.01 -39.66 -58.41
N ALA D 189 35.51 -38.61 -57.77
CA ALA D 189 34.26 -38.01 -58.19
C ALA D 189 34.37 -37.46 -59.61
N LEU D 190 33.35 -37.71 -60.41
CA LEU D 190 33.27 -37.20 -61.78
C LEU D 190 32.13 -36.21 -61.87
N GLU D 191 32.43 -34.98 -62.30
CA GLU D 191 31.41 -33.93 -62.40
C GLU D 191 30.80 -33.97 -63.79
N LEU D 192 29.85 -34.90 -63.97
CA LEU D 192 29.18 -35.05 -65.24
C LEU D 192 28.18 -33.92 -65.45
N VAL D 193 28.62 -32.84 -66.09
CA VAL D 193 27.78 -31.68 -66.34
C VAL D 193 27.21 -31.78 -67.75
N VAL D 194 25.89 -31.63 -67.85
CA VAL D 194 25.18 -31.73 -69.13
C VAL D 194 24.59 -30.35 -69.43
N THR D 195 24.93 -29.81 -70.58
CA THR D 195 24.45 -28.49 -70.99
C THR D 195 24.22 -28.44 -72.49
N CYS E 123 -30.66 47.27 41.87
CA CYS E 123 -31.69 46.89 40.92
C CYS E 123 -32.49 45.69 41.44
N HIS E 124 -31.89 44.50 41.40
CA HIS E 124 -32.53 43.30 41.91
C HIS E 124 -31.46 42.31 42.33
N PRO E 125 -31.49 41.80 43.57
CA PRO E 125 -30.47 40.82 43.98
C PRO E 125 -30.64 39.51 43.24
N ARG E 126 -29.65 39.17 42.42
CA ARG E 126 -29.66 37.93 41.65
C ARG E 126 -28.30 37.26 41.75
N LEU E 127 -28.32 35.94 41.87
CA LEU E 127 -27.12 35.13 41.99
C LEU E 127 -26.97 34.23 40.76
N SER E 128 -25.74 34.01 40.33
CA SER E 128 -25.46 33.18 39.17
C SER E 128 -24.11 32.51 39.32
N LEU E 129 -23.94 31.39 38.62
CA LEU E 129 -22.71 30.61 38.61
C LEU E 129 -22.17 30.55 37.18
N HIS E 130 -20.86 30.54 37.05
CA HIS E 130 -20.20 30.48 35.75
C HIS E 130 -19.29 29.26 35.71
N ARG E 131 -19.29 28.58 34.57
CA ARG E 131 -18.45 27.41 34.41
C ARG E 131 -16.98 27.82 34.34
N PRO E 132 -16.06 26.92 34.68
CA PRO E 132 -14.64 27.26 34.65
C PRO E 132 -14.19 27.62 33.24
N ALA E 133 -13.32 28.63 33.16
CA ALA E 133 -12.81 29.06 31.87
C ALA E 133 -12.05 27.91 31.22
N LEU E 134 -12.36 27.66 29.95
CA LEU E 134 -11.72 26.54 29.26
C LEU E 134 -10.22 26.73 29.14
N GLU E 135 -9.77 27.94 28.81
CA GLU E 135 -8.34 28.16 28.60
C GLU E 135 -7.55 27.79 29.85
N ASP E 136 -8.12 28.04 31.04
CA ASP E 136 -7.48 27.64 32.28
C ASP E 136 -7.77 26.19 32.66
N LEU E 137 -8.57 25.48 31.85
CA LEU E 137 -8.88 24.08 32.11
C LEU E 137 -8.16 23.12 31.19
N LEU E 138 -7.93 23.52 29.94
CA LEU E 138 -7.23 22.67 28.99
C LEU E 138 -5.72 22.85 29.08
N LEU E 139 -5.24 24.09 29.08
CA LEU E 139 -3.82 24.39 29.23
C LEU E 139 -3.54 24.54 30.72
N GLY E 140 -3.12 23.44 31.35
CA GLY E 140 -3.02 23.39 32.79
C GLY E 140 -4.14 22.56 33.37
N SER E 141 -4.52 22.84 34.61
CA SER E 141 -5.66 22.17 35.21
C SER E 141 -6.48 23.08 36.11
N GLU E 142 -6.22 24.39 36.12
CA GLU E 142 -6.85 25.31 37.07
C GLU E 142 -8.33 25.43 36.72
N ALA E 143 -9.18 24.79 37.53
CA ALA E 143 -10.62 24.79 37.30
C ALA E 143 -11.31 25.77 38.26
N ASN E 144 -10.90 27.04 38.20
CA ASN E 144 -11.41 28.02 39.14
C ASN E 144 -12.78 28.50 38.68
N LEU E 145 -13.75 28.45 39.59
CA LEU E 145 -15.15 28.72 39.30
C LEU E 145 -15.40 30.22 39.38
N THR E 146 -16.67 30.61 39.38
CA THR E 146 -17.05 32.00 39.63
C THR E 146 -18.51 32.03 40.02
N CYS E 147 -18.83 32.73 41.11
CA CYS E 147 -20.20 32.89 41.58
C CYS E 147 -20.42 34.38 41.79
N THR E 148 -21.36 34.96 41.04
CA THR E 148 -21.57 36.40 41.03
C THR E 148 -22.95 36.72 41.60
N LEU E 149 -22.98 37.63 42.56
CA LEU E 149 -24.22 38.18 43.09
C LEU E 149 -24.27 39.67 42.76
N THR E 150 -25.35 40.08 42.08
CA THR E 150 -25.50 41.45 41.61
C THR E 150 -26.77 42.05 42.20
N GLY E 151 -26.68 43.33 42.58
CA GLY E 151 -27.83 44.04 43.11
C GLY E 151 -27.86 44.12 44.62
N LEU E 152 -26.73 44.44 45.23
CA LEU E 152 -26.70 44.64 46.68
C LEU E 152 -27.64 45.77 47.05
N ARG E 153 -28.47 45.53 48.08
CA ARG E 153 -29.48 46.51 48.46
C ARG E 153 -28.83 47.83 48.83
N ASP E 154 -28.20 47.87 49.99
CA ASP E 154 -27.55 49.09 50.48
C ASP E 154 -26.08 48.88 50.81
N ALA E 155 -25.71 47.71 51.30
CA ALA E 155 -24.35 47.46 51.78
C ALA E 155 -23.76 46.24 51.09
N SER E 156 -22.55 45.88 51.53
CA SER E 156 -21.79 44.75 50.99
C SER E 156 -21.64 43.64 52.01
N GLY E 157 -22.58 43.53 52.95
CA GLY E 157 -22.53 42.48 53.94
C GLY E 157 -23.01 41.15 53.42
N VAL E 158 -22.21 40.54 52.53
CA VAL E 158 -22.57 39.28 51.90
C VAL E 158 -21.65 38.18 52.42
N THR E 159 -22.12 36.94 52.33
CA THR E 159 -21.34 35.77 52.69
C THR E 159 -21.48 34.73 51.58
N PHE E 160 -20.46 33.88 51.48
CA PHE E 160 -20.42 32.85 50.45
C PHE E 160 -20.17 31.50 51.10
N THR E 161 -20.54 30.44 50.38
CA THR E 161 -20.37 29.09 50.91
C THR E 161 -20.49 28.09 49.78
N TRP E 162 -19.52 27.18 49.69
CA TRP E 162 -19.56 26.06 48.77
C TRP E 162 -19.74 24.77 49.57
N THR E 163 -20.50 23.84 49.01
CA THR E 163 -20.70 22.56 49.69
C THR E 163 -19.38 21.82 49.92
N PRO E 164 -18.48 21.68 48.93
CA PRO E 164 -17.15 21.12 49.24
C PRO E 164 -16.21 22.18 49.82
N SER E 165 -16.34 22.39 51.13
CA SER E 165 -15.57 23.43 51.83
C SER E 165 -14.16 22.93 52.16
N SER E 166 -13.44 22.55 51.12
CA SER E 166 -12.05 22.17 51.26
C SER E 166 -11.12 23.38 51.24
N GLY E 167 -11.28 24.24 50.24
CA GLY E 167 -10.55 25.49 50.18
C GLY E 167 -11.22 26.56 51.01
N LYS E 168 -11.07 26.48 52.33
CA LYS E 168 -11.76 27.41 53.22
C LYS E 168 -11.40 28.85 52.94
N SER E 169 -10.25 29.11 52.32
CA SER E 169 -9.84 30.46 51.96
C SER E 169 -10.37 30.82 50.57
N ALA E 170 -11.70 30.79 50.45
CA ALA E 170 -12.35 31.18 49.21
C ALA E 170 -12.14 32.66 48.96
N VAL E 171 -11.94 33.02 47.68
CA VAL E 171 -11.66 34.41 47.33
C VAL E 171 -12.95 35.19 47.38
N GLN E 172 -13.08 36.06 48.37
CA GLN E 172 -14.24 36.95 48.51
C GLN E 172 -13.95 38.23 47.74
N GLY E 173 -14.56 38.38 46.56
CA GLY E 173 -14.29 39.50 45.71
C GLY E 173 -14.70 40.82 46.35
N PRO E 174 -13.99 41.89 46.02
CA PRO E 174 -14.31 43.18 46.62
C PRO E 174 -15.66 43.68 46.15
N PRO E 175 -16.32 44.54 46.92
CA PRO E 175 -17.65 45.03 46.51
C PRO E 175 -17.55 46.00 45.34
N GLU E 176 -17.37 45.46 44.14
CA GLU E 176 -17.24 46.29 42.96
C GLU E 176 -18.58 46.94 42.61
N ARG E 177 -18.49 48.07 41.91
CA ARG E 177 -19.65 48.82 41.47
C ARG E 177 -19.96 48.52 40.01
N ASP E 178 -21.17 48.87 39.59
CA ASP E 178 -21.61 48.67 38.22
C ASP E 178 -22.48 49.85 37.82
N LEU E 179 -23.07 49.78 36.63
CA LEU E 179 -23.87 50.87 36.11
C LEU E 179 -25.19 50.97 36.87
N CYS E 180 -25.77 52.17 36.85
CA CYS E 180 -27.06 52.43 37.47
C CYS E 180 -27.05 52.09 38.96
N GLY E 181 -25.96 52.45 39.64
CA GLY E 181 -25.88 52.23 41.08
C GLY E 181 -26.02 50.77 41.47
N CYS E 182 -25.36 49.88 40.74
CA CYS E 182 -25.42 48.45 41.00
C CYS E 182 -24.17 48.00 41.74
N TYR E 183 -24.37 47.12 42.74
CA TYR E 183 -23.28 46.57 43.52
C TYR E 183 -23.20 45.07 43.27
N SER E 184 -22.01 44.59 42.98
CA SER E 184 -21.79 43.18 42.67
C SER E 184 -20.62 42.64 43.49
N VAL E 185 -20.73 41.37 43.88
CA VAL E 185 -19.68 40.70 44.65
C VAL E 185 -19.45 39.34 43.99
N SER E 186 -18.45 39.26 43.12
CA SER E 186 -18.13 38.03 42.41
C SER E 186 -16.98 37.33 43.13
N SER E 187 -17.18 36.06 43.47
CA SER E 187 -16.20 35.26 44.18
C SER E 187 -15.65 34.18 43.26
N VAL E 188 -14.37 33.90 43.40
CA VAL E 188 -13.68 32.89 42.60
C VAL E 188 -13.14 31.83 43.53
N LEU E 189 -13.50 30.57 43.26
CA LEU E 189 -13.00 29.44 44.02
C LEU E 189 -11.85 28.79 43.25
N PRO E 190 -10.62 28.79 43.76
CA PRO E 190 -9.55 28.07 43.06
C PRO E 190 -9.82 26.58 43.07
N GLY E 191 -9.53 25.93 41.95
CA GLY E 191 -9.81 24.51 41.80
C GLY E 191 -8.84 23.87 40.83
N CYS E 192 -9.10 22.60 40.55
CA CYS E 192 -8.30 21.82 39.62
C CYS E 192 -9.22 21.00 38.72
N ALA E 193 -8.70 20.56 37.58
CA ALA E 193 -9.54 19.88 36.60
C ALA E 193 -10.10 18.57 37.13
N GLU E 194 -9.53 18.03 38.20
CA GLU E 194 -9.92 16.70 38.67
C GLU E 194 -11.37 16.69 39.12
N PRO E 195 -11.75 17.44 40.16
CA PRO E 195 -13.17 17.42 40.57
C PRO E 195 -14.12 17.80 39.44
N TRP E 196 -13.75 18.78 38.61
CA TRP E 196 -14.67 19.27 37.58
C TRP E 196 -14.94 18.20 36.54
N ASN E 197 -13.88 17.58 36.00
CA ASN E 197 -14.08 16.56 34.98
C ASN E 197 -14.72 15.29 35.56
N HIS E 198 -14.66 15.11 36.88
CA HIS E 198 -15.30 13.98 37.53
C HIS E 198 -16.77 14.23 37.85
N GLY E 199 -17.29 15.42 37.54
CA GLY E 199 -18.69 15.71 37.78
C GLY E 199 -19.01 16.01 39.22
N LYS E 200 -18.45 17.09 39.76
CA LYS E 200 -18.74 17.51 41.12
C LYS E 200 -19.89 18.52 41.13
N THR E 201 -20.57 18.59 42.26
CA THR E 201 -21.72 19.46 42.45
C THR E 201 -21.33 20.67 43.28
N PHE E 202 -21.65 21.86 42.77
CA PHE E 202 -21.33 23.11 43.44
C PHE E 202 -22.63 23.82 43.82
N THR E 203 -22.65 24.41 45.02
CA THR E 203 -23.87 24.95 45.63
C THR E 203 -23.59 26.32 46.24
N CYS E 204 -22.98 27.22 45.47
CA CYS E 204 -22.71 28.56 45.96
C CYS E 204 -23.99 29.24 46.42
N THR E 205 -23.92 29.90 47.58
CA THR E 205 -25.07 30.55 48.19
C THR E 205 -24.74 32.02 48.46
N ALA E 206 -25.70 32.71 49.09
CA ALA E 206 -25.51 34.09 49.50
C ALA E 206 -26.62 34.45 50.48
N ALA E 207 -26.29 35.29 51.45
CA ALA E 207 -27.19 35.63 52.55
C ALA E 207 -27.22 37.14 52.78
N TYR E 208 -27.34 37.89 51.69
CA TYR E 208 -27.38 39.35 51.83
C TYR E 208 -28.51 39.75 52.76
N PRO E 209 -28.34 40.81 53.56
CA PRO E 209 -29.34 41.13 54.59
C PRO E 209 -30.73 41.38 54.04
N GLU E 210 -30.84 41.93 52.84
CA GLU E 210 -32.15 42.29 52.29
C GLU E 210 -33.04 41.08 52.02
N SER E 211 -32.54 39.86 52.17
CA SER E 211 -33.31 38.65 51.93
C SER E 211 -33.53 37.91 53.24
N LYS E 212 -34.79 37.55 53.50
CA LYS E 212 -35.14 36.81 54.71
C LYS E 212 -34.78 35.33 54.62
N THR E 213 -34.45 34.82 53.43
CA THR E 213 -34.09 33.43 53.26
C THR E 213 -32.91 33.37 52.29
N PRO E 214 -31.81 32.71 52.65
CA PRO E 214 -30.67 32.61 51.73
C PRO E 214 -31.04 31.89 50.44
N LEU E 215 -30.43 32.32 49.34
CA LEU E 215 -30.62 31.70 48.04
C LEU E 215 -29.40 30.88 47.66
N THR E 216 -29.60 29.97 46.70
CA THR E 216 -28.55 29.05 46.29
C THR E 216 -28.51 28.96 44.77
N ALA E 217 -27.32 28.66 44.25
CA ALA E 217 -27.11 28.45 42.83
C ALA E 217 -26.34 27.15 42.63
N THR E 218 -26.62 26.46 41.53
CA THR E 218 -26.03 25.16 41.27
C THR E 218 -25.58 25.07 39.82
N LEU E 219 -24.43 24.43 39.60
CA LEU E 219 -23.92 24.18 38.26
C LEU E 219 -22.94 23.02 38.33
N SER E 220 -22.64 22.44 37.17
CA SER E 220 -21.71 21.33 37.08
C SER E 220 -21.39 21.09 35.61
N LYS E 221 -20.55 20.08 35.37
CA LYS E 221 -20.15 19.76 34.01
C LYS E 221 -21.38 19.42 33.17
N SER E 222 -21.41 19.94 31.95
CA SER E 222 -22.56 19.69 31.06
C SER E 222 -22.44 18.32 30.41
N GLY E 223 -23.57 17.64 30.26
CA GLY E 223 -23.64 16.36 29.60
C GLY E 223 -24.11 16.49 28.16
N ASN E 224 -24.17 15.34 27.49
CA ASN E 224 -24.61 15.26 26.10
C ASN E 224 -23.81 16.23 25.23
N THR E 225 -22.51 15.99 25.15
CA THR E 225 -21.56 16.84 24.45
C THR E 225 -21.13 16.16 23.16
N PHE E 226 -21.18 16.89 22.05
CA PHE E 226 -20.73 16.40 20.76
C PHE E 226 -19.38 16.99 20.44
N ARG E 227 -18.53 16.20 19.82
CA ARG E 227 -17.18 16.69 19.59
C ARG E 227 -17.15 17.56 18.34
N PRO E 228 -16.32 18.61 18.33
CA PRO E 228 -16.25 19.48 17.15
C PRO E 228 -15.71 18.78 15.93
N GLU E 229 -16.20 19.20 14.77
CA GLU E 229 -15.70 18.75 13.48
C GLU E 229 -14.83 19.87 12.91
N VAL E 230 -13.56 19.88 13.31
CA VAL E 230 -12.66 20.95 12.90
C VAL E 230 -12.43 20.88 11.40
N HIS E 231 -12.43 22.04 10.74
CA HIS E 231 -12.18 22.13 9.30
C HIS E 231 -11.21 23.27 9.06
N LEU E 232 -10.01 22.94 8.61
CA LEU E 232 -9.05 23.95 8.18
C LEU E 232 -9.18 24.11 6.68
N LEU E 233 -9.54 25.31 6.24
CA LEU E 233 -9.83 25.57 4.85
C LEU E 233 -8.70 26.39 4.23
N PRO E 234 -8.15 25.98 3.09
CA PRO E 234 -7.04 26.74 2.51
C PRO E 234 -7.47 28.14 2.14
N PRO E 235 -6.54 28.98 1.70
CA PRO E 235 -6.91 30.33 1.27
C PRO E 235 -7.82 30.26 0.06
N PRO E 236 -8.72 31.22 -0.10
CA PRO E 236 -9.58 31.23 -1.29
C PRO E 236 -8.77 31.36 -2.57
N SER E 237 -9.40 31.02 -3.68
CA SER E 237 -8.71 31.01 -4.96
C SER E 237 -8.22 32.38 -5.35
N GLU E 238 -9.05 33.41 -5.18
CA GLU E 238 -8.72 34.74 -5.65
C GLU E 238 -7.80 35.51 -4.70
N GLU E 239 -7.66 35.05 -3.45
CA GLU E 239 -6.81 35.76 -2.51
C GLU E 239 -5.32 35.53 -2.81
N LEU E 240 -4.98 34.38 -3.42
CA LEU E 240 -3.59 34.10 -3.72
C LEU E 240 -3.07 34.94 -4.89
N ALA E 241 -3.97 35.42 -5.76
CA ALA E 241 -3.54 36.26 -6.88
C ALA E 241 -2.91 37.56 -6.40
N LEU E 242 -3.48 38.17 -5.36
CA LEU E 242 -2.94 39.44 -4.87
C LEU E 242 -1.52 39.27 -4.34
N ASN E 243 -1.20 38.10 -3.80
CA ASN E 243 0.16 37.82 -3.30
C ASN E 243 0.58 38.84 -2.25
N GLU E 244 -0.35 39.24 -1.39
CA GLU E 244 -0.04 40.13 -0.28
C GLU E 244 -0.34 39.51 1.07
N LEU E 245 -1.48 38.84 1.22
CA LEU E 245 -1.84 38.17 2.45
C LEU E 245 -2.91 37.14 2.13
N VAL E 246 -2.86 36.02 2.84
CA VAL E 246 -3.77 34.91 2.61
C VAL E 246 -4.44 34.56 3.93
N THR E 247 -5.72 34.20 3.85
CA THR E 247 -6.54 33.92 5.02
C THR E 247 -6.70 32.42 5.19
N LEU E 248 -6.46 31.92 6.39
CA LEU E 248 -6.67 30.52 6.72
C LEU E 248 -7.78 30.45 7.76
N THR E 249 -8.85 29.72 7.44
CA THR E 249 -10.04 29.64 8.28
C THR E 249 -10.08 28.29 9.00
N CYS E 250 -10.40 28.32 10.27
CA CYS E 250 -10.50 27.12 11.09
C CYS E 250 -11.89 27.07 11.70
N LEU E 251 -12.79 26.34 11.05
CA LEU E 251 -14.19 26.28 11.43
C LEU E 251 -14.44 25.03 12.26
N ALA E 252 -14.67 25.20 13.55
CA ALA E 252 -15.25 24.13 14.35
C ALA E 252 -16.75 24.11 14.10
N ARG E 253 -17.37 22.96 14.40
CA ARG E 253 -18.78 22.80 14.05
C ARG E 253 -19.34 21.58 14.76
N GLY E 254 -20.59 21.68 15.21
CA GLY E 254 -21.30 20.55 15.74
C GLY E 254 -21.11 20.29 17.22
N PHE E 255 -20.27 21.05 17.90
CA PHE E 255 -19.99 20.79 19.31
C PHE E 255 -21.05 21.45 20.17
N SER E 256 -21.58 20.70 21.14
CA SER E 256 -22.75 21.17 21.89
C SER E 256 -22.37 22.18 22.97
N PRO E 257 -21.37 21.91 23.80
CA PRO E 257 -20.97 22.93 24.78
C PRO E 257 -20.47 24.18 24.07
N LYS E 258 -20.75 25.34 24.68
CA LYS E 258 -20.45 26.60 24.03
C LYS E 258 -18.95 26.85 23.87
N ASP E 259 -18.12 26.32 24.77
CA ASP E 259 -16.73 26.74 24.87
C ASP E 259 -15.82 25.94 23.95
N VAL E 260 -14.78 26.61 23.46
CA VAL E 260 -13.78 25.97 22.61
C VAL E 260 -12.57 26.88 22.55
N LEU E 261 -11.39 26.29 22.44
CA LEU E 261 -10.13 27.01 22.31
C LEU E 261 -9.63 26.86 20.88
N VAL E 262 -9.21 27.96 20.27
CA VAL E 262 -8.57 27.91 18.96
C VAL E 262 -7.19 28.54 19.11
N ARG E 263 -6.16 27.79 18.73
CA ARG E 263 -4.79 28.28 18.68
C ARG E 263 -4.23 27.99 17.30
N TRP E 264 -3.22 28.75 16.91
CA TRP E 264 -2.64 28.64 15.59
C TRP E 264 -1.14 28.44 15.69
N LEU E 265 -0.61 27.64 14.78
CA LEU E 265 0.81 27.32 14.72
C LEU E 265 1.32 27.55 13.32
N GLN E 266 2.51 28.13 13.21
CA GLN E 266 3.22 28.25 11.93
C GLN E 266 4.38 27.28 11.99
N GLY E 267 4.21 26.13 11.36
CA GLY E 267 5.19 25.06 11.49
C GLY E 267 5.00 24.33 12.80
N SER E 268 5.91 24.58 13.75
CA SER E 268 5.80 24.02 15.09
C SER E 268 5.78 25.08 16.17
N GLN E 269 6.01 26.35 15.85
CA GLN E 269 6.05 27.43 16.82
C GLN E 269 4.68 28.11 16.86
N GLU E 270 4.02 28.06 18.02
CA GLU E 270 2.71 28.66 18.16
C GLU E 270 2.79 30.17 18.00
N LEU E 271 1.87 30.74 17.25
CA LEU E 271 1.83 32.19 17.07
C LEU E 271 1.22 32.86 18.30
N PRO E 272 1.59 34.10 18.57
CA PRO E 272 0.94 34.83 19.67
C PRO E 272 -0.50 35.13 19.35
N ARG E 273 -1.32 35.20 20.39
CA ARG E 273 -2.76 35.36 20.22
C ARG E 273 -3.15 36.69 19.58
N GLU E 274 -2.20 37.55 19.24
CA GLU E 274 -2.49 38.85 18.66
C GLU E 274 -2.39 38.86 17.14
N LYS E 275 -2.10 37.72 16.52
CA LYS E 275 -1.92 37.65 15.07
C LYS E 275 -3.10 37.05 14.33
N TYR E 276 -4.07 36.48 15.03
CA TYR E 276 -5.25 35.89 14.41
C TYR E 276 -6.51 36.34 15.12
N LEU E 277 -7.61 36.36 14.37
CA LEU E 277 -8.91 36.79 14.86
C LEU E 277 -9.80 35.56 15.03
N THR E 278 -10.43 35.43 16.20
CA THR E 278 -11.28 34.30 16.51
C THR E 278 -12.63 34.80 17.01
N TRP E 279 -13.70 34.32 16.40
CA TRP E 279 -15.04 34.76 16.75
C TRP E 279 -15.58 33.94 17.92
N ALA E 280 -16.77 34.31 18.38
CA ALA E 280 -17.40 33.63 19.50
C ALA E 280 -17.99 32.30 19.00
N SER E 281 -18.74 31.63 19.86
CA SER E 281 -19.38 30.36 19.53
C SER E 281 -20.89 30.59 19.55
N ARG E 282 -21.43 30.93 18.37
CA ARG E 282 -22.85 31.20 18.23
C ARG E 282 -23.58 29.94 17.78
N GLN E 283 -24.63 29.56 18.50
CA GLN E 283 -25.37 28.34 18.20
C GLN E 283 -25.87 28.39 16.77
N GLU E 284 -25.70 27.28 16.04
CA GLU E 284 -26.13 27.22 14.67
C GLU E 284 -27.60 26.82 14.59
N PRO E 285 -28.27 27.11 13.47
CA PRO E 285 -29.69 26.81 13.38
C PRO E 285 -29.96 25.34 13.63
N SER E 286 -31.06 25.08 14.34
CA SER E 286 -31.33 23.73 14.86
C SER E 286 -31.61 22.79 13.69
N GLN E 287 -30.64 21.94 13.37
CA GLN E 287 -30.84 20.82 12.47
C GLN E 287 -31.09 19.56 13.29
N GLY E 288 -32.21 19.58 14.01
CA GLY E 288 -32.54 18.54 14.96
C GLY E 288 -32.12 18.85 16.38
N THR E 289 -30.82 18.89 16.65
CA THR E 289 -30.30 19.15 17.98
C THR E 289 -29.45 20.42 17.98
N THR E 290 -29.24 20.97 19.18
CA THR E 290 -28.57 22.25 19.32
C THR E 290 -27.05 22.07 19.26
N THR E 291 -26.42 22.78 18.35
CA THR E 291 -24.97 22.71 18.16
C THR E 291 -24.45 24.11 17.87
N PHE E 292 -23.15 24.30 18.07
CA PHE E 292 -22.49 25.59 17.92
C PHE E 292 -21.47 25.51 16.80
N ALA E 293 -20.73 26.60 16.61
CA ALA E 293 -19.68 26.66 15.60
C ALA E 293 -18.94 27.97 15.73
N VAL E 294 -17.62 27.91 15.57
CA VAL E 294 -16.76 29.08 15.67
C VAL E 294 -15.83 29.12 14.46
N THR E 295 -15.44 30.34 14.09
CA THR E 295 -14.50 30.56 13.02
C THR E 295 -13.28 31.25 13.60
N SER E 296 -12.16 31.16 12.88
CA SER E 296 -10.93 31.80 13.32
C SER E 296 -10.05 31.99 12.10
N ILE E 297 -9.95 33.22 11.62
CA ILE E 297 -9.10 33.51 10.47
C ILE E 297 -7.72 33.87 10.97
N LEU E 298 -6.71 33.43 10.22
CA LEU E 298 -5.32 33.83 10.49
C LEU E 298 -4.73 34.28 9.17
N ARG E 299 -4.13 35.46 9.15
CA ARG E 299 -3.56 36.00 7.91
C ARG E 299 -2.06 35.72 7.86
N VAL E 300 -1.58 35.38 6.67
CA VAL E 300 -0.23 34.92 6.44
C VAL E 300 0.34 35.65 5.24
N ALA E 301 1.64 35.96 5.29
CA ALA E 301 2.29 36.51 4.11
C ALA E 301 2.21 35.50 2.97
N ALA E 302 1.78 35.97 1.79
CA ALA E 302 1.59 35.06 0.67
C ALA E 302 2.88 34.33 0.33
N GLU E 303 4.03 34.95 0.60
CA GLU E 303 5.30 34.29 0.35
C GLU E 303 5.44 33.03 1.20
N ASP E 304 4.99 33.09 2.45
CA ASP E 304 5.06 31.91 3.31
C ASP E 304 4.21 30.78 2.76
N TRP E 305 3.01 31.08 2.25
CA TRP E 305 2.17 30.04 1.68
C TRP E 305 2.78 29.47 0.42
N LYS E 306 3.18 30.33 -0.51
CA LYS E 306 3.71 29.85 -1.79
C LYS E 306 5.07 29.18 -1.63
N LYS E 307 5.77 29.42 -0.51
CA LYS E 307 7.04 28.75 -0.26
C LYS E 307 6.83 27.29 0.11
N GLY E 308 5.84 27.01 0.95
CA GLY E 308 5.52 25.64 1.31
C GLY E 308 5.49 25.38 2.80
N ASP E 309 5.37 26.43 3.61
CA ASP E 309 5.28 26.26 5.05
C ASP E 309 3.95 25.64 5.43
N THR E 310 3.91 25.04 6.62
CA THR E 310 2.73 24.33 7.10
C THR E 310 2.13 25.06 8.29
N PHE E 311 0.84 25.36 8.21
CA PHE E 311 0.12 26.04 9.27
C PHE E 311 -0.91 25.10 9.88
N SER E 312 -0.96 25.05 11.21
CA SER E 312 -1.83 24.15 11.93
C SER E 312 -2.81 24.94 12.77
N CYS E 313 -4.03 24.44 12.89
CA CYS E 313 -5.03 24.99 13.80
C CYS E 313 -5.33 23.94 14.86
N MET E 314 -5.13 24.31 16.12
CA MET E 314 -5.40 23.44 17.24
C MET E 314 -6.72 23.87 17.86
N VAL E 315 -7.69 22.97 17.88
CA VAL E 315 -8.99 23.20 18.49
C VAL E 315 -9.07 22.33 19.72
N GLY E 316 -9.35 22.93 20.86
CA GLY E 316 -9.50 22.20 22.10
C GLY E 316 -10.91 22.31 22.63
N HIS E 317 -11.59 21.17 22.75
CA HIS E 317 -12.95 21.14 23.25
C HIS E 317 -13.07 20.02 24.27
N GLU E 318 -14.04 20.17 25.18
CA GLU E 318 -14.16 19.23 26.29
C GLU E 318 -14.51 17.83 25.79
N ALA E 319 -15.41 17.73 24.81
CA ALA E 319 -15.94 16.45 24.38
C ALA E 319 -14.91 15.57 23.68
N LEU E 320 -13.84 16.14 23.15
CA LEU E 320 -12.88 15.36 22.40
C LEU E 320 -12.21 14.33 23.32
N PRO E 321 -11.68 13.24 22.75
CA PRO E 321 -11.10 12.20 23.62
C PRO E 321 -9.89 12.70 24.41
N LEU E 322 -8.89 13.25 23.72
CA LEU E 322 -7.73 13.81 24.37
C LEU E 322 -7.95 15.23 24.88
N ALA E 323 -9.15 15.78 24.65
CA ALA E 323 -9.45 17.18 24.92
C ALA E 323 -8.64 18.11 24.03
N PHE E 324 -8.17 17.62 22.89
CA PHE E 324 -7.42 18.44 21.94
C PHE E 324 -7.43 17.75 20.59
N THR E 325 -7.48 18.56 19.53
CA THR E 325 -7.36 18.07 18.17
C THR E 325 -6.68 19.15 17.36
N GLN E 326 -6.11 18.77 16.21
CA GLN E 326 -5.46 19.74 15.37
C GLN E 326 -5.64 19.33 13.91
N LYS E 327 -5.56 20.32 13.03
CA LYS E 327 -5.62 20.11 11.60
C LYS E 327 -4.54 20.96 10.94
N THR E 328 -3.67 20.32 10.17
CA THR E 328 -2.52 20.99 9.57
C THR E 328 -2.69 21.04 8.07
N ILE E 329 -2.42 22.20 7.48
CA ILE E 329 -2.54 22.40 6.04
C ILE E 329 -1.33 23.13 5.52
N ASP E 330 -0.84 22.70 4.37
CA ASP E 330 0.17 23.40 3.60
C ASP E 330 -0.23 23.32 2.14
N ARG E 331 0.53 23.99 1.28
CA ARG E 331 0.15 24.06 -0.13
C ARG E 331 0.00 22.67 -0.75
N LEU E 332 0.69 21.67 -0.19
CA LEU E 332 0.55 20.31 -0.70
C LEU E 332 -0.76 19.68 -0.26
N ALA E 333 -1.27 20.04 0.92
CA ALA E 333 -2.51 19.51 1.44
C ALA E 333 -3.69 20.43 1.16
N GLY E 334 -3.73 21.03 -0.03
CA GLY E 334 -4.85 21.85 -0.44
C GLY E 334 -5.35 21.45 -1.80
N LYS E 335 -6.07 22.33 -2.48
CA LYS E 335 -6.55 22.03 -3.81
C LYS E 335 -5.39 22.02 -4.79
N PRO E 336 -5.09 20.91 -5.45
CA PRO E 336 -4.01 20.89 -6.43
C PRO E 336 -4.47 21.29 -7.82
N THR E 337 -3.56 21.95 -8.54
CA THR E 337 -3.87 22.36 -9.90
C THR E 337 -3.82 21.22 -10.90
N HIS E 338 -3.22 20.09 -10.55
CA HIS E 338 -3.13 18.96 -11.45
C HIS E 338 -3.00 17.68 -10.64
N VAL E 339 -3.70 16.63 -11.08
CA VAL E 339 -3.66 15.33 -10.44
C VAL E 339 -3.44 14.27 -11.52
N ASN E 340 -2.54 13.33 -11.25
CA ASN E 340 -2.28 12.21 -12.14
C ASN E 340 -2.59 10.94 -11.36
N VAL E 341 -3.73 10.32 -11.65
CA VAL E 341 -4.20 9.14 -10.94
C VAL E 341 -3.96 7.93 -11.83
N SER E 342 -3.29 6.92 -11.30
CA SER E 342 -3.03 5.68 -12.01
C SER E 342 -3.66 4.53 -11.25
N VAL E 343 -4.43 3.70 -11.95
CA VAL E 343 -5.09 2.54 -11.37
C VAL E 343 -4.36 1.29 -11.84
N VAL E 344 -3.96 0.45 -10.91
CA VAL E 344 -3.23 -0.78 -11.20
C VAL E 344 -4.05 -1.96 -10.70
N MET E 345 -4.24 -2.96 -11.55
CA MET E 345 -4.97 -4.16 -11.21
C MET E 345 -4.01 -5.25 -10.78
N ALA E 346 -4.39 -6.00 -9.75
CA ALA E 346 -3.56 -7.05 -9.16
C ALA E 346 -4.35 -8.36 -9.23
N GLU E 347 -4.21 -9.07 -10.36
CA GLU E 347 -4.90 -10.34 -10.52
C GLU E 347 -4.29 -11.44 -9.68
N VAL E 348 -3.02 -11.33 -9.32
CA VAL E 348 -2.33 -12.42 -8.64
C VAL E 348 -2.70 -12.46 -7.16
N ASP E 349 -2.35 -11.41 -6.43
CA ASP E 349 -2.62 -11.37 -4.99
C ASP E 349 -2.66 -9.93 -4.54
N GLY E 350 -3.61 -9.62 -3.66
CA GLY E 350 -3.67 -8.28 -3.10
C GLY E 350 -2.94 -8.19 -1.78
N THR E 351 -1.69 -7.73 -1.85
CA THR E 351 -0.96 -7.26 -0.68
C THR E 351 -0.29 -5.94 -1.00
N CYS E 352 0.10 -5.77 -2.26
CA CYS E 352 0.78 -4.57 -2.77
C CYS E 352 1.92 -4.16 -1.84
N TYR E 353 2.99 -4.94 -1.95
CA TYR E 353 4.20 -4.76 -1.17
C TYR E 353 4.60 -3.28 -1.11
N PRO F 6 -38.00 54.49 -22.11
CA PRO F 6 -37.56 55.44 -21.08
C PRO F 6 -37.65 54.87 -19.68
N MET F 7 -38.45 53.82 -19.49
CA MET F 7 -38.61 53.18 -18.20
C MET F 7 -38.65 51.67 -18.41
N PRO F 8 -38.24 50.90 -17.40
CA PRO F 8 -38.38 49.43 -17.51
C PRO F 8 -39.82 49.02 -17.73
N PHE F 9 -40.01 47.96 -18.50
CA PHE F 9 -41.34 47.45 -18.81
C PHE F 9 -41.74 46.36 -17.82
N ILE F 10 -43.04 46.30 -17.55
CA ILE F 10 -43.61 45.31 -16.64
C ILE F 10 -44.61 44.48 -17.43
N SER F 11 -44.27 43.23 -17.68
CA SER F 11 -45.13 42.31 -18.42
C SER F 11 -45.83 41.36 -17.46
N ALA F 12 -46.94 40.79 -17.91
CA ALA F 12 -47.69 39.79 -17.17
C ALA F 12 -47.63 38.48 -17.93
N LYS F 13 -47.18 37.42 -17.25
CA LYS F 13 -47.09 36.12 -17.90
C LYS F 13 -48.46 35.50 -18.17
N SER F 14 -49.50 36.00 -17.51
CA SER F 14 -50.87 35.57 -17.74
C SER F 14 -51.68 36.73 -18.31
N SER F 15 -52.87 36.41 -18.79
CA SER F 15 -53.74 37.44 -19.35
C SER F 15 -54.11 38.45 -18.27
N PRO F 16 -54.13 39.75 -18.59
CA PRO F 16 -54.53 40.74 -17.57
C PRO F 16 -55.95 40.55 -17.06
N VAL F 17 -56.79 39.82 -17.80
CA VAL F 17 -58.16 39.54 -17.34
C VAL F 17 -58.09 38.21 -16.58
N ILE F 18 -57.79 38.31 -15.29
CA ILE F 18 -57.66 37.14 -14.43
C ILE F 18 -58.99 36.90 -13.73
N PRO F 19 -59.54 35.68 -13.76
CA PRO F 19 -60.81 35.43 -13.08
C PRO F 19 -60.63 35.36 -11.57
N LEU F 20 -61.76 35.37 -10.87
CA LEU F 20 -61.74 35.29 -9.42
C LEU F 20 -61.07 33.99 -8.97
N ASP F 21 -60.32 34.06 -7.88
CA ASP F 21 -59.61 32.90 -7.34
C ASP F 21 -58.62 32.34 -8.37
N GLY F 22 -58.01 33.24 -9.15
CA GLY F 22 -57.06 32.86 -10.17
C GLY F 22 -55.62 33.07 -9.72
N SER F 23 -54.73 33.13 -10.70
CA SER F 23 -53.32 33.33 -10.45
C SER F 23 -52.71 34.11 -11.60
N VAL F 24 -51.59 34.78 -11.33
CA VAL F 24 -50.91 35.56 -12.36
C VAL F 24 -49.45 35.69 -11.97
N LYS F 25 -48.59 35.74 -13.00
CA LYS F 25 -47.15 35.94 -12.84
C LYS F 25 -46.74 37.21 -13.55
N ILE F 26 -45.97 38.05 -12.86
CA ILE F 26 -45.56 39.36 -13.37
C ILE F 26 -44.04 39.40 -13.42
N GLN F 27 -43.50 39.81 -14.56
CA GLN F 27 -42.07 39.91 -14.77
C GLN F 27 -41.70 41.35 -15.12
N CYS F 28 -40.75 41.90 -14.37
CA CYS F 28 -40.26 43.26 -14.60
C CYS F 28 -38.90 43.20 -15.27
N GLN F 29 -38.59 44.24 -16.05
CA GLN F 29 -37.32 44.29 -16.77
C GLN F 29 -36.19 44.45 -15.77
N ALA F 30 -35.41 43.39 -15.58
CA ALA F 30 -34.36 43.40 -14.58
C ALA F 30 -33.26 44.38 -14.96
N ILE F 31 -32.72 45.08 -13.96
CA ILE F 31 -31.55 45.92 -14.11
C ILE F 31 -30.49 45.42 -13.15
N ARG F 32 -29.30 45.13 -13.67
CA ARG F 32 -28.26 44.52 -12.85
C ARG F 32 -27.90 45.42 -11.67
N GLU F 33 -27.84 46.73 -11.89
CA GLU F 33 -27.43 47.67 -10.84
C GLU F 33 -28.43 47.76 -9.69
N ALA F 34 -29.53 47.01 -9.70
CA ALA F 34 -30.50 47.03 -8.61
C ALA F 34 -30.31 45.78 -7.76
N TYR F 35 -30.12 45.98 -6.46
CA TYR F 35 -29.96 44.88 -5.53
C TYR F 35 -31.25 44.48 -4.83
N LEU F 36 -32.28 45.32 -4.89
CA LEU F 36 -33.58 45.01 -4.33
C LEU F 36 -34.67 45.46 -5.29
N THR F 37 -35.64 44.59 -5.54
CA THR F 37 -36.79 44.90 -6.39
C THR F 37 -38.06 44.60 -5.62
N GLN F 38 -38.99 45.55 -5.61
CA GLN F 38 -40.23 45.43 -4.87
C GLN F 38 -41.42 45.63 -5.80
N LEU F 39 -42.49 44.89 -5.55
CA LEU F 39 -43.75 45.07 -6.25
C LEU F 39 -44.65 45.98 -5.42
N MET F 40 -45.09 47.09 -6.00
CA MET F 40 -45.88 48.09 -5.32
C MET F 40 -47.25 48.16 -5.96
N ILE F 41 -48.28 48.18 -5.13
CA ILE F 41 -49.66 48.30 -5.56
C ILE F 41 -50.14 49.70 -5.22
N ILE F 42 -50.54 50.46 -6.24
CA ILE F 42 -50.96 51.84 -6.07
C ILE F 42 -52.42 51.83 -5.59
N LYS F 43 -52.65 52.39 -4.41
CA LYS F 43 -53.98 52.47 -3.83
C LYS F 43 -54.05 53.72 -2.97
N ASN F 44 -55.05 54.56 -3.22
CA ASN F 44 -55.21 55.81 -2.49
C ASN F 44 -53.96 56.68 -2.64
N SER F 45 -53.34 56.65 -3.83
CA SER F 45 -52.17 57.46 -4.14
C SER F 45 -51.03 57.20 -3.15
N THR F 46 -50.73 55.92 -2.95
CA THR F 46 -49.61 55.52 -2.10
C THR F 46 -49.14 54.15 -2.52
N TYR F 47 -47.93 53.81 -2.10
CA TYR F 47 -47.31 52.53 -2.43
C TYR F 47 -47.56 51.51 -1.34
N ARG F 48 -47.47 50.23 -1.71
CA ARG F 48 -47.65 49.13 -0.77
C ARG F 48 -46.92 47.92 -1.31
N GLU F 49 -45.96 47.41 -0.54
CA GLU F 49 -45.11 46.31 -0.98
C GLU F 49 -45.83 44.99 -0.79
N ILE F 50 -45.86 44.18 -1.84
CA ILE F 50 -46.45 42.84 -1.79
C ILE F 50 -45.43 41.75 -2.08
N GLY F 51 -44.35 42.04 -2.80
CA GLY F 51 -43.33 41.06 -3.08
C GLY F 51 -41.95 41.68 -3.15
N ARG F 52 -40.96 41.04 -2.53
CA ARG F 52 -39.60 41.56 -2.46
C ARG F 52 -38.63 40.52 -2.98
N ARG F 53 -37.67 40.97 -3.78
CA ARG F 53 -36.64 40.09 -4.35
C ARG F 53 -35.29 40.75 -4.14
N LEU F 54 -34.42 40.07 -3.41
CA LEU F 54 -33.07 40.56 -3.11
C LEU F 54 -32.09 39.70 -3.91
N LYS F 55 -31.49 40.30 -4.95
CA LYS F 55 -30.56 39.59 -5.82
C LYS F 55 -30.07 40.54 -6.89
N PHE F 56 -28.93 40.20 -7.48
CA PHE F 56 -28.40 40.90 -8.64
C PHE F 56 -28.76 40.07 -9.87
N TRP F 57 -29.83 40.47 -10.56
CA TRP F 57 -30.33 39.72 -11.70
C TRP F 57 -29.55 40.07 -12.96
N ASN F 58 -29.04 39.04 -13.62
CA ASN F 58 -28.33 39.21 -14.89
C ASN F 58 -28.90 38.32 -15.99
N GLU F 59 -29.39 37.13 -15.65
CA GLU F 59 -29.89 36.20 -16.65
C GLU F 59 -31.42 36.15 -16.67
N THR F 60 -32.04 35.99 -15.50
CA THR F 60 -33.49 35.95 -15.40
C THR F 60 -34.02 37.36 -15.13
N ASP F 61 -35.29 37.45 -14.75
CA ASP F 61 -35.91 38.71 -14.38
C ASP F 61 -36.79 38.48 -13.16
N PRO F 62 -37.08 39.53 -12.39
CA PRO F 62 -37.91 39.35 -11.19
C PRO F 62 -39.32 38.88 -11.51
N GLU F 63 -39.64 37.64 -11.16
CA GLU F 63 -40.95 37.06 -11.39
C GLU F 63 -41.69 36.94 -10.06
N PHE F 64 -42.82 37.62 -9.96
CA PHE F 64 -43.67 37.57 -8.78
C PHE F 64 -44.97 36.84 -9.12
N VAL F 65 -45.49 36.12 -8.13
CA VAL F 65 -46.69 35.31 -8.29
C VAL F 65 -47.77 35.84 -7.36
N ILE F 66 -48.97 36.05 -7.89
CA ILE F 66 -50.13 36.41 -7.11
C ILE F 66 -51.17 35.31 -7.29
N ASP F 67 -51.70 34.80 -6.18
CA ASP F 67 -52.70 33.74 -6.18
C ASP F 67 -53.96 34.24 -5.49
N HIS F 68 -55.09 33.60 -5.85
CA HIS F 68 -56.40 33.99 -5.33
C HIS F 68 -56.70 35.44 -5.68
N MET F 69 -56.80 35.70 -6.98
CA MET F 69 -57.10 37.05 -7.47
C MET F 69 -58.43 37.52 -6.91
N ASP F 70 -58.47 38.76 -6.44
CA ASP F 70 -59.67 39.33 -5.85
C ASP F 70 -59.66 40.84 -6.06
N ALA F 71 -60.73 41.49 -5.60
CA ALA F 71 -60.86 42.94 -5.79
C ALA F 71 -59.76 43.69 -5.07
N ASN F 72 -59.43 43.28 -3.85
CA ASN F 72 -58.40 43.99 -3.07
C ASN F 72 -57.06 43.95 -3.79
N LYS F 73 -56.69 42.80 -4.34
CA LYS F 73 -55.39 42.64 -4.99
C LYS F 73 -55.35 43.19 -6.41
N ALA F 74 -56.49 43.57 -6.99
CA ALA F 74 -56.52 44.13 -8.32
C ALA F 74 -56.22 45.62 -8.29
N GLY F 75 -55.66 46.12 -9.38
CA GLY F 75 -55.33 47.54 -9.46
C GLY F 75 -54.05 47.77 -10.24
N ARG F 76 -53.33 48.81 -9.84
CA ARG F 76 -52.11 49.23 -10.54
C ARG F 76 -50.89 48.67 -9.83
N TYR F 77 -50.00 48.05 -10.61
CA TYR F 77 -48.79 47.42 -10.11
C TYR F 77 -47.58 48.06 -10.76
N GLN F 78 -46.49 48.16 -10.00
CA GLN F 78 -45.26 48.75 -10.52
C GLN F 78 -44.06 48.16 -9.78
N CYS F 79 -42.95 47.96 -10.50
CA CYS F 79 -41.71 47.50 -9.89
C CYS F 79 -40.84 48.69 -9.50
N GLN F 80 -40.42 48.71 -8.24
CA GLN F 80 -39.54 49.74 -7.71
C GLN F 80 -38.19 49.10 -7.41
N TYR F 81 -37.13 49.65 -8.00
CA TYR F 81 -35.78 49.14 -7.85
C TYR F 81 -34.97 50.08 -6.96
N ARG F 82 -34.19 49.49 -6.06
CA ARG F 82 -33.27 50.25 -5.23
C ARG F 82 -31.90 50.23 -5.89
N ILE F 83 -31.38 51.40 -6.24
CA ILE F 83 -30.05 51.56 -6.81
C ILE F 83 -29.22 52.33 -5.81
N GLY F 84 -28.07 51.78 -5.43
CA GLY F 84 -27.21 52.48 -4.52
C GLY F 84 -27.82 52.58 -3.13
N HIS F 85 -27.27 53.50 -2.34
CA HIS F 85 -27.68 53.62 -0.94
C HIS F 85 -29.09 54.18 -0.82
N TYR F 86 -29.43 55.17 -1.66
CA TYR F 86 -30.73 55.82 -1.57
C TYR F 86 -31.40 56.08 -2.91
N ARG F 87 -30.76 55.73 -4.03
CA ARG F 87 -31.37 55.99 -5.33
C ARG F 87 -32.53 55.02 -5.58
N PHE F 88 -33.57 55.53 -6.25
CA PHE F 88 -34.74 54.73 -6.59
C PHE F 88 -34.99 54.85 -8.09
N ARG F 89 -35.16 53.72 -8.75
CA ARG F 89 -35.51 53.69 -10.17
C ARG F 89 -36.86 53.00 -10.32
N TYR F 90 -37.81 53.69 -10.96
CA TYR F 90 -39.14 53.17 -11.17
C TYR F 90 -39.28 52.64 -12.59
N SER F 91 -40.46 52.10 -12.90
CA SER F 91 -40.69 51.43 -14.17
C SER F 91 -42.08 51.85 -14.67
N ASP F 92 -42.53 51.20 -15.74
CA ASP F 92 -43.87 51.42 -16.25
C ASP F 92 -44.89 50.77 -15.31
N THR F 93 -46.15 51.14 -15.50
CA THR F 93 -47.24 50.62 -14.69
C THR F 93 -47.98 49.52 -15.44
N LEU F 94 -48.65 48.67 -14.67
CA LEU F 94 -49.47 47.60 -15.21
C LEU F 94 -50.80 47.58 -14.46
N GLU F 95 -51.82 47.03 -15.10
CA GLU F 95 -53.17 46.96 -14.53
C GLU F 95 -53.64 45.53 -14.47
N LEU F 96 -54.22 45.16 -13.32
CA LEU F 96 -54.80 43.83 -13.11
C LEU F 96 -56.25 43.98 -12.70
N VAL F 97 -57.12 43.21 -13.36
CA VAL F 97 -58.56 43.27 -13.15
C VAL F 97 -59.07 41.88 -12.79
N VAL F 98 -60.29 41.86 -12.24
CA VAL F 98 -60.94 40.63 -11.80
C VAL F 98 -62.27 40.49 -12.53
N THR F 99 -62.56 39.27 -12.98
CA THR F 99 -63.76 38.96 -13.74
C THR F 99 -64.61 37.96 -12.99
N GLY F 100 -65.91 38.24 -12.89
CA GLY F 100 -66.84 37.31 -12.27
C GLY F 100 -67.64 37.90 -11.13
N LEU F 101 -67.83 39.22 -11.13
CA LEU F 101 -68.62 39.88 -10.10
C LEU F 101 -70.03 40.22 -10.53
N TYR F 102 -70.31 40.25 -11.84
CA TYR F 102 -71.62 40.62 -12.34
C TYR F 102 -72.01 39.67 -13.47
N GLY F 103 -73.24 39.82 -13.96
CA GLY F 103 -73.73 38.94 -14.99
C GLY F 103 -73.02 39.14 -16.33
N LYS F 104 -73.12 38.11 -17.17
CA LYS F 104 -72.47 38.14 -18.47
C LYS F 104 -73.31 38.97 -19.45
N PRO F 105 -72.74 39.97 -20.09
CA PRO F 105 -73.49 40.72 -21.11
C PRO F 105 -73.64 39.90 -22.38
N PHE F 106 -74.26 40.52 -23.39
CA PHE F 106 -74.49 39.88 -24.67
C PHE F 106 -73.73 40.63 -25.76
N LEU F 107 -72.93 39.89 -26.53
CA LEU F 107 -72.14 40.44 -27.63
C LEU F 107 -72.51 39.73 -28.92
N SER F 108 -72.58 40.50 -30.01
CA SER F 108 -72.95 39.96 -31.31
C SER F 108 -72.25 40.77 -32.39
N ALA F 109 -72.32 40.26 -33.62
CA ALA F 109 -71.75 40.94 -34.78
C ALA F 109 -72.76 40.92 -35.91
N ASP F 110 -72.75 41.99 -36.71
CA ASP F 110 -73.67 42.10 -37.84
C ASP F 110 -73.22 41.32 -39.06
N ARG F 111 -71.98 40.84 -39.09
CA ARG F 111 -71.47 40.05 -40.19
C ARG F 111 -71.50 38.57 -39.83
N GLY F 112 -70.97 37.73 -40.71
CA GLY F 112 -70.92 36.30 -40.50
C GLY F 112 -69.67 35.80 -39.81
N LEU F 113 -68.81 36.69 -39.33
CA LEU F 113 -67.56 36.36 -38.65
C LEU F 113 -66.52 35.74 -39.58
N VAL F 114 -66.80 35.69 -40.88
CA VAL F 114 -65.84 35.19 -41.86
C VAL F 114 -65.60 36.27 -42.90
N LEU F 115 -65.70 37.53 -42.47
CA LEU F 115 -65.58 38.64 -43.39
C LEU F 115 -64.21 38.64 -44.06
N MET F 116 -64.19 39.05 -45.33
CA MET F 116 -62.97 39.09 -46.09
C MET F 116 -62.04 40.17 -45.56
N PRO F 117 -60.75 40.09 -45.86
CA PRO F 117 -59.80 41.10 -45.36
C PRO F 117 -60.13 42.53 -45.77
N GLY F 118 -60.99 42.73 -46.76
CA GLY F 118 -61.36 44.07 -47.18
C GLY F 118 -62.73 44.50 -46.72
N GLU F 119 -63.34 43.71 -45.84
CA GLU F 119 -64.69 43.99 -45.35
C GLU F 119 -64.64 44.72 -44.01
N ASN F 120 -65.79 45.27 -43.62
CA ASN F 120 -65.95 45.98 -42.37
C ASN F 120 -66.94 45.23 -41.48
N ILE F 121 -66.56 45.02 -40.23
CA ILE F 121 -67.38 44.31 -39.26
C ILE F 121 -67.49 45.16 -38.01
N SER F 122 -68.70 45.30 -37.48
CA SER F 122 -68.95 46.05 -36.26
C SER F 122 -69.55 45.11 -35.22
N LEU F 123 -69.05 45.19 -33.99
CA LEU F 123 -69.50 44.35 -32.89
C LEU F 123 -70.35 45.18 -31.93
N THR F 124 -71.51 44.66 -31.58
CA THR F 124 -72.42 45.32 -30.64
C THR F 124 -72.48 44.51 -29.35
N CYS F 125 -72.13 45.16 -28.24
CA CYS F 125 -72.19 44.56 -26.91
C CYS F 125 -73.13 45.38 -26.05
N SER F 126 -74.02 44.69 -25.33
CA SER F 126 -74.99 45.38 -24.49
C SER F 126 -75.61 44.36 -23.54
N SER F 127 -76.31 44.88 -22.54
CA SER F 127 -77.05 44.06 -21.59
C SER F 127 -78.41 44.71 -21.36
N ALA F 128 -79.43 43.86 -21.12
CA ALA F 128 -80.78 44.32 -20.92
C ALA F 128 -81.19 44.37 -19.46
N HIS F 129 -80.76 43.40 -18.66
CA HIS F 129 -81.12 43.32 -17.25
C HIS F 129 -80.03 43.82 -16.33
N ILE F 130 -79.00 44.47 -16.86
CA ILE F 130 -77.88 44.98 -16.08
C ILE F 130 -77.73 46.47 -16.39
N PRO F 131 -77.50 47.33 -15.39
CA PRO F 131 -77.32 48.76 -15.69
C PRO F 131 -75.92 49.14 -16.13
N PHE F 132 -75.14 48.17 -16.60
CA PHE F 132 -73.74 48.39 -16.95
C PHE F 132 -73.54 49.73 -17.64
N ASP F 133 -72.65 50.56 -17.06
CA ASP F 133 -72.40 51.88 -17.62
C ASP F 133 -71.55 51.79 -18.88
N ARG F 134 -70.52 50.95 -18.88
CA ARG F 134 -69.61 50.83 -20.01
C ARG F 134 -69.34 49.36 -20.29
N PHE F 135 -68.81 49.10 -21.48
CA PHE F 135 -68.47 47.75 -21.91
C PHE F 135 -67.09 47.76 -22.55
N SER F 136 -66.37 46.63 -22.41
CA SER F 136 -65.03 46.50 -22.94
C SER F 136 -64.93 45.20 -23.74
N LEU F 137 -64.34 45.30 -24.93
CA LEU F 137 -64.15 44.14 -25.81
C LEU F 137 -62.74 43.62 -25.60
N ALA F 138 -62.63 42.37 -25.17
CA ALA F 138 -61.35 41.74 -24.87
C ALA F 138 -61.11 40.57 -25.82
N LYS F 139 -59.95 40.55 -26.45
CA LYS F 139 -59.56 39.48 -27.36
C LYS F 139 -58.74 38.44 -26.59
N GLU F 140 -59.07 37.17 -26.80
CA GLU F 140 -58.39 36.10 -26.08
C GLU F 140 -56.92 36.04 -26.44
N GLY F 141 -56.08 35.77 -25.45
CA GLY F 141 -54.65 35.62 -25.64
C GLY F 141 -53.85 36.89 -25.50
N GLU F 142 -54.50 38.04 -25.37
CA GLU F 142 -53.78 39.30 -25.25
C GLU F 142 -53.18 39.44 -23.86
N LEU F 143 -51.92 39.83 -23.79
CA LEU F 143 -51.22 40.04 -22.52
C LEU F 143 -51.35 41.47 -22.01
N SER F 144 -52.05 42.33 -22.73
CA SER F 144 -52.26 43.72 -22.33
C SER F 144 -53.74 44.02 -22.32
N LEU F 145 -54.13 44.99 -21.50
CA LEU F 145 -55.54 45.33 -21.35
C LEU F 145 -56.11 45.79 -22.69
N PRO F 146 -57.34 45.41 -23.02
CA PRO F 146 -57.91 45.80 -24.32
C PRO F 146 -58.04 47.30 -24.44
N GLN F 147 -57.83 47.80 -25.65
CA GLN F 147 -57.98 49.21 -25.97
C GLN F 147 -59.35 49.55 -26.53
N HIS F 148 -60.25 48.58 -26.62
CA HIS F 148 -61.58 48.78 -27.19
C HIS F 148 -62.58 48.91 -26.04
N GLN F 149 -63.21 50.09 -25.94
CA GLN F 149 -64.20 50.35 -24.91
C GLN F 149 -65.21 51.36 -25.43
N SER F 150 -66.39 51.37 -24.81
CA SER F 150 -67.47 52.28 -25.17
C SER F 150 -68.09 52.85 -23.91
N GLY F 151 -68.93 53.87 -24.09
CA GLY F 151 -69.56 54.55 -22.98
C GLY F 151 -71.06 54.43 -22.95
N GLU F 152 -71.68 54.27 -24.12
CA GLU F 152 -73.13 54.16 -24.22
C GLU F 152 -73.56 52.71 -24.03
N HIS F 153 -74.86 52.54 -23.75
CA HIS F 153 -75.39 51.19 -23.58
C HIS F 153 -75.19 50.32 -24.80
N PRO F 154 -75.51 50.77 -26.02
CA PRO F 154 -75.18 49.96 -27.22
C PRO F 154 -73.71 50.10 -27.61
N ALA F 155 -72.86 49.38 -26.87
CA ALA F 155 -71.42 49.47 -27.09
C ALA F 155 -71.05 49.01 -28.49
N ASN F 156 -70.57 49.94 -29.31
CA ASN F 156 -70.20 49.66 -30.69
C ASN F 156 -68.69 49.63 -30.81
N PHE F 157 -68.18 48.57 -31.45
CA PHE F 157 -66.75 48.40 -31.71
C PHE F 157 -66.55 48.23 -33.20
N SER F 158 -65.86 49.19 -33.82
CA SER F 158 -65.63 49.19 -35.26
C SER F 158 -64.19 48.79 -35.55
N LEU F 159 -64.02 47.91 -36.54
CA LEU F 159 -62.70 47.41 -36.90
C LEU F 159 -62.19 47.94 -38.23
N GLY F 160 -63.07 48.40 -39.12
CA GLY F 160 -62.67 48.98 -40.37
C GLY F 160 -61.99 47.99 -41.30
N PRO F 161 -60.86 48.39 -41.89
CA PRO F 161 -60.14 47.46 -42.79
C PRO F 161 -59.44 46.35 -42.03
N VAL F 162 -60.18 45.28 -41.71
CA VAL F 162 -59.61 44.18 -40.95
C VAL F 162 -58.50 43.49 -41.76
N ASP F 163 -57.72 42.68 -41.07
CA ASP F 163 -56.63 41.94 -41.67
C ASP F 163 -56.53 40.58 -40.97
N LEU F 164 -55.44 39.86 -41.22
CA LEU F 164 -55.25 38.55 -40.59
C LEU F 164 -55.01 38.69 -39.09
N ASN F 165 -54.33 39.76 -38.66
CA ASN F 165 -54.04 39.94 -37.24
C ASN F 165 -55.30 40.09 -36.40
N VAL F 166 -56.43 40.48 -37.01
CA VAL F 166 -57.66 40.64 -36.26
C VAL F 166 -58.29 39.31 -35.89
N SER F 167 -57.87 38.22 -36.52
CA SER F 167 -58.46 36.92 -36.24
C SER F 167 -58.22 36.52 -34.78
N GLY F 168 -59.25 35.98 -34.15
CA GLY F 168 -59.15 35.54 -32.78
C GLY F 168 -60.51 35.42 -32.14
N ILE F 169 -60.49 35.05 -30.86
CA ILE F 169 -61.69 34.91 -30.05
C ILE F 169 -61.91 36.20 -29.28
N TYR F 170 -63.14 36.71 -29.32
CA TYR F 170 -63.48 37.98 -28.68
C TYR F 170 -64.60 37.76 -27.68
N ARG F 171 -64.56 38.52 -26.59
CA ARG F 171 -65.60 38.50 -25.57
C ARG F 171 -65.83 39.93 -25.10
N CYS F 172 -66.91 40.11 -24.34
CA CYS F 172 -67.27 41.43 -23.81
C CYS F 172 -67.42 41.34 -22.30
N TYR F 173 -67.00 42.41 -21.62
CA TYR F 173 -67.06 42.49 -20.17
C TYR F 173 -67.67 43.81 -19.75
N GLY F 174 -68.55 43.77 -18.76
CA GLY F 174 -69.13 44.97 -18.22
C GLY F 174 -68.11 45.82 -17.48
N TRP F 175 -68.47 47.07 -17.24
CA TRP F 175 -67.56 48.02 -16.63
C TRP F 175 -68.36 49.10 -15.92
N TYR F 176 -68.15 49.21 -14.61
CA TYR F 176 -68.80 50.22 -13.78
C TYR F 176 -67.82 51.34 -13.48
N ASN F 177 -68.27 52.58 -13.65
CA ASN F 177 -67.40 53.71 -13.40
C ASN F 177 -66.97 53.77 -11.93
N ARG F 178 -67.80 53.23 -11.03
CA ARG F 178 -67.46 53.19 -9.61
C ARG F 178 -66.53 52.04 -9.26
N SER F 179 -66.34 51.07 -10.16
CA SER F 179 -65.46 49.92 -9.93
C SER F 179 -64.52 49.81 -11.13
N PRO F 180 -63.46 50.60 -11.15
CA PRO F 180 -62.58 50.60 -12.34
C PRO F 180 -61.99 49.24 -12.68
N TYR F 181 -61.67 48.43 -11.68
CA TYR F 181 -60.97 47.17 -11.90
C TYR F 181 -61.81 45.95 -11.52
N LEU F 182 -63.13 46.08 -11.51
CA LEU F 182 -64.04 44.96 -11.26
C LEU F 182 -64.81 44.69 -12.55
N TRP F 183 -64.53 43.54 -13.16
CA TRP F 183 -65.16 43.15 -14.43
C TRP F 183 -66.14 42.02 -14.20
N SER F 184 -67.12 41.93 -15.10
CA SER F 184 -68.21 40.96 -14.97
C SER F 184 -67.79 39.63 -15.57
N PHE F 185 -68.72 38.67 -15.61
CA PHE F 185 -68.43 37.36 -16.16
C PHE F 185 -68.23 37.45 -17.67
N PRO F 186 -67.47 36.53 -18.25
CA PRO F 186 -67.29 36.54 -19.71
C PRO F 186 -68.60 36.38 -20.44
N SER F 187 -68.74 37.07 -21.56
CA SER F 187 -69.92 36.97 -22.40
C SER F 187 -69.75 35.83 -23.40
N ASN F 188 -70.71 35.68 -24.31
CA ASN F 188 -70.60 34.65 -25.33
C ASN F 188 -69.39 34.92 -26.22
N ALA F 189 -68.62 33.87 -26.50
CA ALA F 189 -67.41 34.01 -27.29
C ALA F 189 -67.70 33.88 -28.77
N LEU F 190 -67.07 34.74 -29.57
CA LEU F 190 -67.22 34.74 -31.02
C LEU F 190 -65.85 34.61 -31.67
N GLU F 191 -65.75 33.74 -32.67
CA GLU F 191 -64.51 33.53 -33.41
C GLU F 191 -64.58 34.38 -34.69
N LEU F 192 -63.88 35.51 -34.67
CA LEU F 192 -63.86 36.42 -35.81
C LEU F 192 -62.69 36.08 -36.73
N VAL F 193 -62.75 34.86 -37.27
CA VAL F 193 -61.70 34.38 -38.17
C VAL F 193 -61.71 35.20 -39.45
N VAL F 194 -60.53 35.65 -39.87
CA VAL F 194 -60.35 36.43 -41.10
C VAL F 194 -59.46 35.63 -42.03
N THR F 195 -59.95 35.36 -43.23
CA THR F 195 -59.19 34.60 -44.21
C THR F 195 -59.42 35.15 -45.61
N CYS G 123 -31.93 56.14 37.67
CA CYS G 123 -30.65 56.35 38.33
C CYS G 123 -29.90 57.52 37.70
N HIS G 124 -28.60 57.38 37.48
CA HIS G 124 -27.80 58.49 36.96
C HIS G 124 -28.26 58.84 35.55
N PRO G 125 -28.69 60.07 35.29
CA PRO G 125 -29.08 60.44 33.92
C PRO G 125 -27.89 60.43 32.97
N ARG G 126 -28.18 60.10 31.72
CA ARG G 126 -27.16 60.12 30.67
C ARG G 126 -27.86 60.28 29.33
N LEU G 127 -27.09 60.72 28.34
CA LEU G 127 -27.61 60.95 27.00
C LEU G 127 -26.83 60.10 26.00
N SER G 128 -27.54 59.52 25.03
CA SER G 128 -26.92 58.66 24.04
C SER G 128 -27.60 58.87 22.69
N LEU G 129 -26.79 59.01 21.65
CA LEU G 129 -27.28 59.17 20.27
C LEU G 129 -26.85 57.96 19.46
N HIS G 130 -27.83 57.27 18.86
CA HIS G 130 -27.57 56.09 18.07
C HIS G 130 -27.61 56.43 16.58
N ARG G 131 -27.54 55.40 15.75
CA ARG G 131 -27.69 55.53 14.31
C ARG G 131 -28.63 54.44 13.80
N PRO G 132 -29.27 54.66 12.65
CA PRO G 132 -30.15 53.61 12.11
C PRO G 132 -29.37 52.34 11.82
N ALA G 133 -30.01 51.21 12.07
CA ALA G 133 -29.40 49.93 11.74
C ALA G 133 -29.21 49.83 10.23
N LEU G 134 -28.12 49.16 9.83
CA LEU G 134 -27.81 49.05 8.41
C LEU G 134 -28.95 48.36 7.65
N GLU G 135 -29.68 47.47 8.31
CA GLU G 135 -30.78 46.79 7.66
C GLU G 135 -31.81 47.80 7.13
N ASP G 136 -32.21 48.74 7.98
CA ASP G 136 -33.18 49.75 7.55
C ASP G 136 -32.63 50.60 6.42
N LEU G 137 -31.36 51.00 6.52
CA LEU G 137 -30.78 51.85 5.50
C LEU G 137 -30.75 51.16 4.14
N LEU G 138 -30.38 49.87 4.11
CA LEU G 138 -30.18 49.17 2.85
C LEU G 138 -31.41 48.42 2.36
N LEU G 139 -32.49 48.37 3.15
CA LEU G 139 -33.68 47.61 2.77
C LEU G 139 -34.99 48.37 2.94
N GLY G 140 -34.97 49.59 3.48
CA GLY G 140 -36.19 50.30 3.70
C GLY G 140 -35.95 51.79 3.87
N SER G 141 -37.02 52.51 4.18
CA SER G 141 -36.99 53.95 4.38
C SER G 141 -37.28 54.34 5.83
N GLU G 142 -36.93 53.45 6.78
CA GLU G 142 -37.15 53.69 8.19
C GLU G 142 -35.92 54.23 8.89
N ALA G 143 -35.10 55.01 8.19
CA ALA G 143 -33.85 55.52 8.74
C ALA G 143 -34.18 56.64 9.72
N ASN G 144 -34.55 56.25 10.93
CA ASN G 144 -34.91 57.17 12.00
C ASN G 144 -33.78 57.19 13.03
N LEU G 145 -33.07 58.30 13.10
CA LEU G 145 -32.06 58.47 14.13
C LEU G 145 -32.73 58.51 15.51
N THR G 146 -31.90 58.39 16.55
CA THR G 146 -32.41 58.44 17.91
C THR G 146 -31.39 59.15 18.79
N CYS G 147 -31.88 60.06 19.63
CA CYS G 147 -31.07 60.82 20.57
C CYS G 147 -31.83 60.80 21.90
N THR G 148 -31.59 59.76 22.70
CA THR G 148 -32.41 59.49 23.87
C THR G 148 -31.62 59.75 25.15
N LEU G 149 -32.35 59.65 26.27
CA LEU G 149 -31.78 59.81 27.60
C LEU G 149 -32.19 58.64 28.47
N THR G 150 -31.22 58.12 29.23
CA THR G 150 -31.44 57.03 30.17
C THR G 150 -31.40 57.59 31.59
N GLY G 151 -32.40 57.23 32.38
CA GLY G 151 -32.47 57.70 33.75
C GLY G 151 -33.25 58.99 33.87
N LEU G 152 -34.36 58.97 34.59
CA LEU G 152 -35.19 60.17 34.76
C LEU G 152 -36.05 60.00 35.99
N ARG G 153 -36.00 60.99 36.88
CA ARG G 153 -36.78 60.98 38.11
C ARG G 153 -37.42 62.35 38.33
N ASP G 154 -37.88 62.98 37.25
CA ASP G 154 -38.50 64.28 37.31
C ASP G 154 -39.71 64.29 36.37
N ALA G 155 -40.28 65.46 36.15
CA ALA G 155 -41.45 65.60 35.29
C ALA G 155 -41.02 65.58 33.83
N SER G 156 -41.95 65.81 32.93
CA SER G 156 -41.68 65.78 31.49
C SER G 156 -41.22 67.15 30.98
N GLY G 157 -40.22 67.72 31.64
CA GLY G 157 -39.64 68.97 31.21
C GLY G 157 -38.55 68.76 30.19
N VAL G 158 -38.90 68.12 29.06
CA VAL G 158 -37.94 67.76 28.04
C VAL G 158 -38.05 68.72 26.87
N THR G 159 -36.92 69.06 26.28
CA THR G 159 -36.87 69.93 25.11
C THR G 159 -35.73 69.46 24.22
N PHE G 160 -36.07 69.12 22.98
CA PHE G 160 -35.11 68.59 22.02
C PHE G 160 -34.95 69.57 20.86
N THR G 161 -33.70 69.78 20.45
CA THR G 161 -33.39 70.66 19.33
C THR G 161 -32.34 69.99 18.45
N TRP G 162 -32.56 70.04 17.14
CA TRP G 162 -31.64 69.47 16.15
C TRP G 162 -31.17 70.59 15.25
N THR G 163 -29.85 70.71 15.07
CA THR G 163 -29.29 71.82 14.32
C THR G 163 -29.83 71.85 12.90
N PRO G 164 -30.02 70.71 12.21
CA PRO G 164 -30.72 70.76 10.92
C PRO G 164 -32.11 71.37 11.07
N SER G 165 -32.50 72.14 10.06
CA SER G 165 -33.82 72.78 10.01
C SER G 165 -34.50 72.43 8.69
N SER G 166 -34.45 71.15 8.32
CA SER G 166 -35.07 70.70 7.08
C SER G 166 -36.59 70.79 7.13
N GLY G 167 -37.17 70.89 8.31
CA GLY G 167 -38.62 70.98 8.45
C GLY G 167 -39.32 69.66 8.64
N LYS G 168 -38.59 68.57 8.87
CA LYS G 168 -39.20 67.26 9.07
C LYS G 168 -39.81 67.17 10.47
N SER G 169 -40.34 66.00 10.80
CA SER G 169 -40.98 65.76 12.08
C SER G 169 -39.98 65.13 13.04
N ALA G 170 -39.79 65.76 14.20
CA ALA G 170 -38.89 65.28 15.24
C ALA G 170 -39.66 64.99 16.52
N VAL G 171 -40.85 64.40 16.37
CA VAL G 171 -41.73 64.19 17.52
C VAL G 171 -41.08 63.23 18.50
N GLN G 172 -41.48 63.35 19.76
CA GLN G 172 -41.02 62.42 20.79
C GLN G 172 -41.61 61.04 20.55
N GLY G 173 -40.82 60.02 20.84
CA GLY G 173 -41.24 58.65 20.62
C GLY G 173 -42.14 58.15 21.73
N PRO G 174 -42.02 56.88 22.09
CA PRO G 174 -42.84 56.33 23.16
C PRO G 174 -42.29 56.68 24.52
N PRO G 175 -43.03 57.44 25.34
CA PRO G 175 -42.57 57.71 26.72
C PRO G 175 -42.74 56.47 27.58
N GLU G 176 -41.62 55.82 27.89
CA GLU G 176 -41.63 54.57 28.64
C GLU G 176 -40.46 54.60 29.61
N ARG G 177 -40.18 53.45 30.23
CA ARG G 177 -39.10 53.32 31.20
C ARG G 177 -38.11 52.28 30.72
N ASP G 178 -37.01 52.15 31.47
CA ASP G 178 -35.96 51.20 31.16
C ASP G 178 -35.69 50.31 32.36
N LEU G 179 -34.64 49.50 32.28
CA LEU G 179 -34.34 48.57 33.37
C LEU G 179 -33.96 49.33 34.63
N CYS G 180 -34.25 48.71 35.78
CA CYS G 180 -33.91 49.25 37.09
C CYS G 180 -34.72 50.50 37.42
N GLY G 181 -35.99 50.49 37.03
CA GLY G 181 -36.90 51.54 37.40
C GLY G 181 -36.47 52.93 36.97
N CYS G 182 -36.05 53.05 35.71
CA CYS G 182 -35.61 54.33 35.16
C CYS G 182 -36.52 54.74 34.01
N TYR G 183 -36.82 56.03 33.95
CA TYR G 183 -37.64 56.61 32.89
C TYR G 183 -36.75 57.07 31.75
N SER G 184 -37.08 56.64 30.54
CA SER G 184 -36.31 56.97 29.35
C SER G 184 -37.23 57.61 28.32
N VAL G 185 -36.81 58.74 27.78
CA VAL G 185 -37.55 59.47 26.75
C VAL G 185 -36.76 59.37 25.45
N SER G 186 -37.39 58.89 24.40
CA SER G 186 -36.75 58.66 23.11
C SER G 186 -37.37 59.52 22.05
N SER G 187 -36.53 60.10 21.19
CA SER G 187 -36.96 60.92 20.07
C SER G 187 -36.46 60.29 18.78
N VAL G 188 -37.33 60.20 17.78
CA VAL G 188 -36.99 59.57 16.50
C VAL G 188 -37.22 60.56 15.38
N LEU G 189 -36.98 60.12 14.15
CA LEU G 189 -37.15 60.94 12.95
C LEU G 189 -37.99 60.17 11.95
N PRO G 190 -39.31 60.08 12.18
CA PRO G 190 -40.14 59.28 11.26
C PRO G 190 -40.25 59.87 9.87
N GLY G 191 -40.46 61.18 9.77
CA GLY G 191 -40.62 61.82 8.48
C GLY G 191 -39.35 62.06 7.71
N CYS G 192 -38.19 61.72 8.27
CA CYS G 192 -36.91 61.88 7.61
C CYS G 192 -36.23 60.53 7.50
N ALA G 193 -35.81 60.19 6.27
CA ALA G 193 -35.07 58.95 6.01
C ALA G 193 -33.57 59.16 6.02
N GLU G 194 -33.08 60.15 6.74
CA GLU G 194 -31.66 60.46 6.78
C GLU G 194 -31.15 60.84 5.39
N PRO G 195 -31.62 61.95 4.82
CA PRO G 195 -31.08 62.43 3.53
C PRO G 195 -29.84 63.30 3.73
N TRP G 196 -28.87 62.76 4.46
CA TRP G 196 -27.67 63.49 4.85
C TRP G 196 -26.43 62.94 4.13
N ASN G 197 -26.59 62.57 2.86
CA ASN G 197 -25.47 62.03 2.11
C ASN G 197 -24.31 63.02 2.04
N HIS G 198 -24.56 64.31 2.22
CA HIS G 198 -23.49 65.30 2.26
C HIS G 198 -22.67 65.19 3.55
N GLY G 199 -23.15 64.48 4.55
CA GLY G 199 -22.43 64.33 5.79
C GLY G 199 -22.69 65.44 6.79
N LYS G 200 -23.96 65.66 7.12
CA LYS G 200 -24.32 66.71 8.05
C LYS G 200 -23.93 66.33 9.48
N THR G 201 -23.66 67.35 10.30
CA THR G 201 -23.30 67.10 11.69
C THR G 201 -24.46 66.45 12.45
N PHE G 202 -25.65 67.03 12.34
CA PHE G 202 -26.85 66.51 12.99
C PHE G 202 -26.64 66.36 14.49
N THR G 203 -26.43 67.50 15.16
CA THR G 203 -26.23 67.53 16.60
C THR G 203 -27.57 67.72 17.30
N CYS G 204 -27.79 66.93 18.36
CA CYS G 204 -29.01 67.00 19.15
C CYS G 204 -28.65 67.41 20.58
N THR G 205 -29.45 68.32 21.14
CA THR G 205 -29.27 68.80 22.50
C THR G 205 -30.56 68.60 23.29
N ALA G 206 -30.42 68.12 24.51
CA ALA G 206 -31.55 67.87 25.41
C ALA G 206 -31.55 68.91 26.52
N ALA G 207 -32.64 68.91 27.29
CA ALA G 207 -32.82 69.84 28.38
C ALA G 207 -33.58 69.16 29.52
N TYR G 208 -33.44 69.72 30.71
CA TYR G 208 -34.07 69.18 31.90
C TYR G 208 -34.21 70.30 32.92
N PRO G 209 -35.03 70.12 33.96
CA PRO G 209 -35.13 71.14 35.01
C PRO G 209 -33.98 71.06 36.01
N GLU G 210 -32.91 70.36 35.66
CA GLU G 210 -31.78 70.21 36.54
C GLU G 210 -30.93 71.48 36.51
N SER G 211 -29.74 71.41 37.11
CA SER G 211 -28.84 72.57 37.15
C SER G 211 -28.63 73.15 35.76
N LYS G 212 -28.07 74.35 35.73
CA LYS G 212 -27.92 75.10 34.48
C LYS G 212 -26.78 74.54 33.63
N THR G 213 -27.00 73.37 33.02
CA THR G 213 -25.98 72.75 32.17
C THR G 213 -26.68 71.81 31.19
N PRO G 214 -27.13 72.33 30.06
CA PRO G 214 -27.81 71.47 29.09
C PRO G 214 -26.89 70.37 28.56
N LEU G 215 -27.51 69.24 28.20
CA LEU G 215 -26.79 68.08 27.73
C LEU G 215 -26.89 68.01 26.21
N THR G 216 -25.75 67.94 25.53
CA THR G 216 -25.69 67.88 24.08
C THR G 216 -24.98 66.60 23.65
N ALA G 217 -25.32 66.14 22.45
CA ALA G 217 -24.79 64.90 21.91
C ALA G 217 -23.69 65.19 20.90
N THR G 218 -22.91 64.16 20.60
CA THR G 218 -21.83 64.24 19.63
C THR G 218 -22.23 63.44 18.40
N LEU G 219 -22.25 64.10 17.25
CA LEU G 219 -22.67 63.48 16.00
C LEU G 219 -21.67 63.84 14.91
N SER G 220 -21.01 62.83 14.36
CA SER G 220 -20.04 63.05 13.28
C SER G 220 -19.98 61.79 12.43
N LYS G 221 -19.55 61.96 11.18
CA LYS G 221 -19.46 60.87 10.22
C LYS G 221 -18.00 60.44 10.13
N SER G 222 -17.73 59.18 10.47
CA SER G 222 -16.38 58.65 10.37
C SER G 222 -16.05 58.37 8.91
N GLY G 223 -14.89 58.85 8.47
CA GLY G 223 -14.44 58.62 7.12
C GLY G 223 -13.67 57.32 6.99
N ASN G 224 -12.60 57.33 6.22
CA ASN G 224 -11.72 56.17 6.05
C ASN G 224 -12.52 54.89 5.86
N THR G 225 -13.64 54.96 5.15
CA THR G 225 -14.44 53.78 4.89
C THR G 225 -13.69 52.83 3.96
N PHE G 226 -13.75 51.54 4.29
CA PHE G 226 -13.08 50.50 3.50
C PHE G 226 -14.12 49.52 2.97
N ARG G 227 -14.04 49.23 1.69
CA ARG G 227 -15.00 48.31 1.07
C ARG G 227 -14.73 46.89 1.56
N PRO G 228 -15.76 46.13 1.92
CA PRO G 228 -15.52 44.76 2.39
C PRO G 228 -15.01 43.87 1.28
N GLU G 229 -14.19 42.89 1.67
CA GLU G 229 -13.75 41.84 0.77
C GLU G 229 -14.43 40.55 1.21
N VAL G 230 -15.22 39.97 0.30
CA VAL G 230 -16.07 38.82 0.62
C VAL G 230 -15.59 37.62 -0.19
N HIS G 231 -15.39 36.50 0.50
CA HIS G 231 -14.98 35.25 -0.12
C HIS G 231 -15.94 34.14 0.30
N LEU G 232 -16.27 33.28 -0.66
CA LEU G 232 -17.14 32.13 -0.43
C LEU G 232 -16.28 30.86 -0.52
N LEU G 233 -16.24 30.10 0.55
CA LEU G 233 -15.35 28.96 0.66
C LEU G 233 -16.09 27.66 0.35
N PRO G 234 -15.62 26.84 -0.59
CA PRO G 234 -16.32 25.59 -0.87
C PRO G 234 -16.35 24.72 0.36
N PRO G 235 -17.25 23.73 0.39
CA PRO G 235 -17.40 22.92 1.60
C PRO G 235 -16.16 22.09 1.85
N PRO G 236 -15.88 21.73 3.10
CA PRO G 236 -14.79 20.81 3.36
C PRO G 236 -15.05 19.45 2.72
N SER G 237 -13.99 18.83 2.21
CA SER G 237 -14.14 17.56 1.50
C SER G 237 -14.68 16.47 2.42
N GLU G 238 -14.28 16.48 3.69
CA GLU G 238 -14.73 15.44 4.61
C GLU G 238 -16.25 15.43 4.73
N GLU G 239 -16.88 16.61 4.75
CA GLU G 239 -18.33 16.68 4.80
C GLU G 239 -18.97 16.35 3.46
N LEU G 240 -18.22 16.47 2.36
CA LEU G 240 -18.72 16.03 1.07
C LEU G 240 -18.76 14.51 0.98
N ALA G 241 -17.76 13.85 1.57
CA ALA G 241 -17.71 12.39 1.50
C ALA G 241 -18.90 11.76 2.21
N LEU G 242 -19.25 12.24 3.40
CA LEU G 242 -20.33 11.64 4.17
C LEU G 242 -21.68 11.77 3.46
N ASN G 243 -21.78 12.65 2.45
CA ASN G 243 -22.96 12.76 1.61
C ASN G 243 -24.23 12.93 2.44
N GLU G 244 -24.16 13.81 3.43
CA GLU G 244 -25.35 14.25 4.15
C GLU G 244 -25.57 15.74 3.99
N LEU G 245 -24.56 16.56 4.25
CA LEU G 245 -24.69 18.01 4.20
C LEU G 245 -23.36 18.60 3.81
N VAL G 246 -23.39 19.87 3.41
CA VAL G 246 -22.20 20.63 3.09
C VAL G 246 -22.37 22.03 3.66
N THR G 247 -21.27 22.55 4.22
CA THR G 247 -21.27 23.78 5.00
C THR G 247 -20.57 24.88 4.21
N LEU G 248 -21.32 25.69 3.48
CA LEU G 248 -20.75 26.79 2.73
C LEU G 248 -20.50 27.96 3.67
N THR G 249 -19.27 28.49 3.64
CA THR G 249 -18.87 29.57 4.54
C THR G 249 -18.66 30.84 3.73
N CYS G 250 -19.12 31.96 4.29
CA CYS G 250 -18.91 33.28 3.71
C CYS G 250 -18.10 34.11 4.69
N LEU G 251 -16.99 34.66 4.22
CA LEU G 251 -16.07 35.46 5.03
C LEU G 251 -16.04 36.87 4.48
N ALA G 252 -16.41 37.85 5.30
CA ALA G 252 -16.36 39.26 4.93
C ALA G 252 -15.30 39.91 5.81
N ARG G 253 -14.22 40.37 5.19
CA ARG G 253 -13.05 40.89 5.90
C ARG G 253 -12.60 42.19 5.26
N GLY G 254 -12.26 43.16 6.09
CA GLY G 254 -11.60 44.37 5.63
C GLY G 254 -12.53 45.54 5.36
N PHE G 255 -13.45 45.82 6.29
CA PHE G 255 -14.32 46.98 6.19
C PHE G 255 -14.15 47.81 7.47
N SER G 256 -14.00 49.13 7.31
CA SER G 256 -13.66 49.95 8.47
C SER G 256 -14.83 50.09 9.44
N PRO G 257 -15.99 50.62 9.03
CA PRO G 257 -17.11 50.68 9.97
C PRO G 257 -17.53 49.27 10.39
N LYS G 258 -17.83 49.12 11.68
CA LYS G 258 -18.18 47.82 12.21
C LYS G 258 -19.66 47.53 11.97
N ASP G 259 -20.13 47.71 10.74
CA ASP G 259 -21.53 47.53 10.41
C ASP G 259 -21.65 46.80 9.09
N VAL G 260 -22.27 45.63 9.12
CA VAL G 260 -22.42 44.79 7.93
C VAL G 260 -23.53 43.80 8.21
N LEU G 261 -24.23 43.38 7.16
CA LEU G 261 -25.28 42.38 7.31
C LEU G 261 -25.17 41.36 6.20
N VAL G 262 -25.24 40.08 6.56
CA VAL G 262 -24.99 38.99 5.61
C VAL G 262 -26.29 38.22 5.39
N ARG G 263 -26.68 38.10 4.13
CA ARG G 263 -27.85 37.35 3.71
C ARG G 263 -27.41 36.24 2.76
N TRP G 264 -28.22 35.18 2.68
CA TRP G 264 -27.92 34.01 1.87
C TRP G 264 -29.02 33.80 0.85
N LEU G 265 -28.64 33.24 -0.30
CA LEU G 265 -29.60 32.84 -1.31
C LEU G 265 -29.30 31.42 -1.75
N GLN G 266 -30.34 30.61 -1.90
CA GLN G 266 -30.22 29.31 -2.55
C GLN G 266 -30.84 29.44 -3.93
N GLY G 267 -29.99 29.39 -4.96
CA GLY G 267 -30.49 29.65 -6.30
C GLY G 267 -30.79 31.12 -6.47
N SER G 268 -32.06 31.48 -6.46
CA SER G 268 -32.48 32.87 -6.54
C SER G 268 -33.38 33.28 -5.38
N GLN G 269 -33.76 32.36 -4.50
CA GLN G 269 -34.65 32.66 -3.40
C GLN G 269 -33.85 32.94 -2.14
N GLU G 270 -33.99 34.15 -1.60
CA GLU G 270 -33.29 34.52 -0.38
C GLU G 270 -33.74 33.62 0.76
N LEU G 271 -32.79 32.96 1.42
CA LEU G 271 -33.13 32.04 2.49
C LEU G 271 -33.59 32.82 3.72
N PRO G 272 -34.45 32.22 4.54
CA PRO G 272 -34.89 32.90 5.77
C PRO G 272 -33.74 33.05 6.77
N ARG G 273 -33.94 33.98 7.70
CA ARG G 273 -32.90 34.30 8.67
C ARG G 273 -32.58 33.15 9.61
N GLU G 274 -33.41 32.11 9.64
CA GLU G 274 -33.11 30.91 10.42
C GLU G 274 -32.40 29.85 9.61
N LYS G 275 -32.05 30.14 8.36
CA LYS G 275 -31.40 29.18 7.47
C LYS G 275 -29.88 29.28 7.48
N TYR G 276 -29.31 30.14 8.31
CA TYR G 276 -27.86 30.26 8.39
C TYR G 276 -27.48 30.77 9.78
N LEU G 277 -26.21 31.11 9.95
CA LEU G 277 -25.68 31.58 11.21
C LEU G 277 -24.66 32.65 10.92
N THR G 278 -24.56 33.65 11.80
CA THR G 278 -23.61 34.73 11.61
C THR G 278 -23.06 35.18 12.96
N TRP G 279 -21.74 35.28 13.04
CA TRP G 279 -21.10 35.78 14.24
C TRP G 279 -21.06 37.31 14.18
N ALA G 280 -20.70 37.94 15.29
CA ALA G 280 -20.66 39.39 15.35
C ALA G 280 -19.61 39.91 14.37
N SER G 281 -19.38 41.22 14.41
CA SER G 281 -18.31 41.86 13.65
C SER G 281 -17.18 42.18 14.62
N ARG G 282 -16.02 41.57 14.42
CA ARG G 282 -14.88 41.72 15.31
C ARG G 282 -13.73 42.39 14.57
N GLN G 283 -12.88 43.09 15.32
CA GLN G 283 -11.75 43.79 14.72
C GLN G 283 -10.58 42.83 14.56
N GLU G 284 -9.96 42.89 13.39
CA GLU G 284 -8.91 41.94 13.06
C GLU G 284 -7.54 42.57 13.27
N PRO G 285 -6.55 41.80 13.72
CA PRO G 285 -5.20 42.35 13.86
C PRO G 285 -4.67 42.85 12.51
N SER G 286 -3.97 43.98 12.55
CA SER G 286 -3.45 44.61 11.34
C SER G 286 -2.33 45.56 11.75
N GLN G 287 -1.89 46.39 10.80
CA GLN G 287 -0.84 47.37 11.03
C GLN G 287 -1.42 48.75 10.80
N GLY G 288 -1.60 49.51 11.88
CA GLY G 288 -2.10 50.87 11.79
C GLY G 288 -3.59 50.93 11.50
N THR G 289 -3.98 50.60 10.27
CA THR G 289 -5.37 50.69 9.88
C THR G 289 -6.22 49.72 10.70
N THR G 290 -7.46 50.13 10.96
CA THR G 290 -8.41 49.32 11.72
C THR G 290 -9.43 48.70 10.78
N THR G 291 -9.70 47.42 10.97
CA THR G 291 -10.62 46.68 10.11
C THR G 291 -11.32 45.62 10.94
N PHE G 292 -12.46 45.16 10.43
CA PHE G 292 -13.29 44.18 11.12
C PHE G 292 -13.48 42.96 10.22
N ALA G 293 -14.30 42.02 10.68
CA ALA G 293 -14.58 40.83 9.90
C ALA G 293 -15.75 40.07 10.50
N VAL G 294 -16.38 39.24 9.66
CA VAL G 294 -17.52 38.43 10.07
C VAL G 294 -17.58 37.20 9.18
N THR G 295 -18.23 36.15 9.67
CA THR G 295 -18.38 34.92 8.92
C THR G 295 -19.79 34.38 9.09
N SER G 296 -20.19 33.51 8.16
CA SER G 296 -21.49 32.85 8.23
C SER G 296 -21.40 31.49 7.57
N ILE G 297 -22.25 30.56 8.02
CA ILE G 297 -22.25 29.19 7.49
C ILE G 297 -23.67 28.79 7.13
N LEU G 298 -23.86 28.33 5.90
CA LEU G 298 -25.12 27.76 5.44
C LEU G 298 -24.91 26.28 5.20
N ARG G 299 -25.66 25.45 5.92
CA ARG G 299 -25.59 23.99 5.81
C ARG G 299 -26.71 23.52 4.92
N VAL G 300 -26.36 22.92 3.77
CA VAL G 300 -27.32 22.51 2.78
C VAL G 300 -27.12 21.04 2.46
N ALA G 301 -28.22 20.33 2.24
CA ALA G 301 -28.14 18.89 2.03
C ALA G 301 -27.20 18.56 0.87
N ALA G 302 -26.43 17.49 1.03
CA ALA G 302 -25.42 17.14 0.04
C ALA G 302 -26.02 16.95 -1.34
N GLU G 303 -27.25 16.44 -1.41
CA GLU G 303 -27.90 16.25 -2.71
C GLU G 303 -28.07 17.58 -3.43
N ASP G 304 -28.45 18.63 -2.71
CA ASP G 304 -28.62 19.94 -3.33
C ASP G 304 -27.30 20.43 -3.92
N TRP G 305 -26.20 20.26 -3.19
CA TRP G 305 -24.90 20.70 -3.70
C TRP G 305 -24.47 19.88 -4.91
N LYS G 306 -24.67 18.55 -4.86
CA LYS G 306 -24.22 17.69 -5.94
C LYS G 306 -25.07 17.85 -7.19
N LYS G 307 -26.34 18.24 -7.05
CA LYS G 307 -27.18 18.45 -8.22
C LYS G 307 -26.65 19.57 -9.08
N GLY G 308 -26.15 20.64 -8.45
CA GLY G 308 -25.62 21.78 -9.17
C GLY G 308 -26.26 23.09 -8.74
N ASP G 309 -27.16 23.04 -7.77
CA ASP G 309 -27.85 24.23 -7.33
C ASP G 309 -26.85 25.28 -6.85
N THR G 310 -27.01 26.50 -7.33
CA THR G 310 -26.04 27.56 -7.09
C THR G 310 -26.45 28.36 -5.87
N PHE G 311 -25.59 28.38 -4.85
CA PHE G 311 -25.80 29.17 -3.65
C PHE G 311 -25.05 30.48 -3.78
N SER G 312 -25.47 31.47 -2.99
CA SER G 312 -24.91 32.80 -3.11
C SER G 312 -24.92 33.47 -1.75
N CYS G 313 -23.91 34.30 -1.52
CA CYS G 313 -23.75 35.07 -0.30
C CYS G 313 -23.77 36.55 -0.67
N MET G 314 -24.71 37.29 -0.07
CA MET G 314 -24.81 38.73 -0.21
C MET G 314 -24.32 39.35 1.09
N VAL G 315 -23.41 40.31 0.99
CA VAL G 315 -22.93 41.05 2.15
C VAL G 315 -23.20 42.52 1.91
N GLY G 316 -23.89 43.17 2.84
CA GLY G 316 -24.26 44.56 2.72
C GLY G 316 -23.47 45.42 3.67
N HIS G 317 -22.79 46.42 3.11
CA HIS G 317 -21.97 47.35 3.86
C HIS G 317 -22.11 48.74 3.24
N GLU G 318 -21.82 49.76 4.05
CA GLU G 318 -22.00 51.14 3.60
C GLU G 318 -20.97 51.53 2.55
N ALA G 319 -19.73 51.06 2.68
CA ALA G 319 -18.67 51.50 1.79
C ALA G 319 -18.92 51.12 0.34
N LEU G 320 -19.68 50.06 0.08
CA LEU G 320 -19.90 49.62 -1.29
C LEU G 320 -20.76 50.64 -2.04
N PRO G 321 -20.42 50.97 -3.29
CA PRO G 321 -21.28 51.89 -4.05
C PRO G 321 -22.69 51.38 -4.23
N LEU G 322 -22.88 50.08 -4.40
CA LEU G 322 -24.18 49.49 -4.64
C LEU G 322 -24.82 48.91 -3.38
N ALA G 323 -24.16 49.03 -2.24
CA ALA G 323 -24.70 48.63 -0.95
C ALA G 323 -24.91 47.12 -0.81
N PHE G 324 -24.32 46.32 -1.70
CA PHE G 324 -24.40 44.87 -1.56
C PHE G 324 -23.40 44.24 -2.51
N THR G 325 -22.71 43.21 -2.02
CA THR G 325 -21.76 42.45 -2.81
C THR G 325 -22.17 40.98 -2.82
N GLN G 326 -22.09 40.37 -4.00
CA GLN G 326 -22.61 39.03 -4.23
C GLN G 326 -21.48 38.10 -4.64
N LYS G 327 -21.45 36.91 -4.03
CA LYS G 327 -20.51 35.86 -4.43
C LYS G 327 -21.27 34.56 -4.59
N THR G 328 -21.06 33.88 -5.72
CA THR G 328 -21.80 32.68 -6.07
C THR G 328 -20.88 31.46 -6.05
N ILE G 329 -21.38 30.36 -5.49
CA ILE G 329 -20.63 29.11 -5.40
C ILE G 329 -21.58 27.95 -5.72
N ASP G 330 -21.07 27.01 -6.50
CA ASP G 330 -21.82 25.82 -6.89
C ASP G 330 -20.82 24.72 -7.21
N ARG G 331 -21.31 23.48 -7.17
CA ARG G 331 -20.44 22.35 -7.46
C ARG G 331 -19.75 22.55 -8.81
N LEU G 332 -18.69 21.77 -9.03
CA LEU G 332 -17.91 21.87 -10.26
C LEU G 332 -17.39 23.29 -10.48
N ALA G 333 -17.00 23.94 -9.39
CA ALA G 333 -16.47 25.29 -9.47
C ALA G 333 -14.99 25.32 -9.86
N GLY G 334 -14.30 24.18 -9.79
CA GLY G 334 -12.89 24.13 -10.13
C GLY G 334 -12.65 23.68 -11.56
N LYS G 335 -12.47 24.63 -12.47
CA LYS G 335 -12.20 24.33 -13.87
C LYS G 335 -10.73 24.01 -14.08
N PRO G 336 -9.80 24.83 -13.57
CA PRO G 336 -8.38 24.63 -13.90
C PRO G 336 -7.79 23.31 -13.45
N THR G 337 -8.50 22.52 -12.65
CA THR G 337 -7.99 21.21 -12.27
C THR G 337 -7.82 20.34 -13.50
N HIS G 338 -6.78 19.51 -13.48
CA HIS G 338 -6.37 18.70 -14.63
C HIS G 338 -6.21 17.25 -14.24
N VAL G 339 -7.22 16.71 -13.56
CA VAL G 339 -7.19 15.31 -13.16
C VAL G 339 -6.83 14.44 -14.35
N ASN G 340 -5.98 13.44 -14.11
CA ASN G 340 -5.55 12.50 -15.14
C ASN G 340 -5.76 11.09 -14.63
N VAL G 341 -6.39 10.25 -15.45
CA VAL G 341 -6.67 8.87 -15.09
C VAL G 341 -6.04 7.97 -16.15
N SER G 342 -5.17 7.07 -15.70
CA SER G 342 -4.54 6.08 -16.57
C SER G 342 -4.63 4.72 -15.90
N VAL G 343 -4.83 3.67 -16.70
CA VAL G 343 -4.96 2.31 -16.22
C VAL G 343 -3.88 1.47 -16.88
N VAL G 344 -3.22 0.63 -16.09
CA VAL G 344 -2.14 -0.24 -16.56
C VAL G 344 -2.54 -1.68 -16.32
N MET G 345 -2.44 -2.49 -17.38
CA MET G 345 -2.83 -3.91 -17.37
C MET G 345 -4.02 -4.20 -16.46
N ARG H 5 9.84 14.80 -4.04
CA ARG H 5 8.47 14.31 -3.98
C ARG H 5 8.10 13.94 -2.55
N ILE H 6 7.38 14.85 -1.89
CA ILE H 6 7.01 14.67 -0.50
C ILE H 6 5.78 13.76 -0.43
N VAL H 7 5.96 12.58 0.17
CA VAL H 7 4.86 11.62 0.26
C VAL H 7 3.81 12.13 1.24
N LEU H 8 2.56 12.14 0.81
CA LEU H 8 1.45 12.59 1.64
C LEU H 8 0.83 11.45 2.43
N VAL H 9 0.59 10.30 1.81
CA VAL H 9 0.06 9.14 2.53
C VAL H 9 0.40 7.88 1.77
N ASP H 10 0.59 6.79 2.50
CA ASP H 10 0.72 5.44 1.95
C ASP H 10 -0.23 4.55 2.73
N ASN H 11 -1.49 4.52 2.31
CA ASN H 11 -2.52 3.72 2.97
C ASN H 11 -2.38 2.28 2.51
N LYS H 12 -1.83 1.43 3.38
CA LYS H 12 -1.54 0.07 2.95
C LYS H 12 -2.83 -0.75 2.80
N CYS H 13 -3.74 -0.65 3.77
CA CYS H 13 -4.87 -1.58 3.78
C CYS H 13 -5.84 -1.28 2.65
N LYS H 14 -6.06 -0.01 2.31
CA LYS H 14 -6.71 0.32 1.05
C LYS H 14 -5.74 0.42 -0.11
N CYS H 15 -4.43 0.48 0.17
CA CYS H 15 -3.40 0.48 -0.85
C CYS H 15 -3.56 1.64 -1.83
N ALA H 16 -3.41 2.85 -1.29
CA ALA H 16 -3.37 4.06 -2.08
C ALA H 16 -2.15 4.87 -1.66
N ARG H 17 -1.32 5.23 -2.64
CA ARG H 17 -0.13 6.04 -2.39
C ARG H 17 -0.37 7.41 -2.99
N ILE H 18 -0.45 8.43 -2.14
CA ILE H 18 -0.67 9.81 -2.56
C ILE H 18 0.61 10.58 -2.25
N THR H 19 1.21 11.15 -3.29
CA THR H 19 2.41 11.96 -3.18
C THR H 19 2.14 13.32 -3.80
N SER H 20 2.93 14.31 -3.40
CA SER H 20 2.76 15.67 -3.91
C SER H 20 4.12 16.32 -4.13
N ARG H 21 4.12 17.31 -5.01
CA ARG H 21 5.33 18.05 -5.35
C ARG H 21 4.93 19.42 -5.87
N ILE H 22 5.87 20.35 -5.81
CA ILE H 22 5.67 21.72 -6.28
C ILE H 22 6.67 22.00 -7.39
N ILE H 23 6.16 22.41 -8.54
CA ILE H 23 6.98 22.85 -9.66
C ILE H 23 6.76 24.35 -9.82
N ARG H 24 7.83 25.11 -9.64
CA ARG H 24 7.75 26.57 -9.71
C ARG H 24 8.16 27.04 -11.11
N SER H 25 8.17 28.36 -11.28
CA SER H 25 8.59 28.97 -12.53
C SER H 25 9.08 30.39 -12.23
N SER H 26 10.19 30.77 -12.86
CA SER H 26 10.78 32.09 -12.68
C SER H 26 10.17 33.10 -13.65
N GLU H 27 8.84 33.26 -13.59
CA GLU H 27 8.14 34.20 -14.45
C GLU H 27 6.66 34.17 -14.13
N ASP H 28 6.05 35.34 -13.99
CA ASP H 28 4.60 35.39 -13.78
C ASP H 28 4.25 34.53 -12.57
N PRO H 29 4.50 34.99 -11.35
CA PRO H 29 4.33 34.11 -10.20
C PRO H 29 2.87 33.86 -9.83
N ASN H 30 2.09 33.41 -10.81
CA ASN H 30 0.73 32.96 -10.56
C ASN H 30 0.42 31.62 -11.24
N GLU H 31 1.29 31.13 -12.12
CA GLU H 31 1.10 29.85 -12.80
C GLU H 31 1.89 28.74 -12.12
N ASP H 32 2.00 28.80 -10.80
CA ASP H 32 2.69 27.76 -10.07
C ASP H 32 1.98 26.43 -10.24
N ILE H 33 2.75 25.35 -10.21
CA ILE H 33 2.23 24.00 -10.42
C ILE H 33 2.32 23.24 -9.11
N VAL H 34 1.21 22.66 -8.69
CA VAL H 34 1.15 21.74 -7.56
C VAL H 34 0.65 20.42 -8.12
N GLU H 35 1.51 19.40 -8.13
CA GLU H 35 1.19 18.11 -8.72
C GLU H 35 0.98 17.10 -7.61
N ARG H 36 -0.15 16.39 -7.68
CA ARG H 36 -0.46 15.32 -6.74
C ARG H 36 -0.73 14.04 -7.53
N ASN H 37 -0.03 12.97 -7.19
CA ASN H 37 -0.18 11.69 -7.84
C ASN H 37 -0.79 10.69 -6.86
N ILE H 38 -1.86 10.02 -7.28
CA ILE H 38 -2.51 8.99 -6.50
C ILE H 38 -2.38 7.69 -7.27
N ARG H 39 -1.65 6.73 -6.71
CA ARG H 39 -1.50 5.41 -7.31
C ARG H 39 -2.34 4.42 -6.50
N ILE H 40 -3.22 3.71 -7.19
CA ILE H 40 -4.16 2.78 -6.58
C ILE H 40 -3.93 1.41 -7.17
N ILE H 41 -3.80 0.41 -6.31
CA ILE H 41 -3.71 -0.99 -6.72
C ILE H 41 -5.03 -1.66 -6.38
N VAL H 42 -5.73 -2.12 -7.41
CA VAL H 42 -7.08 -2.66 -7.28
C VAL H 42 -6.98 -4.18 -7.41
N PRO H 43 -7.14 -4.94 -6.34
CA PRO H 43 -7.14 -6.40 -6.47
C PRO H 43 -8.37 -6.89 -7.24
N LEU H 44 -8.18 -7.96 -8.00
CA LEU H 44 -9.26 -8.62 -8.70
C LEU H 44 -9.47 -10.06 -8.21
N ASN H 45 -8.84 -10.44 -7.11
CA ASN H 45 -8.91 -11.80 -6.59
C ASN H 45 -9.11 -11.79 -5.09
N ASN H 46 -9.78 -10.77 -4.56
CA ASN H 46 -10.00 -10.64 -3.13
C ASN H 46 -11.49 -10.52 -2.85
N ARG H 47 -11.94 -11.23 -1.82
CA ARG H 47 -13.34 -11.20 -1.43
C ARG H 47 -13.72 -9.81 -0.94
N GLU H 48 -15.02 -9.57 -0.81
CA GLU H 48 -15.49 -8.30 -0.28
C GLU H 48 -14.97 -8.08 1.13
N ASN H 49 -15.39 -8.94 2.06
CA ASN H 49 -14.78 -9.01 3.37
C ASN H 49 -13.51 -9.85 3.29
N ILE H 50 -12.71 -9.82 4.35
CA ILE H 50 -11.53 -10.70 4.44
C ILE H 50 -12.01 -11.98 5.12
N SER H 51 -12.66 -12.83 4.31
CA SER H 51 -13.19 -14.11 4.77
C SER H 51 -13.36 -14.97 3.53
N ASP H 52 -13.48 -16.28 3.75
CA ASP H 52 -13.54 -17.18 2.61
C ASP H 52 -14.87 -17.06 1.87
N PRO H 53 -16.03 -17.39 2.49
CA PRO H 53 -17.28 -17.18 1.77
C PRO H 53 -17.79 -15.76 1.89
N THR H 54 -17.66 -14.94 0.84
CA THR H 54 -18.25 -13.61 0.89
C THR H 54 -18.25 -13.04 -0.53
N SER H 55 -19.45 -12.85 -1.11
CA SER H 55 -19.57 -12.08 -2.34
C SER H 55 -18.47 -12.48 -3.30
N PRO H 56 -18.59 -13.63 -3.98
CA PRO H 56 -17.41 -14.36 -4.47
C PRO H 56 -16.25 -13.47 -4.87
N LEU H 57 -16.53 -12.33 -5.50
CA LEU H 57 -15.53 -11.31 -5.75
C LEU H 57 -16.12 -9.96 -5.41
N ARG H 58 -15.25 -8.98 -5.23
CA ARG H 58 -15.67 -7.59 -5.04
C ARG H 58 -15.52 -6.86 -6.36
N THR H 59 -16.61 -6.28 -6.85
CA THR H 59 -16.59 -5.57 -8.12
C THR H 59 -16.63 -4.06 -7.97
N ARG H 60 -17.09 -3.55 -6.83
CA ARG H 60 -17.18 -2.12 -6.57
C ARG H 60 -16.15 -1.72 -5.52
N PHE H 61 -15.16 -0.92 -5.95
CA PHE H 61 -14.16 -0.34 -5.08
C PHE H 61 -14.37 1.18 -5.06
N VAL H 62 -14.53 1.74 -3.86
CA VAL H 62 -14.76 3.16 -3.68
C VAL H 62 -13.58 3.75 -2.91
N TYR H 63 -13.01 4.82 -3.43
CA TYR H 63 -11.82 5.44 -2.85
C TYR H 63 -12.11 6.92 -2.58
N HIS H 64 -12.42 7.23 -1.31
CA HIS H 64 -12.69 8.60 -0.89
C HIS H 64 -11.40 9.24 -0.39
N LEU H 65 -10.99 10.33 -1.03
CA LEU H 65 -9.72 10.96 -0.66
C LEU H 65 -9.72 11.41 0.80
N SER H 66 -10.89 11.60 1.39
CA SER H 66 -10.95 12.06 2.78
C SER H 66 -10.70 10.93 3.78
N ASP H 67 -10.77 9.67 3.36
CA ASP H 67 -10.48 8.55 4.24
C ASP H 67 -9.12 7.92 4.00
N LEU H 68 -8.54 8.07 2.80
CA LEU H 68 -7.18 7.62 2.59
C LEU H 68 -6.20 8.41 3.45
N CYS H 69 -6.40 9.71 3.55
CA CYS H 69 -5.45 10.62 4.16
C CYS H 69 -5.65 10.81 5.66
N LYS H 70 -6.59 10.11 6.26
CA LYS H 70 -6.82 10.23 7.70
C LYS H 70 -5.60 9.73 8.47
N LYS H 71 -5.32 10.39 9.59
CA LYS H 71 -4.23 10.01 10.48
C LYS H 71 -4.78 9.90 11.90
N CYS H 72 -5.13 8.69 12.31
CA CYS H 72 -5.66 8.46 13.66
C CYS H 72 -4.52 8.04 14.61
N ASP H 73 -3.54 8.93 14.73
CA ASP H 73 -2.48 8.76 15.72
C ASP H 73 -2.17 10.11 16.36
N PRO H 74 -2.23 10.23 17.68
CA PRO H 74 -2.01 11.53 18.31
C PRO H 74 -0.58 12.01 18.11
N THR H 75 -0.42 13.33 18.08
CA THR H 75 0.87 13.99 18.03
C THR H 75 1.04 14.86 19.25
N GLU H 76 2.24 15.39 19.43
CA GLU H 76 2.56 16.29 20.53
C GLU H 76 2.83 17.68 19.98
N VAL H 77 2.22 18.69 20.59
CA VAL H 77 2.37 20.08 20.16
C VAL H 77 2.71 20.91 21.39
N GLU H 78 3.73 21.77 21.27
CA GLU H 78 4.17 22.64 22.34
C GLU H 78 3.59 24.03 22.10
N LEU H 79 2.64 24.44 22.94
CA LEU H 79 1.93 25.70 22.70
C LEU H 79 2.68 26.91 23.26
N ASP H 80 2.76 27.02 24.59
CA ASP H 80 3.46 28.13 25.23
C ASP H 80 4.60 27.64 26.12
N ASN H 81 4.33 26.73 27.04
CA ASN H 81 5.34 26.25 27.98
C ASN H 81 5.19 24.74 28.18
N GLN H 82 4.19 24.13 27.55
CA GLN H 82 3.81 22.76 27.84
C GLN H 82 3.57 22.03 26.53
N ILE H 83 3.69 20.72 26.56
CA ILE H 83 3.36 19.87 25.42
C ILE H 83 2.02 19.22 25.67
N VAL H 84 1.19 19.16 24.63
CA VAL H 84 -0.15 18.61 24.70
C VAL H 84 -0.33 17.60 23.58
N THR H 85 -1.01 16.51 23.88
CA THR H 85 -1.33 15.50 22.87
C THR H 85 -2.62 15.86 22.14
N ALA H 86 -2.60 15.69 20.82
CA ALA H 86 -3.69 16.14 19.98
C ALA H 86 -3.91 15.18 18.82
N THR H 87 -5.17 14.85 18.56
CA THR H 87 -5.53 14.06 17.39
C THR H 87 -5.39 14.91 16.14
N GLN H 88 -5.51 14.27 14.98
CA GLN H 88 -5.31 14.94 13.70
C GLN H 88 -6.44 14.73 12.70
N SER H 89 -7.53 14.07 13.07
CA SER H 89 -8.65 13.92 12.16
C SER H 89 -9.90 13.57 12.96
N ASN H 90 -11.06 13.77 12.32
CA ASN H 90 -12.36 13.53 12.96
C ASN H 90 -12.90 12.14 12.66
N ILE H 91 -12.79 11.70 11.40
CA ILE H 91 -13.42 10.45 10.96
C ILE H 91 -12.37 9.36 11.10
N CYS H 92 -12.11 8.97 12.34
CA CYS H 92 -11.36 7.74 12.63
C CYS H 92 -12.00 7.04 13.81
N ASP H 93 -13.32 7.02 13.84
CA ASP H 93 -14.04 6.43 14.96
C ASP H 93 -13.69 4.96 15.12
N GLU H 94 -13.59 4.53 16.36
CA GLU H 94 -13.32 3.13 16.68
C GLU H 94 -14.49 2.25 16.28
N ALA H 97 -10.95 -0.75 15.23
CA ALA H 97 -11.33 -0.17 13.95
C ALA H 97 -12.42 -0.99 13.28
N THR H 98 -13.11 -0.37 12.31
CA THR H 98 -14.17 -1.06 11.60
C THR H 98 -14.15 -0.78 10.10
N GLU H 99 -13.12 -0.10 9.59
CA GLU H 99 -13.06 0.19 8.16
C GLU H 99 -12.93 -1.10 7.38
N THR H 100 -13.54 -1.11 6.20
CA THR H 100 -13.51 -2.26 5.29
C THR H 100 -12.65 -1.87 4.09
N CYS H 101 -11.37 -2.22 4.15
CA CYS H 101 -10.44 -1.96 3.05
C CYS H 101 -10.10 -3.25 2.33
N TYR H 102 -9.51 -3.09 1.15
CA TYR H 102 -9.54 -4.13 0.12
C TYR H 102 -8.32 -5.04 0.18
N THR H 103 -7.12 -4.49 0.00
CA THR H 103 -5.94 -5.31 -0.09
C THR H 103 -5.50 -5.81 1.29
N TYR H 104 -4.63 -6.81 1.30
CA TYR H 104 -4.06 -7.31 2.53
C TYR H 104 -2.87 -6.47 2.95
N ASP H 105 -2.64 -6.40 4.25
CA ASP H 105 -1.49 -5.70 4.80
C ASP H 105 -0.32 -6.66 4.86
N ARG H 106 0.74 -6.36 4.12
CA ARG H 106 1.87 -7.28 4.01
C ARG H 106 2.50 -7.55 5.37
N ASN H 107 2.45 -6.59 6.29
CA ASN H 107 3.14 -6.69 7.57
C ASN H 107 2.22 -7.07 8.71
N LYS H 108 0.98 -7.46 8.43
CA LYS H 108 0.00 -7.75 9.47
C LYS H 108 -0.67 -9.09 9.19
N CYS H 109 -1.00 -9.80 10.26
CA CYS H 109 -1.62 -11.11 10.14
C CYS H 109 -3.05 -10.99 9.61
N TYR H 110 -3.48 -12.05 8.93
CA TYR H 110 -4.87 -12.16 8.50
C TYR H 110 -5.22 -13.65 8.51
N THR H 111 -5.80 -14.09 9.61
CA THR H 111 -6.17 -15.49 9.78
C THR H 111 -7.67 -15.66 9.58
N ALA H 112 -8.11 -16.91 9.73
CA ALA H 112 -9.52 -17.26 9.66
C ALA H 112 -9.72 -18.49 10.54
N VAL H 113 -10.97 -18.76 10.90
CA VAL H 113 -11.31 -19.88 11.76
C VAL H 113 -12.30 -20.77 11.02
N VAL H 114 -12.06 -22.08 11.07
CA VAL H 114 -12.81 -23.05 10.29
C VAL H 114 -13.15 -24.26 11.15
N PRO H 115 -14.37 -24.77 11.13
CA PRO H 115 -14.65 -26.00 11.88
C PRO H 115 -14.03 -27.21 11.19
N LEU H 116 -13.74 -28.23 12.00
CA LEU H 116 -13.20 -29.48 11.52
C LEU H 116 -13.56 -30.58 12.51
N VAL H 117 -13.40 -31.82 12.08
CA VAL H 117 -13.71 -32.98 12.91
C VAL H 117 -12.42 -33.73 13.20
N TYR H 118 -12.18 -34.01 14.48
CA TYR H 118 -11.03 -34.81 14.89
C TYR H 118 -11.52 -35.86 15.88
N GLY H 119 -11.34 -37.12 15.54
CA GLY H 119 -11.73 -38.19 16.45
C GLY H 119 -13.19 -38.04 16.84
N GLY H 120 -13.43 -38.07 18.15
CA GLY H 120 -14.77 -37.91 18.67
C GLY H 120 -15.04 -36.51 19.15
N GLU H 121 -14.59 -35.51 18.41
CA GLU H 121 -14.78 -34.11 18.80
C GLU H 121 -14.69 -33.23 17.57
N THR H 122 -15.14 -31.99 17.74
CA THR H 122 -15.03 -30.96 16.72
C THR H 122 -14.08 -29.87 17.19
N LYS H 123 -13.23 -29.41 16.28
CA LYS H 123 -12.19 -28.44 16.60
C LYS H 123 -12.30 -27.26 15.66
N MET H 124 -12.23 -26.05 16.22
CA MET H 124 -12.31 -24.82 15.44
C MET H 124 -10.88 -24.39 15.14
N VAL H 125 -10.35 -24.85 14.01
CA VAL H 125 -8.96 -24.65 13.65
C VAL H 125 -8.77 -23.21 13.19
N GLU H 126 -7.57 -22.69 13.37
CA GLU H 126 -7.20 -21.36 12.91
C GLU H 126 -6.22 -21.49 11.74
N THR H 127 -6.64 -21.03 10.57
CA THR H 127 -5.83 -21.10 9.36
C THR H 127 -5.07 -19.79 9.19
N ALA H 128 -4.44 -19.62 8.02
CA ALA H 128 -3.60 -18.46 7.75
C ALA H 128 -3.85 -18.01 6.32
N LEU H 129 -4.62 -16.94 6.16
CA LEU H 129 -4.88 -16.39 4.83
C LEU H 129 -3.66 -15.68 4.26
N THR H 130 -2.73 -15.25 5.11
CA THR H 130 -1.44 -14.72 4.68
C THR H 130 -0.38 -15.41 5.51
N PRO H 131 0.31 -16.43 4.97
CA PRO H 131 1.16 -17.27 5.82
C PRO H 131 2.49 -16.66 6.20
N ASP H 132 3.05 -15.80 5.33
CA ASP H 132 4.37 -15.26 5.57
C ASP H 132 4.40 -14.42 6.85
N ALA H 133 3.39 -13.59 7.06
CA ALA H 133 3.42 -12.59 8.11
C ALA H 133 3.01 -13.12 9.47
N CYS H 134 2.66 -14.39 9.58
CA CYS H 134 2.15 -14.98 10.82
C CYS H 134 3.13 -16.04 11.32
N TYR H 135 4.14 -15.61 12.07
CA TYR H 135 5.07 -16.53 12.69
C TYR H 135 5.39 -16.07 14.10
N PRO H 136 5.01 -16.82 15.14
CA PRO H 136 5.31 -16.37 16.51
C PRO H 136 6.80 -16.35 16.80
N ASP H 137 7.36 -15.17 16.95
CA ASP H 137 8.80 -15.02 17.20
C ASP H 137 9.04 -14.37 18.56
#